data_1TKR
#
_entry.id   1TKR
#
_cell.length_a   119.224
_cell.length_b   123.458
_cell.length_c   130.995
_cell.angle_alpha   90.00
_cell.angle_beta   90.00
_cell.angle_gamma   90.00
#
_symmetry.space_group_name_H-M   'P 21 21 21'
#
loop_
_entity.id
_entity.type
_entity.pdbx_description
1 polymer 'Dipeptidyl peptidase IV'
2 branched 2-acetamido-2-deoxy-alpha-D-glucopyranose-(1-4)-[alpha-L-fucopyranose-(1-6)]2-acetamido-2-deoxy-beta-D-glucopyranose
3 branched 2-acetamido-2-deoxy-beta-D-glucopyranose-(1-4)-[alpha-L-fucopyranose-(1-6)]2-acetamido-2-deoxy-beta-D-glucopyranose
4 branched 2-acetamido-2-deoxy-beta-D-glucopyranose-(1-4)-2-acetamido-2-deoxy-beta-D-glucopyranose
5 branched alpha-D-mannopyranose-(1-4)-2-acetamido-2-deoxy-alpha-D-glucopyranose-(1-4)-2-acetamido-2-deoxy-beta-D-glucopyranose
6 branched alpha-L-fucopyranose-(1-6)-2-acetamido-2-deoxy-beta-D-glucopyranose
7 branched beta-D-mannopyranose-(1-4)-2-acetamido-2-deoxy-beta-D-glucopyranose-(1-4)-2-acetamido-2-deoxy-beta-D-glucopyranose
8 branched 2-acetamido-2-deoxy-alpha-D-glucopyranose-(1-4)-2-acetamido-2-deoxy-beta-D-glucopyranose
9 non-polymer 'DIISOPROPYL PHOSPHONATE'
10 non-polymer 2-acetamido-2-deoxy-beta-D-glucopyranose
11 water water
#
_entity_poly.entity_id   1
_entity_poly.type   'polypeptide(L)'
_entity_poly.pdbx_seq_one_letter_code
;SRKTYTLTDYLKNTYRLKLYSLRWISDHEYLYKQENNILVFNAEYGNSSVFLENSTFDEFGHSINDYSISPDGQFILLEY
NYVKQWRHSYTASYDIYDLNKRQLITEERIPNNTQWVTWSPVGHKLAYVWNNDIYVKIEPNLPSYRITWTGKEDIIYNGI
TDWVYEEEVFSAYSALWWSPNGTFLAYAQFNDTEVPLIEYSFYSDESLQYPKTVRVPYPKAGAVNPTVKFFVVNTDSLSS
VTNATSIQITAPASMLIGDHYLCDVTWATQERISLQWLRRIQNYSVMDICDYDESSGRWNCLVARQHIEMSTTGWVGRFR
PSEPHFTLDGNSFYKIISNEEGYRHICYFQIDKKDCTFITKGTWEVIGIEALTSDYLYYISNEYKGMPGGRNLYKIQLSD
YTKVTCLSCELNPERCQYYSVSFSKEAKYYQLRCSGPGLPLYTLHSSVNDKGLRVLEDNSALDKMLQNVQMPSKKLDFII
LNETKFWYQMILPPHFDKSKKYPLLLDVYAGPCSQKADTVFRLNWATYLASTENIIVASFDGRGSGYQGDKIMHAINRRL
GTFEVEDQIEAARQFSKMGFVDNKRIAIWGWSYGGYVTSMVLGSGSGVFKCGIAVAPVSRWEYYDSVYTERYMGLPTPED
NLDHYRNSTVMSRAENFKQVEYLLIHGTADDNVHFQQSAQISKALVDVGVDFQAMWYTDEDHGIASSTAHQHIYTHMSHF
IKQCFSLP
;
_entity_poly.pdbx_strand_id   A,B
#
loop_
_chem_comp.id
_chem_comp.type
_chem_comp.name
_chem_comp.formula
BMA D-saccharide, beta linking beta-D-mannopyranose 'C6 H12 O6'
DFP non-polymer 'DIISOPROPYL PHOSPHONATE' 'C6 H15 O3 P'
FUC L-saccharide, alpha linking alpha-L-fucopyranose 'C6 H12 O5'
MAN D-saccharide, alpha linking alpha-D-mannopyranose 'C6 H12 O6'
NAG D-saccharide, beta linking 2-acetamido-2-deoxy-beta-D-glucopyranose 'C8 H15 N O6'
NDG D-saccharide, alpha linking 2-acetamido-2-deoxy-alpha-D-glucopyranose 'C8 H15 N O6'
#
# COMPACT_ATOMS: atom_id res chain seq x y z
N SER A 1 3.61 34.15 -32.18
CA SER A 1 2.24 34.73 -32.07
C SER A 1 1.66 34.42 -30.69
N ARG A 2 1.78 35.38 -29.77
CA ARG A 2 1.25 35.20 -28.42
C ARG A 2 1.89 33.96 -27.80
N LYS A 3 1.55 33.65 -26.56
CA LYS A 3 2.13 32.46 -25.95
C LYS A 3 1.11 31.33 -26.01
N THR A 4 1.50 30.16 -25.51
CA THR A 4 0.62 29.00 -25.54
C THR A 4 0.03 28.74 -24.16
N TYR A 5 -0.87 27.76 -24.11
CA TYR A 5 -1.52 27.35 -22.87
C TYR A 5 -0.60 26.31 -22.21
N THR A 6 0.27 26.79 -21.33
CA THR A 6 1.24 25.94 -20.63
C THR A 6 0.67 24.99 -19.59
N LEU A 7 1.51 24.07 -19.14
CA LEU A 7 1.10 23.12 -18.12
C LEU A 7 0.80 23.88 -16.82
N THR A 8 1.57 24.93 -16.55
CA THR A 8 1.34 25.72 -15.33
C THR A 8 -0.02 26.38 -15.39
N ASP A 9 -0.34 26.98 -16.53
CA ASP A 9 -1.62 27.65 -16.71
C ASP A 9 -2.74 26.73 -16.24
N TYR A 10 -2.69 25.48 -16.71
CA TYR A 10 -3.70 24.50 -16.33
C TYR A 10 -3.64 24.13 -14.86
N LEU A 11 -2.43 23.86 -14.37
CA LEU A 11 -2.26 23.48 -12.98
C LEU A 11 -2.52 24.62 -12.02
N LYS A 12 -2.16 25.84 -12.41
CA LYS A 12 -2.37 27.00 -11.57
C LYS A 12 -3.75 27.60 -11.79
N ASN A 13 -4.46 27.07 -12.79
CA ASN A 13 -5.79 27.54 -13.11
C ASN A 13 -5.74 29.06 -13.35
N THR A 14 -4.83 29.49 -14.22
CA THR A 14 -4.71 30.92 -14.47
C THR A 14 -5.86 31.43 -15.34
N TYR A 15 -6.54 30.52 -16.03
CA TYR A 15 -7.68 30.88 -16.86
C TYR A 15 -8.93 30.18 -16.32
N ARG A 16 -9.78 30.93 -15.62
CA ARG A 16 -10.99 30.37 -15.03
C ARG A 16 -12.32 30.60 -15.77
N LEU A 17 -13.16 29.56 -15.82
CA LEU A 17 -14.47 29.65 -16.46
C LEU A 17 -15.48 30.21 -15.45
N LYS A 18 -15.94 31.44 -15.64
CA LYS A 18 -16.91 32.03 -14.72
C LYS A 18 -18.22 31.24 -14.75
N LEU A 19 -18.79 31.04 -13.57
CA LEU A 19 -20.03 30.29 -13.42
C LEU A 19 -21.15 31.21 -12.97
N TYR A 20 -22.32 30.62 -12.73
CA TYR A 20 -23.46 31.38 -12.24
C TYR A 20 -24.47 30.42 -11.62
N SER A 21 -24.10 29.92 -10.43
CA SER A 21 -24.93 28.98 -9.69
C SER A 21 -25.98 29.74 -8.91
N LEU A 22 -27.24 29.48 -9.24
CA LEU A 22 -28.36 30.12 -8.58
C LEU A 22 -29.22 29.02 -7.98
N ARG A 23 -30.08 29.38 -7.03
CA ARG A 23 -30.95 28.39 -6.42
C ARG A 23 -32.35 28.97 -6.26
N TRP A 24 -33.27 28.50 -7.09
CA TRP A 24 -34.63 28.99 -7.05
C TRP A 24 -35.29 28.76 -5.70
N ILE A 25 -35.87 29.81 -5.14
CA ILE A 25 -36.57 29.69 -3.86
C ILE A 25 -38.07 29.72 -4.10
N SER A 26 -38.47 30.07 -5.31
CA SER A 26 -39.87 30.12 -5.68
C SER A 26 -40.02 30.12 -7.20
N ASP A 27 -41.19 30.53 -7.67
CA ASP A 27 -41.46 30.58 -9.11
C ASP A 27 -41.08 31.95 -9.67
N HIS A 28 -40.61 32.85 -8.80
CA HIS A 28 -40.27 34.21 -9.22
C HIS A 28 -38.90 34.73 -8.78
N GLU A 29 -38.29 34.09 -7.78
CA GLU A 29 -36.99 34.54 -7.27
C GLU A 29 -35.99 33.41 -7.08
N TYR A 30 -34.71 33.76 -7.05
CA TYR A 30 -33.64 32.79 -6.86
C TYR A 30 -32.49 33.41 -6.04
N LEU A 31 -31.72 32.57 -5.38
CA LEU A 31 -30.60 33.04 -4.58
C LEU A 31 -29.30 32.90 -5.35
N TYR A 32 -28.39 33.83 -5.10
CA TYR A 32 -27.08 33.85 -5.77
C TYR A 32 -25.99 34.21 -4.77
N LYS A 33 -25.27 33.19 -4.30
CA LYS A 33 -24.20 33.38 -3.34
C LYS A 33 -23.02 34.13 -3.95
N GLN A 34 -23.04 35.45 -3.88
CA GLN A 34 -21.95 36.26 -4.42
C GLN A 34 -20.67 36.05 -3.63
N GLU A 35 -19.72 36.96 -3.76
CA GLU A 35 -18.45 36.81 -3.06
C GLU A 35 -18.60 36.46 -1.58
N ASN A 36 -18.96 37.44 -0.76
CA ASN A 36 -19.13 37.22 0.67
C ASN A 36 -20.58 36.89 1.00
N ASN A 37 -21.46 37.88 0.80
CA ASN A 37 -22.88 37.76 1.10
C ASN A 37 -23.75 37.03 0.08
N ILE A 38 -24.99 36.73 0.48
CA ILE A 38 -25.96 36.03 -0.36
C ILE A 38 -27.09 36.98 -0.74
N LEU A 39 -27.39 37.06 -2.03
CA LEU A 39 -28.44 37.95 -2.52
C LEU A 39 -29.64 37.18 -3.07
N VAL A 40 -30.74 37.91 -3.28
CA VAL A 40 -31.94 37.32 -3.84
C VAL A 40 -32.30 38.09 -5.11
N PHE A 41 -32.67 37.39 -6.17
CA PHE A 41 -32.99 38.03 -7.44
C PHE A 41 -34.45 37.86 -7.89
N ASN A 42 -35.00 38.89 -8.52
CA ASN A 42 -36.36 38.84 -9.05
C ASN A 42 -36.21 38.59 -10.54
N ALA A 43 -36.40 37.34 -10.94
CA ALA A 43 -36.27 36.91 -12.33
C ALA A 43 -36.99 37.82 -13.31
N GLU A 44 -38.11 38.39 -12.87
CA GLU A 44 -38.90 39.27 -13.72
C GLU A 44 -38.15 40.49 -14.25
N TYR A 45 -37.52 41.24 -13.35
CA TYR A 45 -36.80 42.45 -13.75
C TYR A 45 -35.29 42.37 -13.70
N GLY A 46 -34.75 41.59 -12.77
CA GLY A 46 -33.31 41.48 -12.67
C GLY A 46 -32.76 42.16 -11.43
N ASN A 47 -33.57 42.99 -10.80
CA ASN A 47 -33.15 43.70 -9.59
C ASN A 47 -32.94 42.70 -8.46
N SER A 48 -32.07 43.04 -7.51
CA SER A 48 -31.81 42.14 -6.39
C SER A 48 -31.71 42.89 -5.06
N SER A 49 -31.58 42.11 -3.99
CA SER A 49 -31.46 42.66 -2.64
C SER A 49 -30.49 41.76 -1.88
N VAL A 50 -29.94 42.27 -0.79
CA VAL A 50 -29.03 41.45 -0.02
C VAL A 50 -29.88 40.58 0.89
N PHE A 51 -29.31 39.49 1.40
CA PHE A 51 -30.06 38.62 2.28
C PHE A 51 -29.31 38.43 3.59
N LEU A 52 -28.00 38.62 3.54
CA LEU A 52 -27.13 38.54 4.72
C LEU A 52 -25.69 38.80 4.29
N GLU A 53 -25.07 39.81 4.91
CA GLU A 53 -23.71 40.20 4.57
C GLU A 53 -22.63 39.16 4.77
N ASN A 54 -23.00 37.99 5.28
CA ASN A 54 -22.04 36.90 5.53
C ASN A 54 -21.15 37.35 6.68
N SER A 55 -20.90 38.66 6.72
CA SER A 55 -20.09 39.27 7.78
C SER A 55 -20.94 39.24 9.05
N THR A 56 -22.18 38.80 8.91
CA THR A 56 -23.10 38.68 10.01
C THR A 56 -22.51 37.70 11.02
N PHE A 57 -21.58 36.88 10.54
CA PHE A 57 -20.94 35.87 11.37
C PHE A 57 -19.43 36.06 11.47
N ASP A 58 -18.95 37.29 11.33
CA ASP A 58 -17.53 37.56 11.41
C ASP A 58 -16.97 37.11 12.75
N GLU A 59 -17.84 36.99 13.74
CA GLU A 59 -17.41 36.54 15.05
C GLU A 59 -18.24 35.35 15.51
N PHE A 60 -18.38 34.38 14.60
CA PHE A 60 -19.10 33.15 14.88
C PHE A 60 -18.12 32.21 15.58
N GLY A 61 -16.84 32.44 15.36
CA GLY A 61 -15.81 31.63 15.98
C GLY A 61 -15.39 30.44 15.16
N HIS A 62 -16.14 30.20 14.09
CA HIS A 62 -15.87 29.08 13.20
C HIS A 62 -15.94 29.48 11.75
N SER A 63 -15.28 28.69 10.91
CA SER A 63 -15.28 28.94 9.49
C SER A 63 -16.50 28.22 8.93
N ILE A 64 -17.27 28.89 8.08
CA ILE A 64 -18.46 28.28 7.50
C ILE A 64 -18.29 27.91 6.04
N ASN A 65 -18.53 26.66 5.68
CA ASN A 65 -18.38 26.30 4.27
C ASN A 65 -19.72 26.17 3.54
N ASP A 66 -20.83 26.32 4.26
CA ASP A 66 -22.13 26.26 3.61
C ASP A 66 -23.24 26.91 4.44
N TYR A 67 -24.20 27.52 3.72
CA TYR A 67 -25.35 28.20 4.32
C TYR A 67 -26.63 27.66 3.68
N SER A 68 -27.47 26.96 4.45
CA SER A 68 -28.73 26.44 3.90
C SER A 68 -29.97 27.11 4.49
N ILE A 69 -30.65 27.91 3.68
CA ILE A 69 -31.83 28.65 4.10
C ILE A 69 -33.10 27.81 4.09
N SER A 70 -33.93 27.94 5.12
CA SER A 70 -35.16 27.16 5.16
C SER A 70 -36.04 27.62 4.01
N PRO A 71 -36.86 26.73 3.46
CA PRO A 71 -37.70 27.19 2.35
C PRO A 71 -38.58 28.35 2.81
N ASP A 72 -38.64 28.51 4.12
CA ASP A 72 -39.41 29.55 4.78
C ASP A 72 -38.82 30.93 4.56
N GLY A 73 -37.50 30.98 4.60
CA GLY A 73 -36.80 32.25 4.44
C GLY A 73 -36.65 32.80 5.85
N GLN A 74 -37.00 31.97 6.82
CA GLN A 74 -36.95 32.37 8.22
C GLN A 74 -35.74 31.86 9.01
N PHE A 75 -35.13 30.80 8.51
CA PHE A 75 -33.97 30.21 9.19
C PHE A 75 -32.80 29.91 8.27
N ILE A 76 -31.60 29.90 8.83
CA ILE A 76 -30.41 29.59 8.06
C ILE A 76 -29.59 28.48 8.75
N LEU A 77 -29.32 27.41 8.02
CA LEU A 77 -28.53 26.32 8.58
C LEU A 77 -27.07 26.58 8.18
N LEU A 78 -26.23 26.84 9.18
CA LEU A 78 -24.80 27.11 8.94
C LEU A 78 -23.99 25.82 9.15
N GLU A 79 -23.21 25.45 8.15
CA GLU A 79 -22.40 24.24 8.22
C GLU A 79 -20.92 24.54 8.44
N TYR A 80 -20.33 23.90 9.43
CA TYR A 80 -18.92 24.08 9.72
C TYR A 80 -18.28 22.79 10.22
N ASN A 81 -16.97 22.82 10.43
CA ASN A 81 -16.25 21.63 10.86
C ASN A 81 -16.53 20.56 9.84
N TYR A 82 -16.35 20.90 8.58
CA TYR A 82 -16.56 19.98 7.47
C TYR A 82 -15.48 18.92 7.40
N VAL A 83 -15.88 17.66 7.33
CA VAL A 83 -14.94 16.58 7.21
C VAL A 83 -15.50 15.65 6.15
N LYS A 84 -14.88 15.67 4.97
CA LYS A 84 -15.33 14.85 3.86
C LYS A 84 -15.08 13.37 4.08
N GLN A 85 -16.00 12.55 3.57
CA GLN A 85 -15.84 11.11 3.64
C GLN A 85 -15.68 10.65 2.19
N TRP A 86 -16.76 10.15 1.57
CA TRP A 86 -16.66 9.70 0.18
C TRP A 86 -17.04 10.78 -0.82
N ARG A 87 -17.59 10.36 -1.96
CA ARG A 87 -17.98 11.28 -3.02
C ARG A 87 -18.98 12.34 -2.56
N HIS A 88 -20.05 11.90 -1.90
CA HIS A 88 -21.08 12.82 -1.43
C HIS A 88 -21.13 12.96 0.08
N SER A 89 -20.90 11.84 0.78
CA SER A 89 -20.94 11.83 2.23
C SER A 89 -19.91 12.71 2.93
N TYR A 90 -20.21 13.08 4.18
CA TYR A 90 -19.34 13.91 5.00
C TYR A 90 -19.99 14.23 6.34
N THR A 91 -19.19 14.60 7.34
CA THR A 91 -19.75 14.98 8.64
C THR A 91 -19.46 16.45 8.92
N ALA A 92 -20.29 17.05 9.76
CA ALA A 92 -20.14 18.45 10.08
C ALA A 92 -20.92 18.87 11.33
N SER A 93 -20.57 20.03 11.85
CA SER A 93 -21.25 20.60 13.01
C SER A 93 -22.25 21.53 12.38
N TYR A 94 -23.33 21.83 13.11
CA TYR A 94 -24.34 22.73 12.58
C TYR A 94 -24.84 23.72 13.62
N ASP A 95 -25.40 24.82 13.11
CA ASP A 95 -25.97 25.87 13.94
C ASP A 95 -27.08 26.52 13.12
N ILE A 96 -28.12 27.00 13.80
CA ILE A 96 -29.22 27.63 13.11
C ILE A 96 -29.34 29.10 13.50
N TYR A 97 -29.53 29.95 12.51
CA TYR A 97 -29.69 31.37 12.74
C TYR A 97 -31.15 31.74 12.51
N ASP A 98 -31.82 32.23 13.55
CA ASP A 98 -33.22 32.63 13.46
C ASP A 98 -33.23 34.04 12.86
N LEU A 99 -33.73 34.18 11.64
CA LEU A 99 -33.77 35.49 11.03
C LEU A 99 -34.80 36.43 11.62
N ASN A 100 -35.91 35.87 12.12
CA ASN A 100 -36.97 36.70 12.70
C ASN A 100 -36.47 37.49 13.89
N LYS A 101 -35.40 36.99 14.52
CA LYS A 101 -34.84 37.68 15.66
C LYS A 101 -33.36 37.98 15.46
N ARG A 102 -32.86 37.64 14.28
CA ARG A 102 -31.46 37.89 13.92
C ARG A 102 -30.54 37.41 15.05
N GLN A 103 -30.70 36.15 15.44
CA GLN A 103 -29.92 35.58 16.54
C GLN A 103 -29.69 34.07 16.33
N LEU A 104 -28.55 33.58 16.81
CA LEU A 104 -28.26 32.16 16.71
C LEU A 104 -29.05 31.39 17.75
N ILE A 105 -29.68 30.29 17.35
CA ILE A 105 -30.45 29.47 18.29
C ILE A 105 -29.45 28.69 19.13
N THR A 106 -29.59 28.76 20.45
CA THR A 106 -28.65 28.07 21.33
C THR A 106 -29.17 26.84 22.02
N GLU A 107 -30.47 26.78 22.24
CA GLU A 107 -31.07 25.63 22.91
C GLU A 107 -31.32 24.48 21.95
N GLU A 108 -31.13 23.25 22.45
CA GLU A 108 -31.35 22.03 21.67
C GLU A 108 -30.70 22.04 20.30
N ARG A 109 -29.44 22.46 20.20
CA ARG A 109 -28.80 22.50 18.90
C ARG A 109 -28.51 21.10 18.35
N ILE A 110 -28.20 21.06 17.06
CA ILE A 110 -27.89 19.83 16.35
C ILE A 110 -26.56 19.25 16.81
N PRO A 111 -26.48 17.92 17.00
CA PRO A 111 -25.28 17.22 17.44
C PRO A 111 -24.08 17.41 16.54
N ASN A 112 -22.89 17.35 17.13
CA ASN A 112 -21.68 17.47 16.33
C ASN A 112 -21.51 16.15 15.60
N ASN A 113 -20.71 16.16 14.54
CA ASN A 113 -20.47 14.95 13.75
C ASN A 113 -21.77 14.52 13.11
N THR A 114 -22.62 15.47 12.74
CA THR A 114 -23.88 15.07 12.11
C THR A 114 -23.56 14.57 10.70
N GLN A 115 -24.23 13.50 10.30
CA GLN A 115 -24.02 12.89 9.00
C GLN A 115 -24.87 13.46 7.87
N TRP A 116 -25.97 14.10 8.21
CA TRP A 116 -26.82 14.67 7.19
C TRP A 116 -27.93 15.54 7.79
N VAL A 117 -28.33 16.57 7.05
CA VAL A 117 -29.39 17.46 7.51
C VAL A 117 -30.18 17.96 6.31
N THR A 118 -31.49 18.08 6.49
CA THR A 118 -32.35 18.54 5.40
C THR A 118 -33.65 19.19 5.85
N TRP A 119 -33.87 20.40 5.36
CA TRP A 119 -35.10 21.12 5.69
C TRP A 119 -36.30 20.39 5.12
N SER A 120 -37.48 20.70 5.63
CA SER A 120 -38.70 20.10 5.10
C SER A 120 -38.81 20.83 3.75
N PRO A 121 -39.65 20.32 2.84
CA PRO A 121 -39.78 20.98 1.55
C PRO A 121 -40.47 22.34 1.59
N VAL A 122 -41.34 22.55 2.57
CA VAL A 122 -42.08 23.81 2.61
C VAL A 122 -41.90 24.81 3.74
N GLY A 123 -41.93 24.34 4.98
CA GLY A 123 -41.79 25.26 6.10
C GLY A 123 -40.38 25.42 6.60
N HIS A 124 -40.12 24.93 7.80
CA HIS A 124 -38.78 25.02 8.37
C HIS A 124 -38.50 23.85 9.30
N LYS A 125 -39.02 22.68 8.95
CA LYS A 125 -38.80 21.48 9.74
C LYS A 125 -37.39 20.93 9.46
N LEU A 126 -36.97 19.96 10.26
CA LEU A 126 -35.66 19.35 10.10
C LEU A 126 -35.59 17.86 10.39
N ALA A 127 -34.91 17.16 9.50
CA ALA A 127 -34.68 15.74 9.63
C ALA A 127 -33.17 15.62 9.48
N TYR A 128 -32.50 15.13 10.51
CA TYR A 128 -31.06 14.97 10.41
C TYR A 128 -30.67 13.59 10.93
N VAL A 129 -29.56 13.07 10.42
CA VAL A 129 -29.09 11.77 10.85
C VAL A 129 -27.82 11.95 11.67
N TRP A 130 -27.81 11.34 12.85
CA TRP A 130 -26.68 11.42 13.74
C TRP A 130 -26.43 10.02 14.30
N ASN A 131 -25.18 9.56 14.24
CA ASN A 131 -24.83 8.23 14.72
C ASN A 131 -25.71 7.18 14.03
N ASN A 132 -25.88 7.33 12.72
CA ASN A 132 -26.67 6.41 11.89
C ASN A 132 -28.15 6.31 12.23
N ASP A 133 -28.64 7.22 13.07
CA ASP A 133 -30.05 7.23 13.45
C ASP A 133 -30.70 8.53 12.99
N ILE A 134 -32.02 8.49 12.79
CA ILE A 134 -32.77 9.66 12.34
C ILE A 134 -33.42 10.46 13.48
N TYR A 135 -33.43 11.78 13.34
CA TYR A 135 -34.03 12.66 14.33
C TYR A 135 -34.83 13.73 13.60
N VAL A 136 -35.91 14.21 14.20
CA VAL A 136 -36.70 15.25 13.56
C VAL A 136 -37.07 16.40 14.50
N LYS A 137 -36.85 17.63 14.02
CA LYS A 137 -37.18 18.82 14.79
C LYS A 137 -38.32 19.54 14.08
N ILE A 138 -39.40 19.78 14.80
CA ILE A 138 -40.54 20.47 14.20
C ILE A 138 -40.26 21.97 14.18
N GLU A 139 -39.43 22.42 15.11
CA GLU A 139 -39.04 23.81 15.23
C GLU A 139 -37.56 23.85 15.58
N PRO A 140 -36.78 24.69 14.87
CA PRO A 140 -35.35 24.84 15.08
C PRO A 140 -34.85 24.82 16.53
N ASN A 141 -35.58 25.46 17.45
CA ASN A 141 -35.14 25.50 18.84
C ASN A 141 -35.76 24.46 19.77
N LEU A 142 -36.63 23.61 19.25
CA LEU A 142 -37.25 22.59 20.09
C LEU A 142 -36.46 21.28 20.13
N PRO A 143 -36.76 20.40 21.10
CA PRO A 143 -36.03 19.13 21.19
C PRO A 143 -36.28 18.28 19.94
N SER A 144 -35.37 17.35 19.68
CA SER A 144 -35.48 16.47 18.52
C SER A 144 -36.24 15.21 18.87
N TYR A 145 -36.98 14.68 17.89
CA TYR A 145 -37.75 13.45 18.07
C TYR A 145 -36.95 12.30 17.46
N ARG A 146 -36.63 11.30 18.26
CA ARG A 146 -35.86 10.14 17.79
C ARG A 146 -36.75 9.27 16.93
N ILE A 147 -36.47 9.26 15.64
CA ILE A 147 -37.27 8.47 14.72
C ILE A 147 -36.90 7.00 14.75
N THR A 148 -35.59 6.72 14.74
CA THR A 148 -35.09 5.35 14.74
C THR A 148 -34.08 5.14 15.87
N TRP A 149 -33.97 3.90 16.34
CA TRP A 149 -33.07 3.57 17.45
C TRP A 149 -32.18 2.38 17.12
N THR A 150 -32.08 2.03 15.86
CA THR A 150 -31.29 0.88 15.47
C THR A 150 -29.95 1.18 14.83
N GLY A 151 -29.65 2.45 14.62
CA GLY A 151 -28.38 2.80 14.00
C GLY A 151 -27.18 2.14 14.63
N LYS A 152 -26.17 1.86 13.81
CA LYS A 152 -24.95 1.23 14.28
C LYS A 152 -23.87 1.39 13.21
N GLU A 153 -22.73 1.94 13.61
CA GLU A 153 -21.62 2.17 12.68
C GLU A 153 -21.22 0.96 11.85
N ASP A 154 -21.15 1.15 10.54
CA ASP A 154 -20.76 0.10 9.60
C ASP A 154 -21.67 -1.13 9.59
N ILE A 155 -22.81 -1.06 10.27
CA ILE A 155 -23.74 -2.19 10.28
C ILE A 155 -25.13 -1.81 9.77
N ILE A 156 -25.79 -0.89 10.48
CA ILE A 156 -27.14 -0.43 10.08
C ILE A 156 -27.12 1.07 9.79
N TYR A 157 -27.67 1.45 8.64
CA TYR A 157 -27.72 2.85 8.27
C TYR A 157 -29.15 3.32 8.13
N ASN A 158 -29.59 4.19 9.05
CA ASN A 158 -30.94 4.74 9.01
C ASN A 158 -30.91 6.14 8.41
N GLY A 159 -31.59 6.32 7.27
CA GLY A 159 -31.63 7.64 6.66
C GLY A 159 -30.40 7.99 5.85
N ILE A 160 -29.36 7.16 5.94
CA ILE A 160 -28.13 7.38 5.17
C ILE A 160 -27.77 6.11 4.41
N THR A 161 -27.01 6.28 3.34
CA THR A 161 -26.60 5.15 2.51
C THR A 161 -25.26 4.58 2.94
N ASP A 162 -24.96 3.36 2.46
CA ASP A 162 -23.67 2.74 2.76
C ASP A 162 -22.80 3.08 1.54
N TRP A 163 -21.53 2.74 1.57
CA TRP A 163 -20.65 3.10 0.45
C TRP A 163 -21.22 2.84 -0.95
N VAL A 164 -21.68 1.62 -1.20
CA VAL A 164 -22.17 1.28 -2.51
C VAL A 164 -23.49 1.95 -2.91
N TYR A 165 -24.40 2.12 -1.97
CA TYR A 165 -25.64 2.78 -2.34
C TYR A 165 -25.32 4.25 -2.61
N GLU A 166 -24.28 4.76 -1.97
CA GLU A 166 -23.90 6.16 -2.17
C GLU A 166 -23.30 6.43 -3.53
N GLU A 167 -22.41 5.53 -3.96
CA GLU A 167 -21.71 5.69 -5.22
C GLU A 167 -22.39 5.13 -6.47
N GLU A 168 -23.06 3.99 -6.34
CA GLU A 168 -23.66 3.34 -7.51
C GLU A 168 -25.18 3.41 -7.71
N VAL A 169 -25.96 3.60 -6.67
CA VAL A 169 -27.41 3.64 -6.90
C VAL A 169 -28.14 4.96 -6.61
N PHE A 170 -27.69 5.71 -5.61
CA PHE A 170 -28.36 6.97 -5.29
C PHE A 170 -27.50 8.21 -5.52
N SER A 171 -26.23 7.99 -5.84
CA SER A 171 -25.33 9.11 -6.07
C SER A 171 -25.58 10.17 -5.03
N ALA A 172 -25.72 9.74 -3.79
CA ALA A 172 -25.97 10.65 -2.67
C ALA A 172 -25.85 9.92 -1.33
N TYR A 173 -25.69 10.72 -0.28
CA TYR A 173 -25.54 10.19 1.08
C TYR A 173 -26.89 10.18 1.78
N SER A 174 -27.78 11.06 1.32
CA SER A 174 -29.12 11.18 1.87
C SER A 174 -29.97 9.96 1.53
N ALA A 175 -30.67 9.44 2.53
CA ALA A 175 -31.54 8.28 2.33
C ALA A 175 -32.89 8.56 2.97
N LEU A 176 -33.32 9.81 2.92
CA LEU A 176 -34.63 10.15 3.46
C LEU A 176 -35.28 11.14 2.50
N TRP A 177 -36.59 11.03 2.35
CA TRP A 177 -37.33 11.86 1.42
C TRP A 177 -38.61 12.45 2.00
N TRP A 178 -38.65 13.77 2.18
CA TRP A 178 -39.85 14.42 2.72
C TRP A 178 -40.98 14.38 1.70
N SER A 179 -42.22 14.40 2.19
CA SER A 179 -43.36 14.42 1.28
C SER A 179 -43.50 15.89 0.87
N PRO A 180 -44.14 16.16 -0.28
CA PRO A 180 -44.31 17.53 -0.77
C PRO A 180 -44.53 18.66 0.24
N ASN A 181 -45.52 18.52 1.12
CA ASN A 181 -45.77 19.56 2.12
C ASN A 181 -45.09 19.26 3.46
N GLY A 182 -44.26 18.23 3.48
CA GLY A 182 -43.54 17.87 4.68
C GLY A 182 -44.26 17.12 5.77
N THR A 183 -45.44 16.59 5.47
CA THR A 183 -46.19 15.84 6.47
C THR A 183 -45.49 14.51 6.77
N PHE A 184 -45.15 13.78 5.72
CA PHE A 184 -44.48 12.49 5.85
C PHE A 184 -42.98 12.51 5.57
N LEU A 185 -42.22 11.67 6.27
CA LEU A 185 -40.78 11.55 6.07
C LEU A 185 -40.40 10.11 5.74
N ALA A 186 -40.18 9.84 4.46
CA ALA A 186 -39.81 8.50 4.00
C ALA A 186 -38.32 8.26 4.16
N TYR A 187 -37.95 7.03 4.49
CA TYR A 187 -36.54 6.72 4.64
C TYR A 187 -36.23 5.25 4.41
N ALA A 188 -34.98 5.00 4.03
CA ALA A 188 -34.54 3.65 3.80
C ALA A 188 -33.56 3.26 4.91
N GLN A 189 -33.40 1.97 5.10
CA GLN A 189 -32.49 1.42 6.10
C GLN A 189 -31.65 0.36 5.42
N PHE A 190 -30.34 0.44 5.62
CA PHE A 190 -29.42 -0.51 5.01
C PHE A 190 -28.76 -1.34 6.09
N ASN A 191 -28.77 -2.65 5.88
CA ASN A 191 -28.16 -3.60 6.81
C ASN A 191 -26.95 -4.21 6.11
N ASP A 192 -25.76 -3.82 6.55
CA ASP A 192 -24.52 -4.30 5.95
C ASP A 192 -23.81 -5.40 6.76
N THR A 193 -24.50 -5.93 7.78
CA THR A 193 -23.96 -6.97 8.65
C THR A 193 -22.99 -7.96 8.00
N GLU A 194 -23.49 -8.80 7.11
CA GLU A 194 -22.63 -9.79 6.46
C GLU A 194 -21.84 -9.28 5.25
N VAL A 195 -21.84 -7.98 5.01
CA VAL A 195 -21.09 -7.43 3.88
C VAL A 195 -19.60 -7.37 4.21
N PRO A 196 -18.75 -7.96 3.36
CA PRO A 196 -17.29 -7.96 3.56
C PRO A 196 -16.72 -6.54 3.62
N LEU A 197 -15.55 -6.39 4.24
CA LEU A 197 -14.96 -5.07 4.34
C LEU A 197 -13.63 -4.92 3.64
N ILE A 198 -13.52 -3.89 2.81
CA ILE A 198 -12.25 -3.63 2.14
C ILE A 198 -11.42 -2.92 3.18
N GLU A 199 -10.15 -3.29 3.30
CA GLU A 199 -9.29 -2.66 4.27
C GLU A 199 -7.98 -2.23 3.63
N TYR A 200 -7.58 -1.00 3.85
CA TYR A 200 -6.32 -0.51 3.32
C TYR A 200 -5.66 0.41 4.35
N SER A 201 -4.38 0.71 4.15
CA SER A 201 -3.67 1.56 5.10
C SER A 201 -3.73 3.05 4.80
N PHE A 202 -3.82 3.82 5.87
CA PHE A 202 -3.80 5.27 5.74
C PHE A 202 -2.67 5.70 6.64
N TYR A 203 -1.66 6.37 6.06
CA TYR A 203 -0.50 6.77 6.85
C TYR A 203 -0.63 8.12 7.52
N SER A 204 -1.55 8.95 7.01
CA SER A 204 -1.77 10.27 7.58
C SER A 204 -0.51 11.13 7.63
N ASP A 205 -0.51 12.13 8.51
CA ASP A 205 0.62 13.03 8.66
C ASP A 205 1.87 12.31 9.15
N GLU A 206 3.03 12.88 8.83
CA GLU A 206 4.32 12.33 9.22
C GLU A 206 4.32 11.98 10.70
N SER A 207 3.72 12.85 11.50
CA SER A 207 3.63 12.68 12.94
C SER A 207 3.00 11.37 13.44
N LEU A 208 2.00 10.83 12.74
CA LEU A 208 1.38 9.57 13.18
C LEU A 208 2.40 8.43 13.21
N GLN A 209 2.65 7.86 14.40
CA GLN A 209 3.62 6.77 14.51
C GLN A 209 3.19 5.48 13.83
N TYR A 210 1.94 5.08 14.02
CA TYR A 210 1.45 3.86 13.40
C TYR A 210 0.37 4.14 12.37
N PRO A 211 0.48 3.48 11.20
CA PRO A 211 -0.53 3.69 10.15
C PRO A 211 -1.86 3.16 10.67
N LYS A 212 -2.94 3.80 10.26
CA LYS A 212 -4.25 3.37 10.67
C LYS A 212 -4.83 2.53 9.55
N THR A 213 -5.59 1.50 9.90
CA THR A 213 -6.18 0.67 8.86
C THR A 213 -7.61 1.10 8.59
N VAL A 214 -7.85 1.72 7.45
CA VAL A 214 -9.22 2.12 7.13
C VAL A 214 -9.97 0.87 6.68
N ARG A 215 -11.21 0.73 7.12
CA ARG A 215 -12.02 -0.41 6.71
C ARG A 215 -13.47 0.03 6.52
N VAL A 216 -14.01 -0.30 5.35
CA VAL A 216 -15.37 0.07 5.00
C VAL A 216 -16.12 -1.08 4.31
N PRO A 217 -17.38 -1.35 4.73
CA PRO A 217 -18.21 -2.41 4.15
C PRO A 217 -18.40 -2.09 2.67
N TYR A 218 -17.80 -2.91 1.81
CA TYR A 218 -17.85 -2.70 0.37
C TYR A 218 -18.08 -4.04 -0.32
N PRO A 219 -19.22 -4.21 -1.01
CA PRO A 219 -19.50 -5.47 -1.69
C PRO A 219 -18.87 -5.56 -3.08
N LYS A 220 -17.90 -6.45 -3.25
CA LYS A 220 -17.27 -6.61 -4.56
C LYS A 220 -18.11 -7.59 -5.38
N ALA A 221 -17.77 -7.76 -6.64
CA ALA A 221 -18.52 -8.66 -7.52
C ALA A 221 -18.90 -10.00 -6.89
N GLY A 222 -20.19 -10.24 -6.73
CA GLY A 222 -20.66 -11.49 -6.18
C GLY A 222 -20.64 -11.71 -4.67
N ALA A 223 -20.15 -10.74 -3.91
CA ALA A 223 -20.13 -10.89 -2.46
C ALA A 223 -21.52 -10.61 -1.93
N VAL A 224 -21.69 -10.81 -0.62
CA VAL A 224 -22.98 -10.56 0.03
C VAL A 224 -23.29 -9.07 0.04
N ASN A 225 -24.38 -8.68 -0.63
CA ASN A 225 -24.76 -7.26 -0.67
C ASN A 225 -25.57 -6.87 0.55
N PRO A 226 -25.69 -5.56 0.80
CA PRO A 226 -26.47 -5.11 1.96
C PRO A 226 -27.93 -5.29 1.63
N THR A 227 -28.76 -5.49 2.65
CA THR A 227 -30.19 -5.63 2.46
C THR A 227 -30.76 -4.27 2.76
N VAL A 228 -31.97 -4.01 2.29
CA VAL A 228 -32.58 -2.71 2.51
C VAL A 228 -34.05 -2.82 2.89
N LYS A 229 -34.54 -1.80 3.59
CA LYS A 229 -35.92 -1.73 4.01
C LYS A 229 -36.40 -0.30 3.79
N PHE A 230 -37.71 -0.11 3.69
CA PHE A 230 -38.26 1.22 3.50
C PHE A 230 -39.32 1.48 4.55
N PHE A 231 -39.36 2.70 5.05
CA PHE A 231 -40.34 3.09 6.05
C PHE A 231 -40.85 4.50 5.75
N VAL A 232 -41.98 4.84 6.36
CA VAL A 232 -42.57 6.16 6.18
C VAL A 232 -43.12 6.56 7.52
N VAL A 233 -42.68 7.70 8.02
CA VAL A 233 -43.13 8.16 9.32
C VAL A 233 -43.85 9.50 9.22
N ASN A 234 -44.92 9.65 10.00
CA ASN A 234 -45.72 10.86 10.02
C ASN A 234 -45.16 11.82 11.06
N THR A 235 -44.69 12.97 10.60
CA THR A 235 -44.10 13.98 11.48
C THR A 235 -45.12 14.91 12.12
N ASP A 236 -46.40 14.76 11.78
CA ASP A 236 -47.42 15.61 12.37
C ASP A 236 -48.09 14.87 13.53
N SER A 237 -47.70 13.62 13.72
CA SER A 237 -48.30 12.80 14.76
C SER A 237 -47.25 12.13 15.67
N LEU A 238 -46.27 12.89 16.12
CA LEU A 238 -45.24 12.31 16.97
C LEU A 238 -45.13 13.06 18.30
N SER A 239 -45.07 12.29 19.40
CA SER A 239 -44.97 12.87 20.74
C SER A 239 -43.61 12.65 21.38
N SER A 240 -43.31 13.44 22.40
CA SER A 240 -42.06 13.32 23.12
C SER A 240 -42.26 12.36 24.28
N VAL A 241 -43.41 11.71 24.30
CA VAL A 241 -43.73 10.76 25.36
C VAL A 241 -43.85 9.35 24.79
N THR A 242 -43.80 9.24 23.46
CA THR A 242 -43.92 7.94 22.80
C THR A 242 -42.97 7.84 21.63
N ASN A 243 -42.31 6.70 21.46
CA ASN A 243 -41.41 6.53 20.35
C ASN A 243 -42.20 6.58 19.05
N ALA A 244 -41.60 7.15 18.01
CA ALA A 244 -42.24 7.27 16.72
C ALA A 244 -42.56 5.91 16.11
N THR A 245 -43.64 5.85 15.35
CA THR A 245 -44.03 4.62 14.67
C THR A 245 -43.77 4.79 13.18
N SER A 246 -42.83 4.02 12.65
CA SER A 246 -42.51 4.09 11.24
C SER A 246 -43.10 2.89 10.51
N ILE A 247 -44.08 3.15 9.65
CA ILE A 247 -44.73 2.08 8.89
C ILE A 247 -43.78 1.59 7.80
N GLN A 248 -43.65 0.28 7.66
CA GLN A 248 -42.75 -0.27 6.66
C GLN A 248 -43.48 -0.67 5.38
N ILE A 249 -42.89 -0.32 4.24
CA ILE A 249 -43.45 -0.69 2.94
C ILE A 249 -42.58 -1.85 2.44
N THR A 250 -43.18 -3.01 2.24
CA THR A 250 -42.44 -4.17 1.80
C THR A 250 -42.53 -4.39 0.30
N ALA A 251 -42.38 -5.65 -0.08
CA ALA A 251 -42.48 -6.11 -1.47
C ALA A 251 -41.60 -5.28 -2.41
N PRO A 252 -41.77 -5.47 -3.74
CA PRO A 252 -42.70 -6.38 -4.43
C PRO A 252 -42.39 -7.85 -4.16
N ALA A 253 -43.37 -8.70 -4.42
CA ALA A 253 -43.20 -10.14 -4.22
C ALA A 253 -42.22 -10.66 -5.26
N SER A 254 -42.24 -10.02 -6.43
CA SER A 254 -41.37 -10.41 -7.54
C SER A 254 -39.95 -9.97 -7.25
N MET A 255 -39.77 -9.26 -6.14
CA MET A 255 -38.45 -8.78 -5.78
C MET A 255 -37.86 -9.51 -4.58
N LEU A 256 -38.72 -9.95 -3.66
CA LEU A 256 -38.25 -10.65 -2.46
C LEU A 256 -37.74 -12.07 -2.73
N ILE A 257 -38.03 -12.61 -3.92
CA ILE A 257 -37.57 -13.96 -4.24
C ILE A 257 -36.04 -14.07 -4.15
N GLY A 258 -35.35 -12.98 -4.46
CA GLY A 258 -33.90 -12.98 -4.39
C GLY A 258 -33.37 -11.64 -3.93
N ASP A 259 -32.07 -11.40 -4.11
CA ASP A 259 -31.47 -10.13 -3.71
C ASP A 259 -32.02 -9.05 -4.63
N HIS A 260 -32.18 -7.85 -4.10
CA HIS A 260 -32.69 -6.74 -4.88
C HIS A 260 -32.11 -5.43 -4.36
N TYR A 261 -32.54 -4.31 -4.96
CA TYR A 261 -32.08 -3.02 -4.53
C TYR A 261 -33.24 -2.05 -4.53
N LEU A 262 -33.08 -0.96 -3.79
CA LEU A 262 -34.07 0.11 -3.75
C LEU A 262 -33.31 1.16 -4.58
N CYS A 263 -33.76 1.41 -5.80
CA CYS A 263 -33.05 2.36 -6.65
C CYS A 263 -33.72 3.69 -6.90
N ASP A 264 -34.98 3.86 -6.48
CA ASP A 264 -35.62 5.14 -6.70
C ASP A 264 -36.84 5.37 -5.85
N VAL A 265 -36.98 6.60 -5.39
CA VAL A 265 -38.11 6.99 -4.58
C VAL A 265 -38.53 8.39 -5.00
N THR A 266 -39.80 8.54 -5.37
CA THR A 266 -40.34 9.82 -5.80
C THR A 266 -41.79 9.95 -5.36
N TRP A 267 -42.08 10.99 -4.59
CA TRP A 267 -43.43 11.25 -4.13
C TRP A 267 -44.30 11.68 -5.31
N ALA A 268 -45.58 11.29 -5.31
CA ALA A 268 -46.49 11.64 -6.39
C ALA A 268 -47.44 12.74 -5.91
N THR A 269 -47.95 12.59 -4.68
CA THR A 269 -48.84 13.58 -4.08
C THR A 269 -48.55 13.60 -2.58
N GLN A 270 -49.37 14.29 -1.79
CA GLN A 270 -49.15 14.37 -0.35
C GLN A 270 -49.38 13.02 0.33
N GLU A 271 -50.04 12.12 -0.38
CA GLU A 271 -50.33 10.81 0.19
C GLU A 271 -50.00 9.65 -0.74
N ARG A 272 -49.29 9.93 -1.82
CA ARG A 272 -48.90 8.90 -2.78
C ARG A 272 -47.41 8.94 -2.96
N ILE A 273 -46.77 7.78 -2.89
CA ILE A 273 -45.33 7.69 -3.07
C ILE A 273 -45.01 6.53 -4.02
N SER A 274 -44.02 6.72 -4.89
CA SER A 274 -43.64 5.68 -5.83
C SER A 274 -42.24 5.15 -5.50
N LEU A 275 -42.05 3.85 -5.67
CA LEU A 275 -40.79 3.18 -5.39
C LEU A 275 -40.41 2.27 -6.54
N GLN A 276 -39.13 2.30 -6.92
CA GLN A 276 -38.65 1.44 -8.00
C GLN A 276 -37.63 0.46 -7.45
N TRP A 277 -37.89 -0.83 -7.60
CA TRP A 277 -36.98 -1.86 -7.12
C TRP A 277 -36.33 -2.51 -8.32
N LEU A 278 -35.09 -2.95 -8.14
CA LEU A 278 -34.30 -3.56 -9.20
C LEU A 278 -33.65 -4.85 -8.69
N ARG A 279 -33.87 -5.97 -9.37
CA ARG A 279 -33.26 -7.23 -8.97
C ARG A 279 -31.73 -7.17 -9.00
N ARG A 280 -31.05 -8.01 -8.24
CA ARG A 280 -29.59 -8.00 -8.23
C ARG A 280 -29.13 -8.19 -9.68
N ILE A 281 -29.89 -8.98 -10.43
CA ILE A 281 -29.60 -9.16 -11.86
C ILE A 281 -30.40 -8.00 -12.46
N GLN A 282 -29.76 -6.84 -12.56
CA GLN A 282 -30.36 -5.61 -13.05
C GLN A 282 -30.98 -5.67 -14.44
N ASN A 283 -31.80 -6.69 -14.62
CA ASN A 283 -32.52 -7.02 -15.84
C ASN A 283 -34.01 -6.70 -15.68
N TYR A 284 -34.45 -6.79 -14.43
CA TYR A 284 -35.84 -6.62 -14.06
C TYR A 284 -36.00 -5.51 -13.02
N SER A 285 -37.02 -4.68 -13.22
CA SER A 285 -37.31 -3.57 -12.34
C SER A 285 -38.81 -3.42 -12.11
N VAL A 286 -39.20 -3.07 -10.89
CA VAL A 286 -40.61 -2.90 -10.58
C VAL A 286 -40.88 -1.60 -9.83
N MET A 287 -41.88 -0.87 -10.29
CA MET A 287 -42.23 0.37 -9.63
C MET A 287 -43.57 0.25 -8.92
N ASP A 288 -43.57 0.53 -7.62
CA ASP A 288 -44.79 0.47 -6.81
C ASP A 288 -45.36 1.87 -6.65
N ILE A 289 -46.67 1.94 -6.52
CA ILE A 289 -47.32 3.24 -6.31
C ILE A 289 -48.19 3.03 -5.08
N CYS A 290 -47.59 3.28 -3.91
CA CYS A 290 -48.26 3.10 -2.63
C CYS A 290 -49.00 4.36 -2.17
N ASP A 291 -50.21 4.14 -1.65
CA ASP A 291 -51.04 5.24 -1.16
C ASP A 291 -51.26 5.10 0.34
N TYR A 292 -51.37 6.24 1.02
CA TYR A 292 -51.58 6.22 2.46
C TYR A 292 -53.05 5.91 2.78
N ASP A 293 -53.28 5.15 3.84
CA ASP A 293 -54.62 4.78 4.27
C ASP A 293 -54.98 5.44 5.62
N GLU A 294 -55.81 6.47 5.55
CA GLU A 294 -56.26 7.22 6.72
C GLU A 294 -56.62 6.32 7.91
N SER A 295 -57.79 5.69 7.83
CA SER A 295 -58.28 4.83 8.90
C SER A 295 -57.57 3.50 9.04
N SER A 296 -56.25 3.49 8.88
CA SER A 296 -55.49 2.25 9.01
C SER A 296 -54.07 2.58 9.40
N GLY A 297 -53.58 3.67 8.84
CA GLY A 297 -52.23 4.10 9.12
C GLY A 297 -51.18 3.32 8.39
N ARG A 298 -51.57 2.59 7.34
CA ARG A 298 -50.62 1.80 6.56
C ARG A 298 -50.46 2.36 5.15
N TRP A 299 -49.50 1.84 4.41
CA TRP A 299 -49.31 2.28 3.04
C TRP A 299 -49.55 1.09 2.12
N ASN A 300 -50.50 1.21 1.22
CA ASN A 300 -50.83 0.12 0.31
C ASN A 300 -50.29 0.32 -1.10
N CYS A 301 -49.53 -0.65 -1.57
CA CYS A 301 -48.97 -0.61 -2.90
C CYS A 301 -49.75 -1.62 -3.75
N LEU A 302 -50.89 -1.18 -4.28
CA LEU A 302 -51.71 -2.06 -5.09
C LEU A 302 -50.96 -2.67 -6.26
N VAL A 303 -51.13 -3.97 -6.46
CA VAL A 303 -50.50 -4.64 -7.58
C VAL A 303 -51.34 -4.12 -8.73
N ALA A 304 -51.02 -4.49 -9.96
CA ALA A 304 -51.79 -4.02 -11.10
C ALA A 304 -51.52 -2.53 -11.28
N ARG A 305 -51.16 -1.88 -10.18
CA ARG A 305 -50.83 -0.48 -10.20
C ARG A 305 -49.32 -0.35 -10.33
N GLN A 306 -48.63 -1.48 -10.23
CA GLN A 306 -47.18 -1.49 -10.35
C GLN A 306 -46.77 -1.69 -11.80
N HIS A 307 -45.64 -1.10 -12.20
CA HIS A 307 -45.18 -1.22 -13.57
C HIS A 307 -43.83 -1.91 -13.63
N ILE A 308 -43.70 -2.83 -14.58
CA ILE A 308 -42.46 -3.57 -14.76
C ILE A 308 -41.65 -3.00 -15.91
N GLU A 309 -40.33 -2.92 -15.70
CA GLU A 309 -39.40 -2.42 -16.70
C GLU A 309 -38.29 -3.47 -16.85
N MET A 310 -38.21 -4.13 -18.00
CA MET A 310 -37.19 -5.15 -18.21
C MET A 310 -36.46 -5.00 -19.54
N SER A 311 -35.33 -5.69 -19.67
CA SER A 311 -34.52 -5.65 -20.88
C SER A 311 -34.05 -7.05 -21.23
N THR A 312 -33.93 -7.34 -22.52
CA THR A 312 -33.48 -8.66 -22.94
C THR A 312 -32.08 -8.56 -23.55
N THR A 313 -31.62 -7.34 -23.80
CA THR A 313 -30.30 -7.14 -24.38
C THR A 313 -29.30 -6.63 -23.34
N GLY A 314 -29.80 -6.12 -22.22
CA GLY A 314 -28.91 -5.61 -21.20
C GLY A 314 -29.57 -5.28 -19.88
N TRP A 315 -29.00 -4.32 -19.18
CA TRP A 315 -29.53 -3.88 -17.90
C TRP A 315 -30.63 -2.85 -18.14
N VAL A 316 -31.32 -2.46 -17.07
CA VAL A 316 -32.40 -1.47 -17.18
C VAL A 316 -31.83 -0.08 -16.93
N GLY A 317 -32.20 0.87 -17.79
CA GLY A 317 -31.73 2.24 -17.66
C GLY A 317 -30.29 2.40 -18.10
N ARG A 318 -29.82 3.65 -18.18
CA ARG A 318 -28.43 3.90 -18.57
C ARG A 318 -27.48 3.45 -17.46
N PHE A 319 -27.85 3.73 -16.21
CA PHE A 319 -27.07 3.33 -15.05
C PHE A 319 -28.00 2.73 -14.02
N ARG A 320 -29.28 3.13 -14.10
CA ARG A 320 -30.33 2.65 -13.21
C ARG A 320 -31.66 3.11 -13.80
N PRO A 321 -32.79 2.49 -13.40
CA PRO A 321 -34.08 2.93 -13.96
C PRO A 321 -34.37 4.42 -13.76
N SER A 322 -34.87 5.05 -14.82
CA SER A 322 -35.20 6.48 -14.85
C SER A 322 -36.15 6.96 -13.75
N GLU A 323 -36.09 8.27 -13.47
CA GLU A 323 -36.92 8.91 -12.47
C GLU A 323 -38.30 9.29 -13.03
N PRO A 324 -39.38 8.93 -12.32
CA PRO A 324 -40.72 9.27 -12.81
C PRO A 324 -41.11 10.72 -12.57
N HIS A 325 -41.93 11.27 -13.47
CA HIS A 325 -42.40 12.63 -13.34
C HIS A 325 -43.93 12.60 -13.33
N PHE A 326 -44.50 12.57 -12.13
CA PHE A 326 -45.95 12.50 -11.95
C PHE A 326 -46.68 13.78 -12.26
N THR A 327 -47.88 13.66 -12.79
CA THR A 327 -48.68 14.83 -13.11
C THR A 327 -49.22 15.46 -11.81
N LEU A 328 -49.91 16.58 -11.93
CA LEU A 328 -50.45 17.29 -10.78
C LEU A 328 -51.25 16.41 -9.82
N ASP A 329 -52.26 15.73 -10.34
CA ASP A 329 -53.11 14.87 -9.54
C ASP A 329 -52.46 13.51 -9.29
N GLY A 330 -51.22 13.35 -9.76
CA GLY A 330 -50.50 12.11 -9.57
C GLY A 330 -51.22 10.86 -10.00
N ASN A 331 -51.93 10.95 -11.13
CA ASN A 331 -52.68 9.81 -11.63
C ASN A 331 -52.01 9.24 -12.86
N SER A 332 -51.07 9.99 -13.39
CA SER A 332 -50.31 9.54 -14.55
C SER A 332 -48.94 10.18 -14.41
N PHE A 333 -47.97 9.67 -15.16
CA PHE A 333 -46.64 10.21 -15.06
C PHE A 333 -45.86 10.01 -16.34
N TYR A 334 -44.78 10.78 -16.48
CA TYR A 334 -43.93 10.66 -17.64
C TYR A 334 -42.57 10.16 -17.15
N LYS A 335 -41.96 9.27 -17.92
CA LYS A 335 -40.65 8.79 -17.55
C LYS A 335 -39.95 8.20 -18.76
N ILE A 336 -38.64 8.42 -18.83
CA ILE A 336 -37.83 7.96 -19.95
C ILE A 336 -37.54 6.46 -19.90
N ILE A 337 -37.92 5.76 -20.96
CA ILE A 337 -37.65 4.33 -21.05
C ILE A 337 -37.13 4.01 -22.44
N SER A 338 -36.54 2.83 -22.58
CA SER A 338 -35.98 2.41 -23.86
C SER A 338 -37.03 1.97 -24.87
N ASN A 339 -36.75 2.28 -26.13
CA ASN A 339 -37.62 1.92 -27.23
C ASN A 339 -37.65 0.45 -27.57
N GLU A 340 -38.49 0.14 -28.55
CA GLU A 340 -38.61 -1.20 -29.07
C GLU A 340 -37.30 -1.36 -29.83
N GLU A 341 -36.86 -0.25 -30.43
CA GLU A 341 -35.63 -0.20 -31.21
C GLU A 341 -34.42 0.17 -30.34
N GLY A 342 -34.62 0.31 -29.02
CA GLY A 342 -33.50 0.60 -28.16
C GLY A 342 -33.12 2.04 -27.87
N TYR A 343 -33.88 3.00 -28.39
CA TYR A 343 -33.57 4.40 -28.13
C TYR A 343 -34.45 4.92 -27.01
N ARG A 344 -33.84 5.67 -26.09
CA ARG A 344 -34.56 6.22 -24.93
C ARG A 344 -35.44 7.43 -25.28
N HIS A 345 -36.74 7.30 -24.97
CA HIS A 345 -37.70 8.36 -25.23
C HIS A 345 -38.73 8.45 -24.11
N ILE A 346 -39.43 9.57 -24.06
CA ILE A 346 -40.42 9.80 -23.02
C ILE A 346 -41.70 9.01 -23.22
N CYS A 347 -42.07 8.23 -22.22
CA CYS A 347 -43.29 7.45 -22.29
C CYS A 347 -44.28 7.99 -21.25
N TYR A 348 -45.54 8.10 -21.68
CA TYR A 348 -46.63 8.61 -20.85
C TYR A 348 -47.35 7.43 -20.23
N PHE A 349 -47.44 7.40 -18.90
CA PHE A 349 -48.09 6.32 -18.16
C PHE A 349 -49.35 6.76 -17.43
N GLN A 350 -50.06 5.77 -16.89
CA GLN A 350 -51.26 5.95 -16.07
C GLN A 350 -51.04 4.96 -14.93
N ILE A 351 -51.08 5.43 -13.69
CA ILE A 351 -50.86 4.55 -12.54
C ILE A 351 -51.68 3.27 -12.52
N ASP A 352 -52.56 3.09 -13.50
CA ASP A 352 -53.41 1.90 -13.58
C ASP A 352 -53.28 1.13 -14.89
N LYS A 353 -52.91 1.83 -15.97
CA LYS A 353 -52.74 1.20 -17.28
C LYS A 353 -51.33 0.63 -17.39
N LYS A 354 -51.23 -0.66 -17.68
CA LYS A 354 -49.94 -1.33 -17.80
C LYS A 354 -49.02 -0.73 -18.87
N ASP A 355 -49.55 -0.49 -20.06
CA ASP A 355 -48.73 0.06 -21.14
C ASP A 355 -48.77 1.57 -21.24
N CYS A 356 -47.62 2.15 -21.58
CA CYS A 356 -47.51 3.60 -21.72
C CYS A 356 -47.46 3.97 -23.19
N THR A 357 -47.40 5.27 -23.46
CA THR A 357 -47.35 5.74 -24.82
C THR A 357 -46.18 6.67 -25.03
N PHE A 358 -45.37 6.37 -26.03
CA PHE A 358 -44.23 7.21 -26.32
C PHE A 358 -44.71 8.51 -26.92
N ILE A 359 -44.19 9.62 -26.40
CA ILE A 359 -44.56 10.93 -26.88
C ILE A 359 -43.45 11.51 -27.75
N THR A 360 -42.30 10.83 -27.75
CA THR A 360 -41.14 11.22 -28.56
C THR A 360 -40.60 9.95 -29.20
N LYS A 361 -40.08 10.08 -30.42
CA LYS A 361 -39.54 8.96 -31.17
C LYS A 361 -38.44 9.41 -32.11
N GLY A 362 -37.73 8.45 -32.69
CA GLY A 362 -36.68 8.78 -33.63
C GLY A 362 -35.36 8.17 -33.22
N THR A 363 -34.35 8.34 -34.08
CA THR A 363 -33.04 7.80 -33.79
C THR A 363 -32.14 8.82 -33.13
N TRP A 364 -32.45 9.09 -31.87
CA TRP A 364 -31.72 10.01 -31.01
C TRP A 364 -32.33 9.77 -29.63
N GLU A 365 -31.70 10.27 -28.57
CA GLU A 365 -32.26 10.03 -27.24
C GLU A 365 -32.53 11.28 -26.42
N VAL A 366 -33.55 11.18 -25.57
CA VAL A 366 -33.94 12.22 -24.63
C VAL A 366 -32.97 12.00 -23.49
N ILE A 367 -32.17 13.00 -23.17
CA ILE A 367 -31.21 12.85 -22.10
C ILE A 367 -31.94 12.82 -20.76
N GLY A 368 -32.91 13.72 -20.61
CA GLY A 368 -33.66 13.76 -19.36
C GLY A 368 -34.79 14.78 -19.31
N ILE A 369 -35.83 14.43 -18.58
CA ILE A 369 -36.99 15.29 -18.40
C ILE A 369 -36.64 16.35 -17.37
N GLU A 370 -36.75 17.62 -17.74
CA GLU A 370 -36.38 18.75 -16.88
C GLU A 370 -37.50 19.43 -16.09
N ALA A 371 -38.69 19.51 -16.67
CA ALA A 371 -39.80 20.13 -15.99
C ALA A 371 -41.09 19.69 -16.64
N LEU A 372 -42.15 19.65 -15.85
CA LEU A 372 -43.47 19.25 -16.31
C LEU A 372 -44.51 20.21 -15.76
N THR A 373 -45.43 20.64 -16.60
CA THR A 373 -46.51 21.54 -16.19
C THR A 373 -47.77 20.99 -16.85
N SER A 374 -48.89 21.68 -16.73
CA SER A 374 -50.10 21.17 -17.36
C SER A 374 -49.98 21.42 -18.87
N ASP A 375 -49.29 22.50 -19.22
CA ASP A 375 -49.08 22.91 -20.61
C ASP A 375 -48.07 22.05 -21.38
N TYR A 376 -46.84 21.98 -20.85
CA TYR A 376 -45.77 21.27 -21.51
C TYR A 376 -44.94 20.30 -20.68
N LEU A 377 -44.01 19.67 -21.38
CA LEU A 377 -43.05 18.72 -20.83
C LEU A 377 -41.72 19.25 -21.37
N TYR A 378 -40.87 19.76 -20.50
CA TYR A 378 -39.58 20.28 -20.94
C TYR A 378 -38.51 19.22 -20.76
N TYR A 379 -37.78 18.94 -21.84
CA TYR A 379 -36.73 17.95 -21.79
C TYR A 379 -35.47 18.36 -22.56
N ILE A 380 -34.47 17.48 -22.53
CA ILE A 380 -33.21 17.70 -23.20
C ILE A 380 -32.83 16.46 -23.98
N SER A 381 -32.53 16.62 -25.26
CA SER A 381 -32.15 15.50 -26.11
C SER A 381 -31.03 15.90 -27.06
N ASN A 382 -30.53 14.93 -27.81
CA ASN A 382 -29.47 15.19 -28.77
C ASN A 382 -30.03 15.00 -30.19
N GLU A 383 -31.22 15.54 -30.42
CA GLU A 383 -31.87 15.42 -31.71
C GLU A 383 -31.23 16.35 -32.73
N TYR A 384 -31.12 17.62 -32.36
CA TYR A 384 -30.57 18.65 -33.22
C TYR A 384 -29.36 18.24 -34.04
N LYS A 385 -29.43 18.52 -35.34
CA LYS A 385 -28.35 18.20 -36.28
C LYS A 385 -27.97 16.73 -36.26
N GLY A 386 -28.68 15.95 -35.44
CA GLY A 386 -28.41 14.54 -35.37
C GLY A 386 -27.07 14.14 -34.78
N MET A 387 -26.48 15.01 -33.97
CA MET A 387 -25.20 14.66 -33.36
C MET A 387 -25.43 14.37 -31.88
N PRO A 388 -25.11 13.15 -31.46
CA PRO A 388 -25.27 12.71 -30.07
C PRO A 388 -24.43 13.44 -29.03
N GLY A 389 -23.39 14.14 -29.47
CA GLY A 389 -22.54 14.86 -28.53
C GLY A 389 -23.03 16.28 -28.25
N GLY A 390 -24.26 16.56 -28.68
CA GLY A 390 -24.86 17.87 -28.47
C GLY A 390 -26.05 17.73 -27.53
N ARG A 391 -26.52 18.85 -26.97
CA ARG A 391 -27.66 18.82 -26.07
C ARG A 391 -28.47 20.11 -26.21
N ASN A 392 -29.78 19.98 -26.29
CA ASN A 392 -30.65 21.14 -26.41
C ASN A 392 -31.91 21.01 -25.55
N LEU A 393 -32.48 22.14 -25.16
CA LEU A 393 -33.71 22.15 -24.36
C LEU A 393 -34.89 22.17 -25.32
N TYR A 394 -35.70 21.14 -25.27
CA TYR A 394 -36.88 21.04 -26.13
C TYR A 394 -38.10 21.06 -25.20
N LYS A 395 -39.26 21.37 -25.76
CA LYS A 395 -40.49 21.33 -24.98
C LYS A 395 -41.56 20.78 -25.91
N ILE A 396 -42.36 19.87 -25.39
CA ILE A 396 -43.42 19.26 -26.18
C ILE A 396 -44.77 19.60 -25.56
N GLN A 397 -45.72 19.99 -26.41
CA GLN A 397 -47.05 20.34 -25.95
C GLN A 397 -47.75 19.05 -25.54
N LEU A 398 -48.24 19.02 -24.30
CA LEU A 398 -48.93 17.84 -23.76
C LEU A 398 -50.28 17.53 -24.40
N SER A 399 -50.84 18.48 -25.14
CA SER A 399 -52.13 18.27 -25.79
C SER A 399 -52.00 17.98 -27.29
N ASP A 400 -50.78 18.08 -27.80
CA ASP A 400 -50.53 17.84 -29.21
C ASP A 400 -49.06 17.47 -29.37
N TYR A 401 -48.75 16.18 -29.31
CA TYR A 401 -47.36 15.72 -29.40
C TYR A 401 -46.67 16.13 -30.69
N THR A 402 -47.41 16.74 -31.60
CA THR A 402 -46.84 17.16 -32.87
C THR A 402 -46.22 18.54 -32.70
N LYS A 403 -46.63 19.25 -31.67
CA LYS A 403 -46.13 20.59 -31.42
C LYS A 403 -45.00 20.63 -30.39
N VAL A 404 -43.80 20.32 -30.87
CA VAL A 404 -42.60 20.34 -30.05
C VAL A 404 -41.72 21.47 -30.57
N THR A 405 -41.11 22.20 -29.64
CA THR A 405 -40.27 23.34 -29.98
C THR A 405 -38.92 23.34 -29.27
N CYS A 406 -37.85 23.55 -30.02
CA CYS A 406 -36.54 23.60 -29.40
C CYS A 406 -36.38 25.02 -28.89
N LEU A 407 -35.95 25.17 -27.64
CA LEU A 407 -35.79 26.49 -27.08
C LEU A 407 -34.34 26.98 -27.02
N SER A 408 -33.39 26.10 -27.34
CA SER A 408 -31.99 26.49 -27.28
C SER A 408 -31.21 26.39 -28.59
N CYS A 409 -31.62 25.44 -29.44
CA CYS A 409 -30.96 25.22 -30.73
C CYS A 409 -30.47 26.45 -31.49
N GLU A 410 -31.35 27.41 -31.68
CA GLU A 410 -31.04 28.63 -32.45
C GLU A 410 -30.50 29.88 -31.74
N LEU A 411 -30.40 29.85 -30.42
CA LEU A 411 -29.92 31.02 -29.69
C LEU A 411 -28.55 31.50 -30.15
N ASN A 412 -27.62 30.57 -30.35
CA ASN A 412 -26.26 30.90 -30.76
C ASN A 412 -25.66 29.58 -31.24
N PRO A 413 -26.09 29.10 -32.42
CA PRO A 413 -25.59 27.82 -32.95
C PRO A 413 -24.07 27.67 -33.05
N GLU A 414 -23.34 28.76 -33.31
CA GLU A 414 -21.88 28.70 -33.41
C GLU A 414 -21.27 28.40 -32.06
N ARG A 415 -21.68 29.18 -31.07
CA ARG A 415 -21.14 29.06 -29.72
C ARG A 415 -21.82 27.99 -28.84
N CYS A 416 -23.12 27.82 -29.01
CA CYS A 416 -23.85 26.89 -28.17
C CYS A 416 -24.52 25.66 -28.77
N GLN A 417 -23.98 24.50 -28.43
CA GLN A 417 -24.51 23.23 -28.94
C GLN A 417 -24.71 22.24 -27.79
N TYR A 418 -24.37 22.67 -26.58
CA TYR A 418 -24.49 21.81 -25.41
C TYR A 418 -25.15 22.62 -24.29
N TYR A 419 -26.40 22.29 -23.99
CA TYR A 419 -27.17 22.99 -22.97
C TYR A 419 -27.53 22.21 -21.71
N SER A 420 -27.80 22.97 -20.67
CA SER A 420 -28.20 22.46 -19.36
C SER A 420 -29.38 23.39 -19.06
N VAL A 421 -30.22 23.07 -18.09
CA VAL A 421 -31.34 23.96 -17.79
C VAL A 421 -31.74 23.89 -16.33
N SER A 422 -32.33 24.99 -15.84
CA SER A 422 -32.77 25.04 -14.46
C SER A 422 -34.04 25.85 -14.36
N PHE A 423 -35.18 25.17 -14.18
CA PHE A 423 -36.44 25.86 -14.06
C PHE A 423 -36.72 26.28 -12.63
N SER A 424 -37.61 27.26 -12.49
CA SER A 424 -38.02 27.79 -11.19
C SER A 424 -39.10 26.83 -10.67
N LYS A 425 -39.53 27.02 -9.43
CA LYS A 425 -40.53 26.14 -8.83
C LYS A 425 -41.66 25.69 -9.76
N GLU A 426 -42.43 26.63 -10.32
CA GLU A 426 -43.53 26.30 -11.22
C GLU A 426 -43.15 26.42 -12.69
N ALA A 427 -41.84 26.36 -12.97
CA ALA A 427 -41.37 26.47 -14.34
C ALA A 427 -41.86 27.76 -15.02
N LYS A 428 -41.91 28.85 -14.27
CA LYS A 428 -42.34 30.12 -14.83
C LYS A 428 -41.18 30.67 -15.66
N TYR A 429 -39.99 30.57 -15.09
CA TYR A 429 -38.79 31.05 -15.75
C TYR A 429 -37.84 29.87 -15.78
N TYR A 430 -36.79 29.97 -16.60
CA TYR A 430 -35.77 28.94 -16.66
C TYR A 430 -34.43 29.54 -17.05
N GLN A 431 -33.35 28.99 -16.50
CA GLN A 431 -32.00 29.44 -16.81
C GLN A 431 -31.32 28.42 -17.71
N LEU A 432 -30.91 28.86 -18.90
CA LEU A 432 -30.21 27.99 -19.83
C LEU A 432 -28.73 28.12 -19.58
N ARG A 433 -28.04 26.99 -19.55
CA ARG A 433 -26.60 26.95 -19.31
C ARG A 433 -25.90 26.27 -20.48
N CYS A 434 -25.19 27.08 -21.26
CA CYS A 434 -24.46 26.60 -22.42
C CYS A 434 -23.01 26.33 -22.02
N SER A 435 -22.52 25.13 -22.36
CA SER A 435 -21.15 24.74 -22.01
C SER A 435 -20.20 24.47 -23.17
N GLY A 436 -20.59 24.88 -24.37
CA GLY A 436 -19.74 24.67 -25.52
C GLY A 436 -20.54 24.69 -26.81
N PRO A 437 -19.86 24.63 -27.97
CA PRO A 437 -18.41 24.54 -28.16
C PRO A 437 -17.64 25.77 -27.74
N GLY A 438 -18.34 26.89 -27.57
CA GLY A 438 -17.69 28.12 -27.16
C GLY A 438 -17.69 28.31 -25.65
N LEU A 439 -17.25 29.48 -25.20
CA LEU A 439 -17.21 29.76 -23.77
C LEU A 439 -18.60 29.65 -23.15
N PRO A 440 -18.68 29.18 -21.90
CA PRO A 440 -19.98 29.04 -21.24
C PRO A 440 -20.79 30.34 -21.32
N LEU A 441 -22.10 30.19 -21.45
CA LEU A 441 -23.02 31.33 -21.53
C LEU A 441 -24.23 31.01 -20.66
N TYR A 442 -24.51 31.91 -19.71
CA TYR A 442 -25.65 31.75 -18.79
C TYR A 442 -26.72 32.80 -19.09
N THR A 443 -27.94 32.34 -19.42
CA THR A 443 -29.04 33.26 -19.74
C THR A 443 -30.34 32.93 -19.04
N LEU A 444 -31.23 33.92 -18.93
CA LEU A 444 -32.54 33.74 -18.28
C LEU A 444 -33.68 33.86 -19.29
N HIS A 445 -34.75 33.11 -19.04
CA HIS A 445 -35.90 33.10 -19.94
C HIS A 445 -37.25 32.97 -19.22
N SER A 446 -38.30 33.43 -19.88
CA SER A 446 -39.65 33.34 -19.33
C SER A 446 -40.41 32.34 -20.20
N SER A 447 -41.04 31.36 -19.56
CA SER A 447 -41.77 30.32 -20.25
C SER A 447 -43.01 30.79 -20.98
N VAL A 448 -43.62 31.87 -20.50
CA VAL A 448 -44.83 32.36 -21.15
C VAL A 448 -44.65 32.47 -22.67
N ASN A 449 -43.54 33.08 -23.10
CA ASN A 449 -43.27 33.26 -24.53
C ASN A 449 -41.82 33.00 -24.91
N ASP A 450 -41.13 32.21 -24.10
CA ASP A 450 -39.72 31.87 -24.35
C ASP A 450 -38.88 33.08 -24.73
N LYS A 451 -39.12 34.18 -24.03
CA LYS A 451 -38.39 35.42 -24.27
C LYS A 451 -37.05 35.32 -23.57
N GLY A 452 -36.00 35.86 -24.18
CA GLY A 452 -34.70 35.84 -23.56
C GLY A 452 -34.56 37.08 -22.69
N LEU A 453 -34.94 36.97 -21.41
CA LEU A 453 -34.87 38.11 -20.49
C LEU A 453 -33.53 38.84 -20.50
N ARG A 454 -32.48 38.23 -19.93
CA ARG A 454 -31.16 38.87 -19.91
C ARG A 454 -29.98 37.91 -19.73
N VAL A 455 -28.81 38.36 -20.13
CA VAL A 455 -27.58 37.58 -20.03
C VAL A 455 -27.10 37.59 -18.59
N LEU A 456 -26.76 36.43 -18.03
CA LEU A 456 -26.27 36.35 -16.65
C LEU A 456 -24.76 36.43 -16.59
N GLU A 457 -24.10 35.61 -17.40
CA GLU A 457 -22.65 35.59 -17.45
C GLU A 457 -22.27 35.13 -18.84
N ASP A 458 -21.58 35.98 -19.58
CA ASP A 458 -21.19 35.62 -20.94
C ASP A 458 -19.73 35.28 -21.03
N ASN A 459 -19.03 35.35 -19.90
CA ASN A 459 -17.61 35.05 -19.87
C ASN A 459 -16.81 35.98 -20.79
N SER A 460 -17.20 37.25 -20.84
CA SER A 460 -16.51 38.24 -21.66
C SER A 460 -15.09 38.44 -21.16
N ALA A 461 -14.92 38.35 -19.85
CA ALA A 461 -13.61 38.51 -19.21
C ALA A 461 -12.64 37.48 -19.77
N LEU A 462 -12.99 36.21 -19.63
CA LEU A 462 -12.15 35.11 -20.10
C LEU A 462 -11.91 35.14 -21.60
N ASP A 463 -12.92 35.50 -22.38
CA ASP A 463 -12.75 35.55 -23.83
C ASP A 463 -11.57 36.42 -24.23
N LYS A 464 -11.52 37.65 -23.72
CA LYS A 464 -10.44 38.56 -24.06
C LYS A 464 -9.05 38.01 -23.73
N MET A 465 -8.94 37.31 -22.60
CA MET A 465 -7.67 36.71 -22.21
C MET A 465 -7.23 35.64 -23.21
N LEU A 466 -8.12 34.71 -23.51
CA LEU A 466 -7.79 33.63 -24.42
C LEU A 466 -7.31 34.07 -25.80
N GLN A 467 -7.93 35.09 -26.38
CA GLN A 467 -7.51 35.52 -27.71
C GLN A 467 -6.07 36.03 -27.70
N ASN A 468 -5.49 36.14 -26.50
CA ASN A 468 -4.10 36.57 -26.34
C ASN A 468 -3.17 35.36 -26.27
N VAL A 469 -3.75 34.16 -26.39
CA VAL A 469 -2.98 32.93 -26.35
C VAL A 469 -3.37 32.00 -27.48
N GLN A 470 -2.42 31.19 -27.93
CA GLN A 470 -2.67 30.25 -29.00
C GLN A 470 -3.42 29.04 -28.45
N MET A 471 -4.74 29.08 -28.54
CA MET A 471 -5.56 27.98 -28.04
C MET A 471 -5.79 26.94 -29.12
N PRO A 472 -5.88 25.67 -28.72
CA PRO A 472 -6.10 24.61 -29.71
C PRO A 472 -7.55 24.64 -30.19
N SER A 473 -7.87 23.77 -31.14
CA SER A 473 -9.22 23.71 -31.66
C SER A 473 -9.76 22.32 -31.37
N LYS A 474 -11.03 22.10 -31.70
CA LYS A 474 -11.68 20.80 -31.46
C LYS A 474 -12.52 20.36 -32.65
N LYS A 475 -12.17 19.22 -33.23
CA LYS A 475 -12.90 18.70 -34.39
C LYS A 475 -13.79 17.53 -33.96
N LEU A 476 -15.11 17.72 -34.10
CA LEU A 476 -16.08 16.69 -33.74
C LEU A 476 -16.56 16.05 -35.03
N ASP A 477 -16.08 14.84 -35.32
CA ASP A 477 -16.47 14.16 -36.55
C ASP A 477 -16.80 12.69 -36.26
N PHE A 478 -16.90 11.89 -37.32
CA PHE A 478 -17.20 10.48 -37.16
C PHE A 478 -16.51 9.65 -38.23
N ILE A 479 -16.47 8.34 -38.01
CA ILE A 479 -15.90 7.40 -38.96
C ILE A 479 -16.90 6.27 -39.00
N ILE A 480 -16.89 5.49 -40.08
CA ILE A 480 -17.86 4.41 -40.18
C ILE A 480 -17.22 3.05 -40.09
N LEU A 481 -17.54 2.30 -39.04
CA LEU A 481 -17.02 0.96 -38.87
C LEU A 481 -18.13 0.01 -39.31
N ASN A 482 -17.93 -0.62 -40.47
CA ASN A 482 -18.91 -1.53 -41.04
C ASN A 482 -20.35 -1.13 -40.76
N GLU A 483 -20.90 -0.34 -41.67
CA GLU A 483 -22.29 0.12 -41.58
C GLU A 483 -22.55 1.22 -40.55
N THR A 484 -22.19 0.98 -39.29
CA THR A 484 -22.43 1.94 -38.21
C THR A 484 -21.39 3.04 -38.09
N LYS A 485 -21.86 4.23 -37.69
CA LYS A 485 -20.99 5.38 -37.52
C LYS A 485 -20.78 5.69 -36.05
N PHE A 486 -19.51 5.88 -35.68
CA PHE A 486 -19.14 6.18 -34.31
C PHE A 486 -18.38 7.50 -34.29
N TRP A 487 -18.78 8.37 -33.38
CA TRP A 487 -18.20 9.70 -33.25
C TRP A 487 -16.92 9.82 -32.46
N TYR A 488 -16.06 10.72 -32.89
CA TYR A 488 -14.80 10.95 -32.21
C TYR A 488 -14.60 12.46 -32.16
N GLN A 489 -13.61 12.89 -31.39
CA GLN A 489 -13.29 14.29 -31.29
C GLN A 489 -11.78 14.38 -31.30
N MET A 490 -11.26 15.53 -31.71
CA MET A 490 -9.82 15.70 -31.79
C MET A 490 -9.35 17.07 -31.32
N ILE A 491 -8.60 17.11 -30.22
CA ILE A 491 -8.08 18.38 -29.72
C ILE A 491 -6.85 18.68 -30.57
N LEU A 492 -7.00 19.57 -31.56
CA LEU A 492 -5.92 19.95 -32.48
C LEU A 492 -5.11 21.17 -32.06
N PRO A 493 -3.78 21.11 -32.25
CA PRO A 493 -2.84 22.19 -31.91
C PRO A 493 -3.15 23.50 -32.63
N PRO A 494 -2.51 24.60 -32.20
CA PRO A 494 -2.74 25.89 -32.85
C PRO A 494 -2.18 25.82 -34.27
N HIS A 495 -2.89 26.45 -35.21
CA HIS A 495 -2.46 26.48 -36.61
C HIS A 495 -2.23 25.09 -37.21
N PHE A 496 -3.13 24.16 -36.89
CA PHE A 496 -3.07 22.78 -37.37
C PHE A 496 -2.98 22.73 -38.88
N ASP A 497 -1.99 21.99 -39.39
CA ASP A 497 -1.80 21.82 -40.82
C ASP A 497 -1.83 20.33 -41.18
N LYS A 498 -2.92 19.89 -41.81
CA LYS A 498 -3.09 18.49 -42.21
C LYS A 498 -1.94 18.00 -43.07
N SER A 499 -1.13 18.94 -43.53
CA SER A 499 0.04 18.69 -44.37
C SER A 499 1.26 18.34 -43.54
N LYS A 500 1.10 18.36 -42.23
CA LYS A 500 2.19 18.05 -41.30
C LYS A 500 1.80 16.82 -40.48
N LYS A 501 2.76 16.18 -39.84
CA LYS A 501 2.46 15.00 -39.03
C LYS A 501 2.62 15.28 -37.55
N TYR A 502 1.63 14.89 -36.76
CA TYR A 502 1.66 15.12 -35.32
C TYR A 502 1.54 13.83 -34.52
N PRO A 503 2.15 13.81 -33.31
CA PRO A 503 2.08 12.64 -32.45
C PRO A 503 0.68 12.67 -31.84
N LEU A 504 0.07 11.51 -31.63
CA LEU A 504 -1.29 11.49 -31.11
C LEU A 504 -1.44 10.73 -29.79
N LEU A 505 -2.22 11.32 -28.89
CA LEU A 505 -2.48 10.72 -27.59
C LEU A 505 -3.97 10.36 -27.61
N LEU A 506 -4.28 9.11 -27.31
CA LEU A 506 -5.67 8.68 -27.31
C LEU A 506 -6.23 8.77 -25.91
N ASP A 507 -6.99 9.84 -25.64
CA ASP A 507 -7.62 10.07 -24.34
C ASP A 507 -8.79 9.10 -24.30
N VAL A 508 -8.78 8.16 -23.37
CA VAL A 508 -9.85 7.19 -23.31
C VAL A 508 -10.51 6.94 -21.97
N TYR A 509 -11.76 6.49 -22.03
CA TYR A 509 -12.57 6.13 -20.87
C TYR A 509 -13.32 4.89 -21.36
N ALA A 510 -14.21 5.11 -22.33
CA ALA A 510 -14.98 4.05 -22.98
C ALA A 510 -15.76 3.05 -22.11
N GLY A 511 -16.29 3.50 -20.97
CA GLY A 511 -17.08 2.61 -20.14
C GLY A 511 -18.53 2.66 -20.59
N PRO A 512 -19.38 1.73 -20.17
CA PRO A 512 -20.80 1.72 -20.58
C PRO A 512 -21.49 3.08 -20.49
N CYS A 513 -22.22 3.43 -21.55
CA CYS A 513 -22.96 4.69 -21.61
C CYS A 513 -22.10 5.95 -21.42
N SER A 514 -20.85 5.88 -21.87
CA SER A 514 -19.97 7.04 -21.74
C SER A 514 -19.99 7.86 -23.03
N GLN A 515 -19.32 9.01 -23.00
CA GLN A 515 -19.24 9.88 -24.16
C GLN A 515 -18.03 10.80 -24.00
N LYS A 516 -16.95 10.44 -24.68
CA LYS A 516 -15.71 11.20 -24.64
C LYS A 516 -15.65 12.17 -25.82
N ALA A 517 -16.61 12.04 -26.72
CA ALA A 517 -16.71 12.91 -27.89
C ALA A 517 -17.99 13.75 -27.75
N ASP A 518 -17.83 15.05 -27.46
CA ASP A 518 -18.96 15.95 -27.33
C ASP A 518 -18.59 17.37 -27.72
N THR A 519 -19.49 18.32 -27.48
CA THR A 519 -19.23 19.71 -27.84
C THR A 519 -18.86 20.59 -26.67
N VAL A 520 -18.71 19.97 -25.50
CA VAL A 520 -18.36 20.75 -24.31
C VAL A 520 -16.97 21.40 -24.44
N PHE A 521 -16.86 22.63 -23.94
CA PHE A 521 -15.61 23.36 -23.96
C PHE A 521 -14.85 23.06 -22.66
N ARG A 522 -13.66 22.48 -22.79
CA ARG A 522 -12.85 22.12 -21.63
C ARG A 522 -11.48 22.80 -21.63
N LEU A 523 -10.98 23.03 -20.41
CA LEU A 523 -9.70 23.67 -20.18
C LEU A 523 -8.97 22.69 -19.28
N ASN A 524 -8.55 21.57 -19.86
CA ASN A 524 -7.87 20.50 -19.12
C ASN A 524 -6.40 20.31 -19.51
N TRP A 525 -5.90 19.10 -19.29
CA TRP A 525 -4.51 18.74 -19.62
C TRP A 525 -4.30 18.71 -21.14
N ALA A 526 -5.23 18.07 -21.85
CA ALA A 526 -5.17 17.96 -23.31
C ALA A 526 -5.01 19.34 -23.98
N THR A 527 -5.62 20.36 -23.39
CA THR A 527 -5.53 21.71 -23.92
C THR A 527 -4.05 22.04 -24.03
N TYR A 528 -3.34 21.86 -22.92
CA TYR A 528 -1.91 22.12 -22.82
C TYR A 528 -1.11 21.22 -23.78
N LEU A 529 -1.41 19.92 -23.78
CA LEU A 529 -0.71 18.99 -24.66
C LEU A 529 -0.78 19.37 -26.13
N ALA A 530 -1.90 19.98 -26.54
CA ALA A 530 -2.06 20.37 -27.93
C ALA A 530 -1.53 21.79 -28.14
N SER A 531 -1.88 22.68 -27.24
CA SER A 531 -1.46 24.07 -27.35
C SER A 531 0.06 24.29 -27.19
N THR A 532 0.65 23.65 -26.20
CA THR A 532 2.07 23.84 -25.96
C THR A 532 2.92 22.78 -26.62
N GLU A 533 2.54 21.52 -26.49
CA GLU A 533 3.31 20.42 -27.07
C GLU A 533 2.89 20.01 -28.47
N ASN A 534 1.89 20.69 -29.03
CA ASN A 534 1.41 20.36 -30.38
C ASN A 534 1.13 18.87 -30.53
N ILE A 535 0.38 18.32 -29.58
CA ILE A 535 0.04 16.91 -29.61
C ILE A 535 -1.47 16.78 -29.80
N ILE A 536 -1.89 15.95 -30.74
CA ILE A 536 -3.31 15.76 -30.98
C ILE A 536 -3.86 14.80 -29.93
N VAL A 537 -4.89 15.24 -29.21
CA VAL A 537 -5.52 14.41 -28.19
C VAL A 537 -6.88 13.96 -28.74
N ALA A 538 -6.97 12.69 -29.12
CA ALA A 538 -8.20 12.15 -29.69
C ALA A 538 -8.98 11.26 -28.73
N SER A 539 -10.30 11.26 -28.91
CA SER A 539 -11.20 10.44 -28.10
C SER A 539 -12.18 9.82 -29.08
N PHE A 540 -12.66 8.62 -28.74
CA PHE A 540 -13.57 7.90 -29.62
C PHE A 540 -14.60 7.08 -28.84
N ASP A 541 -15.87 7.19 -29.24
CA ASP A 541 -16.95 6.46 -28.60
C ASP A 541 -17.33 5.25 -29.47
N GLY A 542 -16.88 4.07 -29.08
CA GLY A 542 -17.19 2.86 -29.83
C GLY A 542 -18.25 2.01 -29.18
N ARG A 543 -18.30 0.72 -29.52
CA ARG A 543 -19.31 -0.17 -28.94
C ARG A 543 -19.33 0.02 -27.42
N GLY A 544 -20.52 0.19 -26.86
CA GLY A 544 -20.63 0.40 -25.44
C GLY A 544 -20.95 1.87 -25.14
N SER A 545 -20.72 2.73 -26.12
CA SER A 545 -20.99 4.17 -26.01
C SER A 545 -22.44 4.36 -25.62
N GLY A 546 -22.78 5.54 -25.12
CA GLY A 546 -24.15 5.79 -24.76
C GLY A 546 -24.80 6.93 -25.53
N TYR A 547 -26.09 7.15 -25.30
CA TYR A 547 -26.84 8.21 -25.96
C TYR A 547 -26.98 8.01 -27.47
N GLN A 548 -26.86 6.76 -27.92
CA GLN A 548 -26.96 6.43 -29.33
C GLN A 548 -27.76 5.15 -29.52
N GLY A 549 -28.71 4.90 -28.63
CA GLY A 549 -29.51 3.69 -28.73
C GLY A 549 -28.85 2.47 -28.09
N ASP A 550 -29.65 1.48 -27.73
CA ASP A 550 -29.14 0.26 -27.10
C ASP A 550 -28.32 -0.69 -27.95
N LYS A 551 -28.52 -0.69 -29.26
CA LYS A 551 -27.74 -1.60 -30.11
C LYS A 551 -26.27 -1.30 -29.90
N ILE A 552 -25.94 -0.03 -29.66
CA ILE A 552 -24.58 0.40 -29.43
C ILE A 552 -24.16 0.17 -27.97
N MET A 553 -24.98 0.67 -27.05
CA MET A 553 -24.67 0.56 -25.63
C MET A 553 -24.61 -0.83 -25.04
N HIS A 554 -25.61 -1.66 -25.31
CA HIS A 554 -25.65 -3.02 -24.77
C HIS A 554 -24.72 -3.95 -25.54
N ALA A 555 -23.95 -3.39 -26.46
CA ALA A 555 -23.04 -4.19 -27.27
C ALA A 555 -21.99 -4.94 -26.44
N ILE A 556 -21.56 -4.36 -25.33
CA ILE A 556 -20.57 -5.01 -24.49
C ILE A 556 -21.24 -5.63 -23.27
N ASN A 557 -22.51 -5.99 -23.40
CA ASN A 557 -23.23 -6.58 -22.28
C ASN A 557 -22.60 -7.93 -21.95
N ARG A 558 -22.44 -8.20 -20.67
CA ARG A 558 -21.85 -9.44 -20.17
C ARG A 558 -20.48 -9.67 -20.78
N ARG A 559 -19.94 -8.66 -21.45
CA ARG A 559 -18.65 -8.83 -22.11
C ARG A 559 -17.69 -7.64 -22.04
N LEU A 560 -17.49 -7.07 -20.85
CA LEU A 560 -16.60 -5.93 -20.69
C LEU A 560 -15.16 -6.32 -21.04
N GLY A 561 -14.40 -5.36 -21.58
CA GLY A 561 -13.03 -5.64 -21.94
C GLY A 561 -12.91 -6.34 -23.29
N THR A 562 -13.82 -6.02 -24.21
CA THR A 562 -13.79 -6.61 -25.54
C THR A 562 -13.97 -5.53 -26.62
N PHE A 563 -15.18 -5.37 -27.15
CA PHE A 563 -15.41 -4.37 -28.19
C PHE A 563 -14.97 -2.94 -27.86
N GLU A 564 -15.23 -2.47 -26.64
CA GLU A 564 -14.85 -1.09 -26.31
C GLU A 564 -13.34 -0.91 -26.37
N VAL A 565 -12.61 -1.99 -26.11
CA VAL A 565 -11.16 -1.93 -26.16
C VAL A 565 -10.70 -2.12 -27.60
N GLU A 566 -11.21 -3.16 -28.26
CA GLU A 566 -10.86 -3.43 -29.65
C GLU A 566 -11.21 -2.24 -30.55
N ASP A 567 -12.37 -1.63 -30.31
CA ASP A 567 -12.78 -0.48 -31.12
C ASP A 567 -11.87 0.71 -30.89
N GLN A 568 -11.11 0.68 -29.80
CA GLN A 568 -10.23 1.78 -29.47
C GLN A 568 -8.95 1.66 -30.33
N ILE A 569 -8.57 0.41 -30.56
CA ILE A 569 -7.41 0.10 -31.38
C ILE A 569 -7.74 0.41 -32.84
N GLU A 570 -8.95 0.03 -33.24
CA GLU A 570 -9.43 0.24 -34.60
C GLU A 570 -9.55 1.72 -34.90
N ALA A 571 -10.10 2.45 -33.95
CA ALA A 571 -10.27 3.89 -34.10
C ALA A 571 -8.90 4.52 -34.26
N ALA A 572 -7.96 4.10 -33.40
CA ALA A 572 -6.60 4.62 -33.45
C ALA A 572 -5.89 4.17 -34.73
N ARG A 573 -6.18 2.94 -35.16
CA ARG A 573 -5.56 2.40 -36.37
C ARG A 573 -5.98 3.20 -37.59
N GLN A 574 -7.22 3.67 -37.61
CA GLN A 574 -7.69 4.46 -38.75
C GLN A 574 -7.22 5.89 -38.61
N PHE A 575 -7.00 6.34 -37.38
CA PHE A 575 -6.53 7.70 -37.13
C PHE A 575 -5.16 7.89 -37.75
N SER A 576 -4.30 6.87 -37.59
CA SER A 576 -2.95 6.94 -38.13
C SER A 576 -3.00 7.06 -39.66
N LYS A 577 -3.93 6.35 -40.27
CA LYS A 577 -4.10 6.37 -41.71
C LYS A 577 -4.81 7.64 -42.19
N MET A 578 -4.81 8.69 -41.37
CA MET A 578 -5.47 9.93 -41.78
C MET A 578 -4.50 10.89 -42.45
N GLY A 579 -3.20 10.65 -42.30
CA GLY A 579 -2.23 11.49 -42.96
C GLY A 579 -1.50 12.51 -42.11
N PHE A 580 -2.17 13.08 -41.12
CA PHE A 580 -1.51 14.06 -40.26
C PHE A 580 -1.10 13.44 -38.93
N VAL A 581 -1.17 12.12 -38.84
CA VAL A 581 -0.80 11.39 -37.62
C VAL A 581 0.48 10.58 -37.78
N ASP A 582 1.46 10.85 -36.93
CA ASP A 582 2.73 10.14 -36.94
C ASP A 582 2.47 8.76 -36.33
N ASN A 583 2.26 7.76 -37.17
CA ASN A 583 1.98 6.41 -36.69
C ASN A 583 3.03 5.83 -35.74
N LYS A 584 4.21 6.47 -35.68
CA LYS A 584 5.29 6.04 -34.80
C LYS A 584 5.18 6.63 -33.40
N ARG A 585 4.40 7.70 -33.27
CA ARG A 585 4.21 8.36 -31.98
C ARG A 585 2.74 8.46 -31.60
N ILE A 586 2.15 7.34 -31.21
CA ILE A 586 0.74 7.28 -30.80
C ILE A 586 0.66 6.69 -29.39
N ALA A 587 0.12 7.46 -28.44
CA ALA A 587 0.00 7.01 -27.05
C ALA A 587 -1.45 6.86 -26.59
N ILE A 588 -1.63 6.31 -25.39
CA ILE A 588 -2.97 6.12 -24.86
C ILE A 588 -2.95 6.19 -23.33
N TRP A 589 -3.91 6.89 -22.75
CA TRP A 589 -4.00 7.01 -21.31
C TRP A 589 -5.46 7.10 -20.91
N GLY A 590 -5.73 6.78 -19.64
CA GLY A 590 -7.08 6.82 -19.14
C GLY A 590 -7.07 6.79 -17.63
N TRP A 591 -8.19 7.16 -17.04
CA TRP A 591 -8.31 7.19 -15.60
C TRP A 591 -9.49 6.29 -15.26
N SER A 592 -9.33 5.48 -14.21
CA SER A 592 -10.38 4.56 -13.77
C SER A 592 -10.74 3.54 -14.86
N TYR A 593 -11.93 3.66 -15.43
CA TYR A 593 -12.32 2.72 -16.46
C TYR A 593 -11.39 2.98 -17.62
N GLY A 594 -10.98 4.24 -17.77
CA GLY A 594 -10.09 4.63 -18.83
C GLY A 594 -8.75 3.92 -18.65
N GLY A 595 -8.33 3.77 -17.40
CA GLY A 595 -7.08 3.08 -17.11
C GLY A 595 -7.15 1.61 -17.52
N TYR A 596 -8.28 0.97 -17.22
CA TYR A 596 -8.46 -0.43 -17.57
C TYR A 596 -8.38 -0.63 -19.10
N VAL A 597 -9.12 0.16 -19.86
CA VAL A 597 -9.08 0.05 -21.31
C VAL A 597 -7.67 0.35 -21.81
N THR A 598 -6.99 1.31 -21.18
CA THR A 598 -5.63 1.66 -21.57
C THR A 598 -4.73 0.43 -21.39
N SER A 599 -4.85 -0.19 -20.21
CA SER A 599 -4.06 -1.37 -19.87
C SER A 599 -4.40 -2.55 -20.77
N MET A 600 -5.68 -2.73 -21.09
CA MET A 600 -6.08 -3.84 -21.95
C MET A 600 -5.53 -3.63 -23.37
N VAL A 601 -5.60 -2.39 -23.84
CA VAL A 601 -5.11 -2.03 -25.16
C VAL A 601 -3.60 -2.23 -25.24
N LEU A 602 -2.87 -1.71 -24.27
CA LEU A 602 -1.43 -1.86 -24.25
C LEU A 602 -1.04 -3.32 -24.20
N GLY A 603 -1.89 -4.15 -23.60
CA GLY A 603 -1.58 -5.56 -23.50
C GLY A 603 -2.30 -6.44 -24.52
N SER A 604 -2.73 -5.84 -25.63
CA SER A 604 -3.44 -6.59 -26.64
C SER A 604 -2.51 -7.06 -27.74
N GLY A 605 -1.30 -6.50 -27.78
CA GLY A 605 -0.34 -6.87 -28.80
C GLY A 605 -0.57 -6.18 -30.12
N SER A 606 -1.44 -5.18 -30.17
CA SER A 606 -1.73 -4.46 -31.41
C SER A 606 -0.48 -3.87 -32.06
N GLY A 607 0.42 -3.35 -31.23
CA GLY A 607 1.63 -2.73 -31.74
C GLY A 607 1.34 -1.32 -32.22
N VAL A 608 0.07 -0.93 -32.17
CA VAL A 608 -0.34 0.39 -32.63
C VAL A 608 0.16 1.50 -31.71
N PHE A 609 0.16 1.22 -30.42
CA PHE A 609 0.59 2.20 -29.43
C PHE A 609 2.02 2.01 -28.96
N LYS A 610 2.72 3.12 -28.79
CA LYS A 610 4.11 3.11 -28.36
C LYS A 610 4.20 3.06 -26.84
N CYS A 611 3.44 3.93 -26.17
CA CYS A 611 3.45 3.99 -24.73
C CYS A 611 2.05 4.32 -24.21
N GLY A 612 1.85 4.15 -22.91
CA GLY A 612 0.56 4.45 -22.31
C GLY A 612 0.62 4.73 -20.81
N ILE A 613 -0.35 5.48 -20.31
CA ILE A 613 -0.41 5.80 -18.89
C ILE A 613 -1.75 5.35 -18.33
N ALA A 614 -1.71 4.55 -17.27
CA ALA A 614 -2.93 4.06 -16.63
C ALA A 614 -3.06 4.63 -15.21
N VAL A 615 -4.14 5.38 -14.98
CA VAL A 615 -4.39 6.00 -13.67
C VAL A 615 -5.57 5.36 -12.95
N ALA A 616 -5.32 4.90 -11.72
CA ALA A 616 -6.31 4.24 -10.88
C ALA A 616 -7.24 3.34 -11.69
N PRO A 617 -6.67 2.41 -12.47
CA PRO A 617 -7.43 1.50 -13.31
C PRO A 617 -8.07 0.32 -12.60
N VAL A 618 -8.87 -0.42 -13.36
CA VAL A 618 -9.53 -1.62 -12.89
C VAL A 618 -8.66 -2.71 -13.52
N SER A 619 -8.26 -3.72 -12.75
CA SER A 619 -7.43 -4.80 -13.30
C SER A 619 -8.24 -6.07 -13.57
N ARG A 620 -9.16 -6.38 -12.66
CA ARG A 620 -10.03 -7.53 -12.83
C ARG A 620 -11.36 -7.19 -12.17
N TRP A 621 -12.45 -7.48 -12.86
CA TRP A 621 -13.76 -7.15 -12.35
C TRP A 621 -14.21 -7.68 -11.00
N GLU A 622 -13.62 -8.77 -10.53
CA GLU A 622 -14.04 -9.29 -9.23
C GLU A 622 -13.62 -8.34 -8.11
N TYR A 623 -12.72 -7.42 -8.43
CA TYR A 623 -12.24 -6.44 -7.45
C TYR A 623 -13.16 -5.22 -7.30
N TYR A 624 -14.00 -4.95 -8.30
CA TYR A 624 -14.88 -3.78 -8.20
C TYR A 624 -16.21 -4.12 -7.51
N ASP A 625 -16.96 -3.09 -7.12
CA ASP A 625 -18.22 -3.30 -6.42
C ASP A 625 -19.31 -3.98 -7.24
N SER A 626 -20.21 -4.63 -6.50
CA SER A 626 -21.32 -5.39 -7.06
C SER A 626 -22.28 -4.62 -7.96
N VAL A 627 -22.98 -3.63 -7.39
CA VAL A 627 -23.95 -2.84 -8.14
C VAL A 627 -23.52 -2.49 -9.54
N TYR A 628 -22.33 -1.89 -9.64
CA TYR A 628 -21.82 -1.47 -10.94
C TYR A 628 -21.41 -2.63 -11.84
N THR A 629 -20.44 -3.42 -11.37
CA THR A 629 -19.93 -4.54 -12.15
C THR A 629 -21.02 -5.48 -12.67
N GLU A 630 -21.66 -6.19 -11.74
CA GLU A 630 -22.70 -7.15 -12.05
C GLU A 630 -23.72 -6.58 -13.03
N ARG A 631 -23.86 -5.27 -13.06
CA ARG A 631 -24.81 -4.66 -13.98
C ARG A 631 -24.47 -5.03 -15.42
N TYR A 632 -23.19 -5.19 -15.70
CA TYR A 632 -22.76 -5.52 -17.04
C TYR A 632 -22.17 -6.91 -17.13
N MET A 633 -21.80 -7.47 -15.98
CA MET A 633 -21.16 -8.79 -15.97
C MET A 633 -21.92 -9.93 -15.31
N GLY A 634 -22.98 -9.61 -14.57
CA GLY A 634 -23.70 -10.67 -13.91
C GLY A 634 -22.83 -11.13 -12.77
N LEU A 635 -23.07 -12.34 -12.27
CA LEU A 635 -22.30 -12.87 -11.16
C LEU A 635 -21.10 -13.70 -11.61
N PRO A 636 -19.99 -13.62 -10.87
CA PRO A 636 -18.74 -14.34 -11.16
C PRO A 636 -18.82 -15.81 -10.77
N THR A 637 -19.88 -16.47 -11.21
CA THR A 637 -20.09 -17.89 -10.90
C THR A 637 -20.04 -18.72 -12.18
N PRO A 638 -19.50 -19.93 -12.09
CA PRO A 638 -19.44 -20.76 -13.30
C PRO A 638 -20.80 -20.98 -13.95
N GLU A 639 -21.88 -20.88 -13.17
CA GLU A 639 -23.21 -21.05 -13.73
C GLU A 639 -23.56 -19.83 -14.57
N ASP A 640 -22.94 -18.71 -14.24
CA ASP A 640 -23.23 -17.47 -14.96
C ASP A 640 -22.14 -16.97 -15.90
N ASN A 641 -21.43 -15.92 -15.51
CA ASN A 641 -20.41 -15.32 -16.36
C ASN A 641 -19.00 -15.37 -15.78
N LEU A 642 -18.74 -16.32 -14.88
CA LEU A 642 -17.42 -16.41 -14.27
C LEU A 642 -16.30 -16.51 -15.30
N ASP A 643 -16.56 -17.18 -16.42
CA ASP A 643 -15.53 -17.33 -17.44
C ASP A 643 -15.01 -16.01 -17.97
N HIS A 644 -15.90 -15.13 -18.40
CA HIS A 644 -15.45 -13.85 -18.93
C HIS A 644 -14.70 -13.07 -17.84
N TYR A 645 -15.21 -13.13 -16.61
CA TYR A 645 -14.57 -12.45 -15.48
C TYR A 645 -13.09 -12.80 -15.46
N ARG A 646 -12.81 -14.06 -15.69
CA ARG A 646 -11.44 -14.57 -15.71
C ARG A 646 -10.69 -14.18 -16.98
N ASN A 647 -11.40 -14.03 -18.08
CA ASN A 647 -10.80 -13.67 -19.38
C ASN A 647 -10.51 -12.17 -19.55
N SER A 648 -11.25 -11.34 -18.82
CA SER A 648 -11.09 -9.89 -18.97
C SER A 648 -10.21 -9.16 -17.95
N THR A 649 -9.22 -9.86 -17.40
CA THR A 649 -8.34 -9.22 -16.44
C THR A 649 -7.10 -8.65 -17.14
N VAL A 650 -6.52 -7.62 -16.54
CA VAL A 650 -5.34 -6.97 -17.10
C VAL A 650 -4.11 -7.89 -17.04
N MET A 651 -3.82 -8.39 -15.85
CA MET A 651 -2.67 -9.27 -15.62
C MET A 651 -2.48 -10.39 -16.64
N SER A 652 -3.59 -10.99 -17.08
CA SER A 652 -3.50 -12.08 -18.04
C SER A 652 -2.79 -11.61 -19.30
N ARG A 653 -2.75 -10.30 -19.51
CA ARG A 653 -2.11 -9.74 -20.69
C ARG A 653 -0.69 -9.24 -20.40
N ALA A 654 -0.19 -9.60 -19.23
CA ALA A 654 1.14 -9.18 -18.79
C ALA A 654 2.25 -9.36 -19.83
N GLU A 655 2.40 -10.58 -20.31
CA GLU A 655 3.43 -10.91 -21.28
C GLU A 655 3.46 -9.98 -22.50
N ASN A 656 2.34 -9.33 -22.80
CA ASN A 656 2.29 -8.45 -23.96
C ASN A 656 2.82 -7.04 -23.74
N PHE A 657 3.16 -6.70 -22.50
CA PHE A 657 3.66 -5.36 -22.21
C PHE A 657 5.14 -5.19 -22.53
N LYS A 658 5.77 -6.26 -23.00
CA LYS A 658 7.19 -6.20 -23.34
C LYS A 658 7.44 -5.29 -24.53
N GLN A 659 6.38 -4.99 -25.29
CA GLN A 659 6.50 -4.15 -26.49
C GLN A 659 6.02 -2.71 -26.30
N VAL A 660 5.78 -2.28 -25.08
CA VAL A 660 5.29 -0.92 -24.85
C VAL A 660 5.86 -0.32 -23.58
N GLU A 661 5.80 1.01 -23.49
CA GLU A 661 6.26 1.74 -22.30
C GLU A 661 5.01 2.03 -21.48
N TYR A 662 4.90 1.36 -20.34
CA TYR A 662 3.74 1.48 -19.47
C TYR A 662 4.04 2.29 -18.21
N LEU A 663 3.07 3.10 -17.79
CA LEU A 663 3.17 3.93 -16.59
C LEU A 663 1.95 3.63 -15.72
N LEU A 664 2.15 3.00 -14.56
CA LEU A 664 1.05 2.68 -13.64
C LEU A 664 0.99 3.71 -12.51
N ILE A 665 -0.15 4.38 -12.35
CA ILE A 665 -0.31 5.38 -11.31
C ILE A 665 -1.55 5.01 -10.50
N HIS A 666 -1.51 5.21 -9.18
CA HIS A 666 -2.63 4.86 -8.33
C HIS A 666 -2.51 5.44 -6.90
N GLY A 667 -3.63 5.88 -6.33
CA GLY A 667 -3.63 6.43 -4.99
C GLY A 667 -3.79 5.32 -3.96
N THR A 668 -2.92 5.30 -2.94
CA THR A 668 -2.96 4.25 -1.92
C THR A 668 -4.25 4.19 -1.12
N ALA A 669 -4.93 5.33 -0.99
CA ALA A 669 -6.17 5.38 -0.23
C ALA A 669 -7.40 5.47 -1.15
N ASP A 670 -7.29 4.90 -2.35
CA ASP A 670 -8.43 4.91 -3.27
C ASP A 670 -9.45 3.93 -2.68
N ASP A 671 -10.60 4.44 -2.27
CA ASP A 671 -11.65 3.62 -1.67
C ASP A 671 -12.58 3.05 -2.74
N ASN A 672 -12.54 3.66 -3.92
CA ASN A 672 -13.39 3.28 -5.04
C ASN A 672 -12.74 2.11 -5.78
N VAL A 673 -11.70 2.42 -6.56
CA VAL A 673 -10.94 1.41 -7.29
C VAL A 673 -9.71 1.19 -6.42
N HIS A 674 -9.78 0.17 -5.59
CA HIS A 674 -8.75 -0.16 -4.63
C HIS A 674 -7.33 -0.32 -5.18
N PHE A 675 -6.37 0.13 -4.38
CA PHE A 675 -4.96 0.05 -4.74
C PHE A 675 -4.62 -1.39 -5.11
N GLN A 676 -5.37 -2.33 -4.52
CA GLN A 676 -5.17 -3.74 -4.81
C GLN A 676 -5.16 -3.96 -6.31
N GLN A 677 -6.08 -3.29 -7.01
CA GLN A 677 -6.18 -3.42 -8.46
C GLN A 677 -4.82 -3.25 -9.15
N SER A 678 -4.14 -2.14 -8.87
CA SER A 678 -2.82 -1.90 -9.46
C SER A 678 -1.70 -2.72 -8.82
N ALA A 679 -1.89 -3.16 -7.57
CA ALA A 679 -0.86 -3.98 -6.92
C ALA A 679 -0.81 -5.34 -7.60
N GLN A 680 -1.92 -5.74 -8.23
CA GLN A 680 -1.96 -7.02 -8.94
C GLN A 680 -1.44 -6.85 -10.35
N ILE A 681 -1.61 -5.65 -10.91
CA ILE A 681 -1.11 -5.40 -12.24
C ILE A 681 0.40 -5.36 -12.15
N SER A 682 0.92 -4.69 -11.13
CA SER A 682 2.37 -4.58 -10.95
C SER A 682 3.00 -5.94 -10.67
N LYS A 683 2.31 -6.77 -9.90
CA LYS A 683 2.85 -8.07 -9.57
C LYS A 683 2.95 -8.99 -10.78
N ALA A 684 1.90 -8.97 -11.61
CA ALA A 684 1.84 -9.80 -12.81
C ALA A 684 2.96 -9.46 -13.79
N LEU A 685 3.20 -8.15 -13.94
CA LEU A 685 4.22 -7.64 -14.83
C LEU A 685 5.61 -8.00 -14.29
N VAL A 686 5.69 -8.21 -12.99
CA VAL A 686 6.96 -8.59 -12.39
C VAL A 686 7.18 -10.09 -12.56
N ASP A 687 6.08 -10.84 -12.62
CA ASP A 687 6.16 -12.30 -12.79
C ASP A 687 6.52 -12.69 -14.21
N VAL A 688 6.16 -11.84 -15.17
CA VAL A 688 6.43 -12.10 -16.57
C VAL A 688 7.77 -11.49 -16.98
N GLY A 689 8.28 -10.59 -16.15
CA GLY A 689 9.56 -9.97 -16.44
C GLY A 689 9.48 -8.72 -17.29
N VAL A 690 8.46 -7.91 -17.03
CA VAL A 690 8.29 -6.68 -17.78
C VAL A 690 8.64 -5.49 -16.91
N ASP A 691 9.54 -4.66 -17.42
CA ASP A 691 9.95 -3.46 -16.71
C ASP A 691 8.93 -2.38 -17.07
N PHE A 692 8.66 -1.49 -16.12
CA PHE A 692 7.70 -0.41 -16.35
C PHE A 692 7.92 0.74 -15.38
N GLN A 693 7.13 1.79 -15.55
CA GLN A 693 7.21 2.95 -14.70
C GLN A 693 6.05 2.90 -13.71
N ALA A 694 6.31 3.26 -12.47
CA ALA A 694 5.28 3.26 -11.44
C ALA A 694 5.29 4.54 -10.60
N MET A 695 4.13 4.86 -10.04
CA MET A 695 3.99 6.03 -9.19
C MET A 695 2.77 5.91 -8.31
N TRP A 696 2.99 5.74 -7.01
CA TRP A 696 1.90 5.63 -6.08
C TRP A 696 1.76 7.00 -5.40
N TYR A 697 0.60 7.26 -4.82
CA TYR A 697 0.35 8.51 -4.13
C TYR A 697 -0.24 8.14 -2.79
N THR A 698 0.59 8.22 -1.76
CA THR A 698 0.17 7.86 -0.43
C THR A 698 -0.99 8.71 0.09
N ASP A 699 -1.99 8.02 0.63
CA ASP A 699 -3.18 8.66 1.19
C ASP A 699 -4.08 9.41 0.19
N GLU A 700 -3.81 9.29 -1.10
CA GLU A 700 -4.66 9.96 -2.10
C GLU A 700 -5.84 9.06 -2.42
N ASP A 701 -7.01 9.66 -2.66
CA ASP A 701 -8.19 8.86 -2.99
C ASP A 701 -8.32 8.74 -4.51
N HIS A 702 -9.43 8.18 -4.97
CA HIS A 702 -9.59 8.00 -6.41
C HIS A 702 -9.37 9.25 -7.24
N GLY A 703 -9.73 10.41 -6.70
CA GLY A 703 -9.55 11.64 -7.44
C GLY A 703 -8.13 12.17 -7.61
N ILE A 704 -7.22 11.80 -6.69
CA ILE A 704 -5.83 12.28 -6.73
C ILE A 704 -5.90 13.79 -6.99
N ALA A 705 -6.87 14.42 -6.34
CA ALA A 705 -7.13 15.83 -6.52
C ALA A 705 -6.63 16.79 -5.43
N SER A 706 -5.86 16.29 -4.46
CA SER A 706 -5.36 17.17 -3.43
C SER A 706 -4.53 18.21 -4.20
N SER A 707 -4.40 19.40 -3.65
CA SER A 707 -3.64 20.44 -4.34
C SER A 707 -2.29 19.98 -4.87
N THR A 708 -1.45 19.43 -4.00
CA THR A 708 -0.12 19.01 -4.41
C THR A 708 -0.03 17.77 -5.28
N ALA A 709 -0.69 16.69 -4.86
CA ALA A 709 -0.68 15.44 -5.61
C ALA A 709 -1.14 15.69 -7.04
N HIS A 710 -2.08 16.63 -7.18
CA HIS A 710 -2.62 16.96 -8.49
C HIS A 710 -1.55 17.55 -9.40
N GLN A 711 -0.89 18.60 -8.92
CA GLN A 711 0.15 19.24 -9.72
C GLN A 711 1.29 18.25 -9.98
N HIS A 712 1.48 17.34 -9.04
CA HIS A 712 2.55 16.37 -9.15
C HIS A 712 2.27 15.25 -10.18
N ILE A 713 1.08 14.65 -10.13
CA ILE A 713 0.76 13.56 -11.06
C ILE A 713 0.79 14.03 -12.52
N TYR A 714 0.27 15.22 -12.79
CA TYR A 714 0.26 15.74 -14.15
C TYR A 714 1.64 16.16 -14.62
N THR A 715 2.55 16.38 -13.68
CA THR A 715 3.90 16.76 -14.04
C THR A 715 4.67 15.49 -14.38
N HIS A 716 4.39 14.41 -13.66
CA HIS A 716 5.05 13.14 -13.93
C HIS A 716 4.58 12.60 -15.28
N MET A 717 3.29 12.74 -15.54
CA MET A 717 2.71 12.27 -16.80
C MET A 717 3.22 13.03 -18.02
N SER A 718 3.35 14.34 -17.90
CA SER A 718 3.84 15.16 -19.01
C SER A 718 5.27 14.76 -19.40
N HIS A 719 6.13 14.55 -18.41
CA HIS A 719 7.51 14.16 -18.68
C HIS A 719 7.51 12.84 -19.46
N PHE A 720 6.67 11.92 -19.00
CA PHE A 720 6.53 10.62 -19.62
C PHE A 720 6.02 10.74 -21.07
N ILE A 721 4.95 11.49 -21.28
CA ILE A 721 4.40 11.64 -22.61
C ILE A 721 5.38 12.27 -23.59
N LYS A 722 5.98 13.40 -23.21
CA LYS A 722 6.93 14.04 -24.11
C LYS A 722 8.25 13.30 -24.25
N GLN A 723 8.53 12.39 -23.31
CA GLN A 723 9.74 11.59 -23.35
C GLN A 723 9.51 10.48 -24.37
N CYS A 724 8.28 9.98 -24.38
CA CYS A 724 7.89 8.92 -25.29
C CYS A 724 7.81 9.41 -26.73
N PHE A 725 7.43 10.68 -26.89
CA PHE A 725 7.30 11.26 -28.21
C PHE A 725 8.60 11.82 -28.76
N SER A 726 9.35 12.53 -27.91
CA SER A 726 10.62 13.08 -28.34
C SER A 726 11.65 11.95 -28.45
N SER B 1 37.00 -12.22 -28.23
CA SER B 1 36.39 -13.23 -27.32
C SER B 1 36.51 -12.72 -25.89
N ARG B 2 36.23 -13.59 -24.93
CA ARG B 2 36.31 -13.24 -23.50
C ARG B 2 35.28 -12.18 -23.11
N LYS B 3 34.02 -12.61 -23.05
CA LYS B 3 32.91 -11.74 -22.69
C LYS B 3 33.08 -11.14 -21.30
N THR B 4 32.12 -10.33 -20.88
CA THR B 4 32.17 -9.72 -19.56
C THR B 4 31.08 -10.32 -18.68
N TYR B 5 31.01 -9.84 -17.43
CA TYR B 5 30.01 -10.31 -16.47
C TYR B 5 28.74 -9.50 -16.68
N THR B 6 27.81 -10.06 -17.43
CA THR B 6 26.56 -9.40 -17.78
C THR B 6 25.48 -9.46 -16.71
N LEU B 7 24.56 -8.50 -16.80
CA LEU B 7 23.46 -8.43 -15.85
C LEU B 7 22.74 -9.78 -15.80
N THR B 8 22.48 -10.38 -16.96
CA THR B 8 21.81 -11.68 -16.97
C THR B 8 22.70 -12.68 -16.25
N ASP B 9 24.01 -12.58 -16.45
CA ASP B 9 24.94 -13.49 -15.78
C ASP B 9 24.67 -13.45 -14.27
N TYR B 10 24.47 -12.24 -13.75
CA TYR B 10 24.17 -12.03 -12.34
C TYR B 10 22.79 -12.57 -11.96
N LEU B 11 21.76 -12.05 -12.62
CA LEU B 11 20.38 -12.45 -12.37
C LEU B 11 20.10 -13.92 -12.62
N LYS B 12 20.74 -14.48 -13.63
CA LYS B 12 20.52 -15.88 -13.95
C LYS B 12 21.41 -16.81 -13.13
N ASN B 13 22.31 -16.23 -12.36
CA ASN B 13 23.23 -16.99 -11.52
C ASN B 13 23.99 -18.01 -12.36
N THR B 14 24.62 -17.53 -13.42
CA THR B 14 25.40 -18.39 -14.31
C THR B 14 26.64 -18.86 -13.57
N TYR B 15 27.40 -17.90 -13.06
CA TYR B 15 28.64 -18.20 -12.34
C TYR B 15 28.38 -18.36 -10.84
N ARG B 16 28.00 -19.58 -10.44
CA ARG B 16 27.68 -19.89 -9.05
C ARG B 16 28.88 -20.23 -8.17
N LEU B 17 28.77 -19.91 -6.88
CA LEU B 17 29.81 -20.21 -5.92
C LEU B 17 29.47 -21.51 -5.22
N LYS B 18 30.44 -22.42 -5.14
CA LYS B 18 30.21 -23.69 -4.46
C LYS B 18 30.43 -23.54 -2.97
N LEU B 19 29.56 -24.17 -2.18
CA LEU B 19 29.67 -24.09 -0.74
C LEU B 19 30.01 -25.48 -0.23
N TYR B 20 30.02 -25.62 1.09
CA TYR B 20 30.29 -26.90 1.72
C TYR B 20 29.72 -26.87 3.14
N SER B 21 28.40 -27.00 3.21
CA SER B 21 27.65 -26.98 4.45
C SER B 21 27.86 -28.25 5.25
N LEU B 22 28.53 -28.10 6.39
CA LEU B 22 28.82 -29.21 7.29
C LEU B 22 27.74 -29.31 8.37
N ARG B 23 27.90 -30.28 9.27
CA ARG B 23 26.97 -30.48 10.38
C ARG B 23 27.55 -31.57 11.26
N TRP B 24 28.36 -31.16 12.24
CA TRP B 24 29.00 -32.10 13.16
C TRP B 24 28.02 -32.81 14.08
N ILE B 25 27.90 -34.13 13.90
CA ILE B 25 27.00 -34.93 14.73
C ILE B 25 27.74 -35.47 15.94
N SER B 26 29.07 -35.56 15.82
CA SER B 26 29.90 -36.06 16.89
C SER B 26 31.17 -35.21 16.96
N ASP B 27 32.25 -35.81 17.45
CA ASP B 27 33.51 -35.10 17.57
C ASP B 27 34.49 -35.65 16.54
N HIS B 28 34.06 -36.66 15.80
CA HIS B 28 34.92 -37.30 14.80
C HIS B 28 34.25 -37.34 13.43
N GLU B 29 32.94 -37.19 13.40
CA GLU B 29 32.19 -37.25 12.16
C GLU B 29 31.24 -36.07 11.94
N TYR B 30 30.71 -35.97 10.72
CA TYR B 30 29.76 -34.93 10.36
C TYR B 30 28.91 -35.37 9.19
N LEU B 31 27.74 -34.74 9.02
CA LEU B 31 26.82 -35.07 7.95
C LEU B 31 26.93 -34.09 6.79
N TYR B 32 26.95 -34.61 5.56
CA TYR B 32 27.03 -33.78 4.36
C TYR B 32 25.80 -33.97 3.49
N LYS B 33 25.02 -32.89 3.34
CA LYS B 33 23.78 -32.90 2.57
C LYS B 33 24.04 -32.72 1.08
N GLN B 34 23.80 -33.77 0.29
CA GLN B 34 24.02 -33.71 -1.15
C GLN B 34 22.70 -33.72 -1.91
N GLU B 35 21.76 -32.87 -1.48
CA GLU B 35 20.45 -32.80 -2.11
C GLU B 35 19.81 -34.18 -2.06
N ASN B 36 19.98 -34.95 -3.12
CA ASN B 36 19.43 -36.30 -3.20
C ASN B 36 19.61 -37.07 -1.91
N ASN B 37 20.84 -37.46 -1.64
CA ASN B 37 21.17 -38.23 -0.45
C ASN B 37 22.05 -37.49 0.54
N ILE B 38 21.95 -37.86 1.81
CA ILE B 38 22.73 -37.24 2.88
C ILE B 38 23.59 -38.28 3.59
N LEU B 39 24.87 -38.34 3.22
CA LEU B 39 25.80 -39.29 3.80
C LEU B 39 26.61 -38.69 4.94
N VAL B 40 27.35 -39.54 5.65
CA VAL B 40 28.17 -39.11 6.78
C VAL B 40 29.66 -39.25 6.45
N PHE B 41 30.49 -38.39 7.03
CA PHE B 41 31.92 -38.43 6.79
C PHE B 41 32.77 -38.65 8.04
N ASN B 42 33.95 -39.21 7.83
CA ASN B 42 34.88 -39.48 8.91
C ASN B 42 36.01 -38.45 8.82
N ALA B 43 35.94 -37.42 9.65
CA ALA B 43 36.95 -36.35 9.65
C ALA B 43 38.37 -36.86 9.52
N GLU B 44 38.66 -37.94 10.25
CA GLU B 44 39.97 -38.55 10.26
C GLU B 44 40.53 -38.88 8.87
N TYR B 45 39.90 -39.82 8.16
CA TYR B 45 40.40 -40.19 6.85
C TYR B 45 39.62 -39.59 5.70
N GLY B 46 38.33 -39.32 5.93
CA GLY B 46 37.51 -38.74 4.88
C GLY B 46 36.58 -39.77 4.26
N ASN B 47 36.38 -40.87 4.97
CA ASN B 47 35.49 -41.95 4.51
C ASN B 47 34.12 -41.44 4.09
N SER B 48 33.59 -42.01 3.02
CA SER B 48 32.26 -41.65 2.56
C SER B 48 31.29 -42.34 3.52
N SER B 49 30.59 -43.37 3.04
CA SER B 49 29.64 -44.11 3.86
C SER B 49 28.35 -43.32 4.08
N VAL B 50 27.31 -43.73 3.35
CA VAL B 50 26.01 -43.07 3.41
C VAL B 50 25.30 -43.33 4.74
N PHE B 51 24.73 -42.28 5.29
CA PHE B 51 24.00 -42.36 6.55
C PHE B 51 22.51 -42.44 6.27
N LEU B 52 22.10 -41.80 5.18
CA LEU B 52 20.71 -41.78 4.78
C LEU B 52 20.69 -41.36 3.31
N GLU B 53 19.96 -42.08 2.48
CA GLU B 53 19.92 -41.74 1.06
C GLU B 53 18.58 -41.28 0.50
N ASN B 54 18.64 -40.80 -0.74
CA ASN B 54 17.48 -40.29 -1.47
C ASN B 54 16.24 -41.16 -1.37
N SER B 55 16.33 -42.40 -1.84
CA SER B 55 15.20 -43.31 -1.82
C SER B 55 14.68 -43.61 -0.42
N THR B 56 15.57 -43.58 0.57
CA THR B 56 15.21 -43.87 1.96
C THR B 56 13.95 -43.14 2.42
N PHE B 57 13.52 -42.16 1.64
CA PHE B 57 12.33 -41.39 1.96
C PHE B 57 11.50 -41.02 0.75
N ASP B 58 11.29 -41.99 -0.13
CA ASP B 58 10.49 -41.78 -1.34
C ASP B 58 9.07 -42.25 -1.01
N GLU B 59 8.21 -42.28 -2.01
CA GLU B 59 6.83 -42.74 -1.81
C GLU B 59 6.22 -42.05 -0.59
N PHE B 60 6.72 -40.86 -0.28
CA PHE B 60 6.26 -40.10 0.89
C PHE B 60 5.24 -39.01 0.52
N GLY B 61 5.37 -38.47 -0.68
CA GLY B 61 4.45 -37.43 -1.13
C GLY B 61 4.96 -36.03 -0.82
N HIS B 62 4.94 -35.68 0.46
CA HIS B 62 5.37 -34.36 0.91
C HIS B 62 6.89 -34.22 0.79
N SER B 63 7.33 -33.19 0.07
CA SER B 63 8.75 -32.93 -0.11
C SER B 63 9.35 -32.47 1.22
N ILE B 64 10.33 -33.22 1.73
CA ILE B 64 11.00 -32.90 3.00
C ILE B 64 11.83 -31.63 2.92
N ASN B 65 11.28 -30.53 3.43
CA ASN B 65 11.98 -29.26 3.40
C ASN B 65 13.29 -29.26 4.17
N ASP B 66 13.35 -30.02 5.25
CA ASP B 66 14.58 -30.10 6.03
C ASP B 66 14.56 -31.28 6.99
N TYR B 67 15.69 -31.51 7.64
CA TYR B 67 15.83 -32.61 8.58
C TYR B 67 16.45 -32.14 9.89
N SER B 68 16.63 -33.09 10.80
CA SER B 68 17.23 -32.82 12.10
C SER B 68 17.27 -34.15 12.84
N ILE B 69 18.47 -34.67 13.07
CA ILE B 69 18.60 -35.94 13.74
C ILE B 69 18.83 -35.78 15.24
N SER B 70 18.20 -36.64 16.02
CA SER B 70 18.34 -36.58 17.47
C SER B 70 19.81 -36.83 17.83
N PRO B 71 20.24 -36.34 19.00
CA PRO B 71 21.63 -36.52 19.43
C PRO B 71 22.02 -37.98 19.55
N ASP B 72 21.21 -38.75 20.28
CA ASP B 72 21.46 -40.18 20.48
C ASP B 72 21.45 -40.92 19.15
N GLY B 73 21.10 -40.20 18.09
CA GLY B 73 21.06 -40.78 16.76
C GLY B 73 20.07 -41.90 16.48
N GLN B 74 18.96 -41.95 17.22
CA GLN B 74 17.98 -43.00 17.00
C GLN B 74 16.79 -42.52 16.18
N PHE B 75 16.50 -41.23 16.26
CA PHE B 75 15.36 -40.70 15.53
C PHE B 75 15.76 -39.57 14.59
N ILE B 76 14.82 -39.20 13.73
CA ILE B 76 15.07 -38.12 12.80
C ILE B 76 13.76 -37.35 12.55
N LEU B 77 13.81 -36.04 12.81
CA LEU B 77 12.65 -35.19 12.63
C LEU B 77 12.59 -34.77 11.16
N LEU B 78 11.41 -34.90 10.56
CA LEU B 78 11.22 -34.54 9.16
C LEU B 78 10.38 -33.29 9.05
N GLU B 79 11.00 -32.21 8.59
CA GLU B 79 10.34 -30.93 8.44
C GLU B 79 9.73 -30.70 7.06
N TYR B 80 8.41 -30.76 6.99
CA TYR B 80 7.74 -30.52 5.72
C TYR B 80 6.64 -29.47 5.91
N ASN B 81 6.01 -29.06 4.82
CA ASN B 81 4.98 -28.04 4.91
C ASN B 81 5.56 -26.83 5.62
N TYR B 82 6.70 -26.37 5.12
CA TYR B 82 7.39 -25.23 5.70
C TYR B 82 6.70 -23.96 5.23
N VAL B 83 6.49 -23.04 6.17
CA VAL B 83 5.86 -21.76 5.84
C VAL B 83 6.56 -20.63 6.56
N LYS B 84 7.53 -20.05 5.88
CA LYS B 84 8.31 -18.95 6.42
C LYS B 84 7.44 -17.85 7.01
N GLN B 85 7.99 -17.14 7.98
CA GLN B 85 7.30 -16.01 8.59
C GLN B 85 8.28 -14.84 8.53
N TRP B 86 9.01 -14.59 9.61
CA TRP B 86 9.97 -13.50 9.64
C TRP B 86 11.36 -14.01 9.30
N ARG B 87 12.39 -13.29 9.69
CA ARG B 87 13.76 -13.72 9.37
C ARG B 87 14.07 -15.16 9.76
N HIS B 88 13.89 -15.54 11.01
CA HIS B 88 14.20 -16.90 11.43
C HIS B 88 12.99 -17.77 11.70
N SER B 89 11.88 -17.12 12.03
CA SER B 89 10.64 -17.79 12.34
C SER B 89 9.98 -18.41 11.12
N TYR B 90 9.24 -19.49 11.33
CA TYR B 90 8.50 -20.18 10.27
C TYR B 90 7.63 -21.28 10.85
N THR B 91 6.44 -21.48 10.30
CA THR B 91 5.58 -22.55 10.78
C THR B 91 5.79 -23.77 9.89
N ALA B 92 5.56 -24.97 10.43
CA ALA B 92 5.77 -26.17 9.64
C ALA B 92 5.25 -27.48 10.26
N SER B 93 5.22 -28.52 9.44
CA SER B 93 4.77 -29.84 9.88
C SER B 93 5.97 -30.72 10.17
N TYR B 94 5.79 -31.65 11.09
CA TYR B 94 6.88 -32.54 11.45
C TYR B 94 6.44 -33.98 11.68
N ASP B 95 7.31 -34.91 11.27
CA ASP B 95 7.10 -36.35 11.44
C ASP B 95 8.44 -36.90 11.93
N ILE B 96 8.39 -37.80 12.89
CA ILE B 96 9.62 -38.38 13.41
C ILE B 96 9.78 -39.78 12.85
N TYR B 97 11.00 -40.11 12.45
CA TYR B 97 11.28 -41.42 11.88
C TYR B 97 12.22 -42.19 12.79
N ASP B 98 11.88 -43.45 13.06
CA ASP B 98 12.67 -44.31 13.92
C ASP B 98 13.75 -45.00 13.10
N LEU B 99 15.01 -44.82 13.49
CA LEU B 99 16.12 -45.43 12.77
C LEU B 99 16.47 -46.82 13.28
N ASN B 100 15.94 -47.17 14.44
CA ASN B 100 16.22 -48.48 15.03
C ASN B 100 15.28 -49.55 14.49
N LYS B 101 14.28 -49.13 13.73
CA LYS B 101 13.33 -50.07 13.15
C LYS B 101 12.89 -49.62 11.78
N ARG B 102 13.62 -48.63 11.24
CA ARG B 102 13.33 -48.09 9.92
C ARG B 102 11.83 -47.81 9.72
N GLN B 103 11.14 -47.46 10.80
CA GLN B 103 9.71 -47.18 10.74
C GLN B 103 9.36 -45.72 11.06
N LEU B 104 8.38 -45.19 10.34
CA LEU B 104 7.93 -43.83 10.54
C LEU B 104 6.90 -43.80 11.67
N ILE B 105 7.27 -43.23 12.81
CA ILE B 105 6.37 -43.14 13.96
C ILE B 105 5.06 -42.47 13.57
N THR B 106 3.93 -43.13 13.82
CA THR B 106 2.63 -42.58 13.46
C THR B 106 1.72 -42.20 14.61
N GLU B 107 2.10 -42.56 15.83
CA GLU B 107 1.29 -42.24 16.99
C GLU B 107 1.63 -40.88 17.58
N GLU B 108 0.60 -40.21 18.12
CA GLU B 108 0.77 -38.91 18.76
C GLU B 108 1.67 -37.94 18.01
N ARG B 109 1.49 -37.85 16.69
CA ARG B 109 2.30 -36.96 15.87
C ARG B 109 2.30 -35.53 16.40
N ILE B 110 3.32 -34.78 16.00
CA ILE B 110 3.44 -33.39 16.40
C ILE B 110 2.41 -32.64 15.56
N PRO B 111 1.71 -31.68 16.18
CA PRO B 111 0.68 -30.89 15.51
C PRO B 111 1.17 -30.20 14.25
N ASN B 112 0.29 -30.08 13.26
CA ASN B 112 0.66 -29.38 12.05
C ASN B 112 0.69 -27.93 12.48
N ASN B 113 1.33 -27.08 11.68
CA ASN B 113 1.41 -25.68 12.02
C ASN B 113 2.08 -25.44 13.38
N THR B 114 3.14 -26.19 13.64
CA THR B 114 3.90 -26.07 14.87
C THR B 114 4.95 -24.98 14.64
N GLN B 115 5.15 -24.11 15.63
CA GLN B 115 6.09 -23.01 15.49
C GLN B 115 7.55 -23.33 15.70
N TRP B 116 7.86 -24.27 16.57
CA TRP B 116 9.25 -24.61 16.81
C TRP B 116 9.43 -25.94 17.49
N VAL B 117 10.39 -26.70 17.00
CA VAL B 117 10.70 -28.01 17.57
C VAL B 117 12.16 -27.99 17.96
N THR B 118 12.47 -28.56 19.13
CA THR B 118 13.85 -28.62 19.61
C THR B 118 14.14 -30.00 20.17
N TRP B 119 15.24 -30.61 19.74
CA TRP B 119 15.63 -31.91 20.28
C TRP B 119 16.33 -31.54 21.59
N SER B 120 16.36 -32.47 22.53
CA SER B 120 17.07 -32.19 23.76
C SER B 120 18.52 -32.31 23.34
N PRO B 121 19.44 -31.67 24.07
CA PRO B 121 20.86 -31.74 23.72
C PRO B 121 21.47 -33.13 23.91
N VAL B 122 20.79 -33.99 24.65
CA VAL B 122 21.25 -35.35 24.90
C VAL B 122 20.07 -36.30 24.92
N GLY B 123 20.19 -37.42 24.21
CA GLY B 123 19.10 -38.38 24.18
C GLY B 123 18.17 -38.12 23.01
N HIS B 124 16.87 -38.25 23.22
CA HIS B 124 15.91 -38.02 22.16
C HIS B 124 14.60 -37.36 22.61
N LYS B 125 14.66 -36.56 23.66
CA LYS B 125 13.48 -35.85 24.15
C LYS B 125 13.16 -34.72 23.19
N LEU B 126 11.89 -34.32 23.14
CA LEU B 126 11.45 -33.24 22.24
C LEU B 126 10.72 -32.13 22.97
N ALA B 127 10.88 -30.91 22.47
CA ALA B 127 10.22 -29.74 23.04
C ALA B 127 9.76 -28.93 21.85
N TYR B 128 8.48 -28.58 21.81
CA TYR B 128 7.98 -27.82 20.69
C TYR B 128 6.94 -26.78 21.11
N VAL B 129 6.71 -25.80 20.24
CA VAL B 129 5.74 -24.75 20.53
C VAL B 129 4.59 -24.80 19.55
N TRP B 130 3.37 -24.89 20.09
CA TRP B 130 2.17 -24.94 19.28
C TRP B 130 1.13 -24.00 19.89
N ASN B 131 0.70 -23.04 19.09
CA ASN B 131 -0.28 -22.06 19.53
C ASN B 131 0.27 -21.23 20.67
N ASN B 132 1.58 -20.98 20.61
CA ASN B 132 2.29 -20.20 21.61
C ASN B 132 2.39 -20.90 22.96
N ASP B 133 2.27 -22.22 22.94
CA ASP B 133 2.37 -23.00 24.16
C ASP B 133 3.41 -24.10 24.00
N ILE B 134 4.19 -24.31 25.05
CA ILE B 134 5.24 -25.31 25.02
C ILE B 134 4.74 -26.70 25.37
N TYR B 135 5.21 -27.69 24.62
CA TYR B 135 4.83 -29.08 24.86
C TYR B 135 6.11 -29.90 24.95
N VAL B 136 6.07 -31.00 25.68
CA VAL B 136 7.25 -31.84 25.82
C VAL B 136 6.97 -33.32 25.61
N LYS B 137 7.80 -33.94 24.76
CA LYS B 137 7.73 -35.36 24.42
C LYS B 137 8.89 -36.11 25.06
N ILE B 138 8.64 -37.01 26.00
CA ILE B 138 9.73 -37.76 26.60
C ILE B 138 10.17 -38.87 25.63
N GLU B 139 9.21 -39.45 24.93
CA GLU B 139 9.43 -40.50 23.95
C GLU B 139 8.72 -40.05 22.67
N PRO B 140 9.42 -40.09 21.53
CA PRO B 140 8.88 -39.68 20.23
C PRO B 140 7.49 -40.18 19.87
N ASN B 141 7.09 -41.31 20.44
CA ASN B 141 5.78 -41.87 20.10
C ASN B 141 4.68 -41.66 21.15
N LEU B 142 5.08 -41.39 22.39
CA LEU B 142 4.13 -41.18 23.48
C LEU B 142 3.50 -39.79 23.47
N PRO B 143 2.32 -39.64 24.09
CA PRO B 143 1.70 -38.31 24.11
C PRO B 143 2.59 -37.29 24.81
N SER B 144 2.52 -36.02 24.36
CA SER B 144 3.34 -34.98 24.98
C SER B 144 2.67 -34.30 26.17
N TYR B 145 3.47 -33.56 26.94
CA TYR B 145 2.99 -32.85 28.11
C TYR B 145 2.89 -31.34 27.88
N ARG B 146 1.74 -30.75 28.21
CA ARG B 146 1.58 -29.32 28.04
C ARG B 146 2.35 -28.67 29.17
N ILE B 147 3.13 -27.64 28.85
CA ILE B 147 3.91 -26.95 29.85
C ILE B 147 3.32 -25.60 30.22
N THR B 148 2.68 -24.95 29.24
CA THR B 148 2.08 -23.64 29.46
C THR B 148 0.66 -23.57 28.91
N TRP B 149 -0.19 -22.82 29.59
CA TRP B 149 -1.58 -22.68 29.17
C TRP B 149 -1.95 -21.21 28.87
N THR B 150 -0.99 -20.33 29.07
CA THR B 150 -1.20 -18.89 28.88
C THR B 150 -1.02 -18.44 27.45
N GLY B 151 -0.50 -19.32 26.60
CA GLY B 151 -0.28 -18.98 25.20
C GLY B 151 -1.48 -18.35 24.54
N LYS B 152 -1.25 -17.24 23.85
CA LYS B 152 -2.32 -16.53 23.15
C LYS B 152 -1.75 -15.76 21.96
N GLU B 153 -2.32 -16.01 20.80
CA GLU B 153 -1.89 -15.40 19.54
C GLU B 153 -1.71 -13.88 19.62
N ASP B 154 -0.55 -13.42 19.15
CA ASP B 154 -0.20 -12.01 19.16
C ASP B 154 -0.24 -11.37 20.54
N ILE B 155 -0.39 -12.18 21.59
CA ILE B 155 -0.44 -11.62 22.95
C ILE B 155 0.55 -12.25 23.92
N ILE B 156 0.49 -13.56 24.07
CA ILE B 156 1.40 -14.23 24.97
C ILE B 156 2.22 -15.26 24.27
N TYR B 157 3.53 -15.12 24.39
CA TYR B 157 4.46 -16.04 23.76
C TYR B 157 5.29 -16.83 24.78
N ASN B 158 5.24 -18.15 24.67
CA ASN B 158 5.98 -19.05 25.54
C ASN B 158 6.87 -19.91 24.63
N GLY B 159 8.18 -19.91 24.89
CA GLY B 159 9.09 -20.71 24.07
C GLY B 159 9.46 -20.09 22.74
N ILE B 160 8.74 -19.03 22.37
CA ILE B 160 9.02 -18.32 21.12
C ILE B 160 9.05 -16.83 21.39
N THR B 161 9.95 -16.16 20.68
CA THR B 161 10.15 -14.73 20.79
C THR B 161 9.06 -14.01 19.99
N ASP B 162 8.89 -12.72 20.25
CA ASP B 162 7.91 -11.97 19.48
C ASP B 162 8.71 -11.38 18.33
N TRP B 163 8.11 -10.49 17.55
CA TRP B 163 8.82 -9.92 16.40
C TRP B 163 10.12 -9.23 16.78
N VAL B 164 10.04 -8.29 17.71
CA VAL B 164 11.22 -7.54 18.12
C VAL B 164 12.29 -8.43 18.74
N TYR B 165 11.92 -9.30 19.66
CA TYR B 165 12.91 -10.17 20.28
C TYR B 165 13.59 -11.10 19.28
N GLU B 166 12.90 -11.45 18.19
CA GLU B 166 13.46 -12.35 17.19
C GLU B 166 14.50 -11.68 16.30
N GLU B 167 14.17 -10.50 15.81
CA GLU B 167 15.03 -9.74 14.93
C GLU B 167 16.14 -8.95 15.61
N GLU B 168 15.81 -8.26 16.69
CA GLU B 168 16.77 -7.41 17.38
C GLU B 168 17.46 -7.92 18.63
N VAL B 169 16.74 -8.66 19.46
CA VAL B 169 17.31 -9.16 20.71
C VAL B 169 18.05 -10.50 20.59
N PHE B 170 17.29 -11.59 20.44
CA PHE B 170 17.86 -12.93 20.32
C PHE B 170 18.30 -13.29 18.91
N SER B 171 18.08 -12.38 17.96
CA SER B 171 18.43 -12.64 16.57
C SER B 171 18.12 -14.13 16.27
N ALA B 172 17.02 -14.60 16.85
CA ALA B 172 16.56 -15.98 16.68
C ALA B 172 15.10 -16.10 17.12
N TYR B 173 14.44 -17.17 16.72
CA TYR B 173 13.03 -17.39 17.07
C TYR B 173 12.83 -18.17 18.35
N SER B 174 13.61 -19.25 18.50
CA SER B 174 13.53 -20.11 19.68
C SER B 174 13.75 -19.36 20.97
N ALA B 175 12.82 -19.54 21.90
CA ALA B 175 12.91 -18.88 23.20
C ALA B 175 12.97 -19.93 24.30
N LEU B 176 13.63 -21.05 24.02
CA LEU B 176 13.77 -22.12 25.00
C LEU B 176 15.16 -22.72 24.99
N TRP B 177 15.63 -23.07 26.18
CA TRP B 177 16.97 -23.60 26.36
C TRP B 177 17.03 -24.86 27.21
N TRP B 178 17.28 -26.01 26.58
CA TRP B 178 17.39 -27.27 27.31
C TRP B 178 18.71 -27.25 28.09
N SER B 179 18.70 -27.78 29.30
CA SER B 179 19.93 -27.83 30.10
C SER B 179 20.84 -28.82 29.37
N PRO B 180 22.17 -28.65 29.49
CA PRO B 180 23.09 -29.56 28.80
C PRO B 180 22.71 -31.04 28.87
N ASN B 181 22.25 -31.44 30.03
CA ASN B 181 21.86 -32.82 30.30
C ASN B 181 20.51 -33.19 29.68
N GLY B 182 19.54 -32.29 29.83
CA GLY B 182 18.21 -32.53 29.29
C GLY B 182 17.18 -32.58 30.40
N THR B 183 17.63 -32.42 31.65
CA THR B 183 16.75 -32.45 32.82
C THR B 183 15.84 -31.22 32.89
N PHE B 184 16.44 -30.04 32.91
CA PHE B 184 15.64 -28.83 32.99
C PHE B 184 15.35 -28.24 31.62
N LEU B 185 14.27 -27.47 31.54
CA LEU B 185 13.87 -26.81 30.31
C LEU B 185 13.55 -25.37 30.72
N ALA B 186 14.39 -24.44 30.28
CA ALA B 186 14.23 -23.03 30.59
C ALA B 186 13.57 -22.30 29.43
N TYR B 187 12.67 -21.38 29.73
CA TYR B 187 12.00 -20.65 28.66
C TYR B 187 11.55 -19.28 29.08
N ALA B 188 11.47 -18.38 28.10
CA ALA B 188 11.02 -17.03 28.36
C ALA B 188 9.59 -16.87 27.85
N GLN B 189 8.87 -15.95 28.47
CA GLN B 189 7.49 -15.66 28.11
C GLN B 189 7.39 -14.19 27.80
N PHE B 190 6.73 -13.88 26.70
CA PHE B 190 6.59 -12.51 26.30
C PHE B 190 5.13 -12.09 26.26
N ASN B 191 4.84 -10.99 26.93
CA ASN B 191 3.50 -10.44 27.01
C ASN B 191 3.43 -9.21 26.12
N ASP B 192 2.69 -9.30 25.03
CA ASP B 192 2.56 -8.19 24.10
C ASP B 192 1.17 -7.55 24.13
N THR B 193 0.49 -7.72 25.25
CA THR B 193 -0.86 -7.17 25.45
C THR B 193 -0.93 -5.70 25.07
N GLU B 194 0.00 -4.93 25.64
CA GLU B 194 0.08 -3.49 25.44
C GLU B 194 0.90 -3.00 24.24
N VAL B 195 1.49 -3.90 23.47
CA VAL B 195 2.29 -3.47 22.33
C VAL B 195 1.47 -3.14 21.09
N PRO B 196 1.66 -1.94 20.51
CA PRO B 196 0.91 -1.53 19.31
C PRO B 196 1.18 -2.48 18.15
N LEU B 197 0.19 -2.60 17.26
CA LEU B 197 0.27 -3.48 16.11
C LEU B 197 0.57 -2.74 14.79
N ILE B 198 1.61 -3.15 14.08
CA ILE B 198 1.89 -2.52 12.78
C ILE B 198 0.92 -3.23 11.85
N GLU B 199 0.23 -2.47 11.02
CA GLU B 199 -0.74 -3.07 10.11
C GLU B 199 -0.48 -2.61 8.69
N TYR B 200 -0.54 -3.53 7.75
CA TYR B 200 -0.33 -3.23 6.34
C TYR B 200 -1.12 -4.23 5.53
N SER B 201 -1.47 -3.87 4.30
CA SER B 201 -2.24 -4.76 3.44
C SER B 201 -1.36 -5.80 2.78
N PHE B 202 -1.95 -6.96 2.49
CA PHE B 202 -1.25 -8.04 1.80
C PHE B 202 -2.24 -8.54 0.74
N TYR B 203 -1.89 -8.38 -0.53
CA TYR B 203 -2.78 -8.74 -1.61
C TYR B 203 -2.87 -10.20 -2.04
N SER B 204 -1.81 -10.98 -1.83
CA SER B 204 -1.85 -12.39 -2.21
C SER B 204 -2.02 -12.55 -3.73
N ASP B 205 -2.50 -13.71 -4.16
CA ASP B 205 -2.72 -13.98 -5.59
C ASP B 205 -3.99 -13.28 -6.07
N GLU B 206 -4.09 -13.04 -7.38
CA GLU B 206 -5.26 -12.39 -7.96
C GLU B 206 -6.55 -13.02 -7.43
N SER B 207 -6.51 -14.32 -7.20
CA SER B 207 -7.66 -15.06 -6.73
C SER B 207 -8.28 -14.49 -5.45
N LEU B 208 -7.48 -13.84 -4.60
CA LEU B 208 -7.99 -13.27 -3.36
C LEU B 208 -8.85 -12.06 -3.68
N GLN B 209 -10.16 -12.17 -3.46
CA GLN B 209 -11.04 -11.06 -3.74
C GLN B 209 -10.83 -9.86 -2.83
N TYR B 210 -10.58 -10.12 -1.55
CA TYR B 210 -10.35 -9.03 -0.62
C TYR B 210 -8.95 -9.04 -0.03
N PRO B 211 -8.22 -7.92 -0.15
CA PRO B 211 -6.88 -7.86 0.41
C PRO B 211 -6.93 -8.25 1.88
N LYS B 212 -5.83 -8.78 2.40
CA LYS B 212 -5.78 -9.15 3.80
C LYS B 212 -4.98 -8.10 4.56
N THR B 213 -5.27 -7.95 5.84
CA THR B 213 -4.53 -6.99 6.64
C THR B 213 -3.65 -7.73 7.63
N VAL B 214 -2.34 -7.63 7.45
CA VAL B 214 -1.39 -8.27 8.33
C VAL B 214 -1.13 -7.32 9.49
N ARG B 215 -1.32 -7.80 10.71
CA ARG B 215 -1.07 -6.97 11.89
C ARG B 215 -0.14 -7.71 12.83
N VAL B 216 0.99 -7.07 13.12
CA VAL B 216 2.00 -7.68 13.98
C VAL B 216 2.39 -6.81 15.17
N PRO B 217 2.52 -7.40 16.37
CA PRO B 217 2.90 -6.60 17.54
C PRO B 217 4.32 -6.12 17.24
N TYR B 218 4.47 -4.81 17.07
CA TYR B 218 5.76 -4.23 16.72
C TYR B 218 5.93 -2.90 17.45
N PRO B 219 6.82 -2.85 18.44
CA PRO B 219 7.05 -1.61 19.18
C PRO B 219 8.00 -0.65 18.48
N LYS B 220 7.51 0.54 18.15
CA LYS B 220 8.32 1.54 17.51
C LYS B 220 9.04 2.37 18.58
N ALA B 221 9.92 3.26 18.14
CA ALA B 221 10.67 4.12 19.03
C ALA B 221 9.84 4.73 20.13
N GLY B 222 10.21 4.41 21.38
CA GLY B 222 9.53 4.97 22.53
C GLY B 222 8.14 4.45 22.83
N ALA B 223 7.64 3.54 22.00
CA ALA B 223 6.31 2.98 22.21
C ALA B 223 6.32 2.01 23.39
N VAL B 224 5.19 1.36 23.62
CA VAL B 224 5.08 0.40 24.72
C VAL B 224 5.75 -0.91 24.33
N ASN B 225 6.78 -1.30 25.10
CA ASN B 225 7.51 -2.55 24.84
C ASN B 225 6.90 -3.77 25.51
N PRO B 226 7.11 -4.96 24.92
CA PRO B 226 6.57 -6.17 25.54
C PRO B 226 7.29 -6.36 26.87
N THR B 227 6.72 -7.18 27.74
CA THR B 227 7.34 -7.44 29.03
C THR B 227 7.85 -8.87 28.96
N VAL B 228 8.73 -9.27 29.87
CA VAL B 228 9.27 -10.63 29.81
C VAL B 228 9.39 -11.33 31.16
N LYS B 229 9.28 -12.66 31.12
CA LYS B 229 9.42 -13.50 32.31
C LYS B 229 10.25 -14.72 31.94
N PHE B 230 10.94 -15.27 32.92
CA PHE B 230 11.77 -16.44 32.68
C PHE B 230 11.36 -17.59 33.60
N PHE B 231 11.25 -18.79 33.03
CA PHE B 231 10.86 -19.97 33.80
C PHE B 231 11.76 -21.17 33.53
N VAL B 232 11.86 -22.05 34.52
CA VAL B 232 12.67 -23.27 34.41
C VAL B 232 11.91 -24.43 35.03
N VAL B 233 11.53 -25.38 34.19
CA VAL B 233 10.77 -26.54 34.64
C VAL B 233 11.61 -27.82 34.51
N ASN B 234 11.39 -28.77 35.42
CA ASN B 234 12.13 -30.03 35.41
C ASN B 234 11.34 -31.08 34.63
N THR B 235 11.87 -31.47 33.46
CA THR B 235 11.17 -32.44 32.63
C THR B 235 11.17 -33.87 33.18
N ASP B 236 12.08 -34.19 34.08
CA ASP B 236 12.11 -35.54 34.65
C ASP B 236 10.92 -35.76 35.60
N SER B 237 10.30 -34.68 36.06
CA SER B 237 9.17 -34.79 36.97
C SER B 237 7.83 -34.96 36.24
N LEU B 238 7.86 -34.78 34.92
CA LEU B 238 6.66 -34.90 34.10
C LEU B 238 5.93 -36.24 34.26
N SER B 239 6.67 -37.33 34.32
CA SER B 239 6.08 -38.65 34.46
C SER B 239 5.82 -38.98 35.93
N SER B 240 5.54 -37.97 36.74
CA SER B 240 5.31 -38.23 38.15
C SER B 240 4.24 -37.36 38.78
N VAL B 241 3.94 -36.22 38.15
CA VAL B 241 2.96 -35.33 38.72
C VAL B 241 1.70 -35.04 37.93
N THR B 242 1.84 -34.81 36.62
CA THR B 242 0.72 -34.50 35.73
C THR B 242 0.81 -33.07 35.25
N ASN B 243 1.37 -32.22 36.11
CA ASN B 243 1.53 -30.81 35.81
C ASN B 243 2.74 -30.26 36.58
N ALA B 244 3.93 -30.47 36.02
CA ALA B 244 5.16 -30.00 36.65
C ALA B 244 5.06 -28.50 36.79
N THR B 245 5.58 -27.97 37.89
CA THR B 245 5.51 -26.53 38.08
C THR B 245 6.76 -25.84 37.55
N SER B 246 6.54 -24.80 36.76
CA SER B 246 7.63 -24.04 36.18
C SER B 246 8.08 -23.01 37.20
N ILE B 247 9.32 -23.11 37.63
CA ILE B 247 9.85 -22.16 38.61
C ILE B 247 10.22 -20.90 37.86
N GLN B 248 9.89 -19.75 38.42
CA GLN B 248 10.21 -18.48 37.79
C GLN B 248 11.49 -17.88 38.37
N ILE B 249 12.28 -17.25 37.52
CA ILE B 249 13.52 -16.58 37.93
C ILE B 249 13.32 -15.12 37.59
N THR B 250 13.16 -14.29 38.62
CA THR B 250 12.90 -12.86 38.45
C THR B 250 14.09 -11.93 38.50
N ALA B 251 13.83 -10.73 39.02
CA ALA B 251 14.80 -9.65 39.22
C ALA B 251 15.72 -9.52 38.01
N PRO B 252 16.86 -8.81 38.16
CA PRO B 252 17.41 -8.10 39.32
C PRO B 252 16.59 -6.85 39.65
N ALA B 253 16.78 -6.32 40.85
CA ALA B 253 16.06 -5.12 41.26
C ALA B 253 16.39 -3.96 40.33
N SER B 254 17.66 -3.85 39.95
CA SER B 254 18.12 -2.76 39.06
C SER B 254 17.51 -2.85 37.67
N MET B 255 16.79 -3.95 37.44
CA MET B 255 16.15 -4.19 36.17
C MET B 255 14.64 -4.06 36.36
N LEU B 256 14.10 -4.71 37.40
CA LEU B 256 12.67 -4.67 37.68
C LEU B 256 12.20 -3.24 37.94
N ILE B 257 13.16 -2.38 38.26
CA ILE B 257 12.88 -0.98 38.55
C ILE B 257 12.26 -0.25 37.36
N GLY B 258 12.53 -0.74 36.14
CA GLY B 258 11.99 -0.13 34.94
C GLY B 258 11.95 -1.06 33.73
N ASP B 259 11.65 -0.50 32.55
CA ASP B 259 11.57 -1.28 31.29
C ASP B 259 12.91 -1.95 31.03
N HIS B 260 12.87 -3.26 30.82
CA HIS B 260 14.11 -4.01 30.58
C HIS B 260 13.93 -5.14 29.57
N TYR B 261 15.03 -5.80 29.24
CA TYR B 261 14.98 -6.90 28.29
C TYR B 261 15.75 -8.07 28.85
N LEU B 262 15.53 -9.23 28.25
CA LEU B 262 16.26 -10.44 28.60
C LEU B 262 17.10 -10.56 27.34
N CYS B 263 18.42 -10.44 27.45
CA CYS B 263 19.27 -10.51 26.27
C CYS B 263 20.08 -11.78 26.09
N ASP B 264 20.30 -12.54 27.16
CA ASP B 264 21.07 -13.77 27.01
C ASP B 264 20.77 -14.82 28.06
N VAL B 265 20.78 -16.06 27.63
CA VAL B 265 20.56 -17.17 28.55
C VAL B 265 21.36 -18.34 28.01
N THR B 266 22.33 -18.75 28.80
CA THR B 266 23.20 -19.85 28.44
C THR B 266 23.48 -20.68 29.69
N TRP B 267 23.37 -22.00 29.57
CA TRP B 267 23.63 -22.87 30.68
C TRP B 267 25.13 -22.96 30.94
N ALA B 268 25.50 -23.11 32.20
CA ALA B 268 26.91 -23.21 32.57
C ALA B 268 27.21 -24.65 32.96
N THR B 269 26.31 -25.25 33.74
CA THR B 269 26.49 -26.63 34.16
C THR B 269 25.12 -27.29 34.28
N GLN B 270 25.11 -28.55 34.71
CA GLN B 270 23.87 -29.27 34.87
C GLN B 270 22.87 -28.57 35.79
N GLU B 271 23.36 -27.72 36.69
CA GLU B 271 22.45 -27.04 37.61
C GLU B 271 22.75 -25.56 37.74
N ARG B 272 23.39 -25.00 36.72
CA ARG B 272 23.73 -23.58 36.74
C ARG B 272 23.41 -22.93 35.40
N ILE B 273 22.56 -21.90 35.44
CA ILE B 273 22.16 -21.18 34.25
C ILE B 273 22.47 -19.68 34.42
N SER B 274 23.00 -19.06 33.37
CA SER B 274 23.31 -17.64 33.42
C SER B 274 22.25 -16.89 32.63
N LEU B 275 21.91 -15.70 33.09
CA LEU B 275 20.90 -14.88 32.47
C LEU B 275 21.39 -13.46 32.43
N GLN B 276 21.21 -12.80 31.30
CA GLN B 276 21.61 -11.41 31.15
C GLN B 276 20.39 -10.57 30.92
N TRP B 277 20.31 -9.44 31.61
CA TRP B 277 19.19 -8.51 31.46
C TRP B 277 19.75 -7.18 30.98
N LEU B 278 18.89 -6.32 30.44
CA LEU B 278 19.30 -5.02 29.92
C LEU B 278 18.15 -4.03 30.06
N ARG B 279 18.43 -2.82 30.57
CA ARG B 279 17.41 -1.78 30.73
C ARG B 279 17.03 -1.25 29.36
N ARG B 280 15.88 -0.60 29.23
CA ARG B 280 15.52 -0.08 27.92
C ARG B 280 16.58 0.94 27.51
N ILE B 281 17.26 1.52 28.50
CA ILE B 281 18.35 2.47 28.26
C ILE B 281 19.55 1.54 28.24
N GLN B 282 19.79 0.97 27.07
CA GLN B 282 20.86 0.01 26.87
C GLN B 282 22.28 0.41 27.21
N ASN B 283 22.44 1.17 28.30
CA ASN B 283 23.76 1.62 28.75
C ASN B 283 24.19 0.82 29.99
N TYR B 284 23.25 0.03 30.51
CA TYR B 284 23.47 -0.78 31.72
C TYR B 284 23.04 -2.23 31.46
N SER B 285 23.79 -3.19 31.99
CA SER B 285 23.48 -4.60 31.77
C SER B 285 23.85 -5.50 32.95
N VAL B 286 22.97 -6.42 33.32
CA VAL B 286 23.26 -7.29 34.45
C VAL B 286 23.20 -8.79 34.17
N MET B 287 24.27 -9.51 34.54
CA MET B 287 24.33 -10.96 34.35
C MET B 287 24.17 -11.70 35.68
N ASP B 288 23.16 -12.55 35.78
CA ASP B 288 22.95 -13.34 36.98
C ASP B 288 23.37 -14.77 36.71
N ILE B 289 24.05 -15.38 37.67
CA ILE B 289 24.46 -16.76 37.53
C ILE B 289 23.72 -17.49 38.64
N CYS B 290 22.70 -18.24 38.25
CA CYS B 290 21.86 -18.94 39.19
C CYS B 290 22.06 -20.45 39.27
N ASP B 291 22.01 -20.98 40.49
CA ASP B 291 22.18 -22.40 40.74
C ASP B 291 20.89 -23.02 41.25
N TYR B 292 20.74 -24.31 41.04
CA TYR B 292 19.55 -25.01 41.49
C TYR B 292 19.72 -25.44 42.95
N ASP B 293 18.82 -24.98 43.81
CA ASP B 293 18.84 -25.32 45.22
C ASP B 293 18.03 -26.60 45.40
N GLU B 294 18.72 -27.74 45.38
CA GLU B 294 18.12 -29.06 45.52
C GLU B 294 17.20 -29.18 46.73
N SER B 295 17.44 -28.35 47.73
CA SER B 295 16.62 -28.35 48.95
C SER B 295 15.28 -27.70 48.70
N SER B 296 15.32 -26.46 48.20
CA SER B 296 14.12 -25.68 47.92
C SER B 296 13.48 -25.94 46.55
N GLY B 297 14.24 -26.56 45.65
CA GLY B 297 13.73 -26.82 44.32
C GLY B 297 13.55 -25.50 43.60
N ARG B 298 14.16 -24.45 44.15
CA ARG B 298 14.11 -23.10 43.59
C ARG B 298 15.48 -22.75 43.01
N TRP B 299 15.52 -21.79 42.08
CA TRP B 299 16.80 -21.38 41.51
C TRP B 299 17.26 -20.09 42.16
N ASN B 300 18.49 -20.08 42.66
CA ASN B 300 19.03 -18.90 43.33
C ASN B 300 20.13 -18.21 42.53
N CYS B 301 20.19 -16.89 42.63
CA CYS B 301 21.20 -16.11 41.92
C CYS B 301 21.95 -15.23 42.94
N LEU B 302 23.11 -15.68 43.38
CA LEU B 302 23.88 -14.92 44.36
C LEU B 302 24.36 -13.60 43.79
N VAL B 303 24.23 -12.54 44.58
CA VAL B 303 24.66 -11.23 44.14
C VAL B 303 26.18 -11.22 43.94
N ALA B 304 26.86 -12.16 44.61
CA ALA B 304 28.31 -12.26 44.49
C ALA B 304 28.71 -12.83 43.11
N ARG B 305 27.72 -13.27 42.34
CA ARG B 305 27.96 -13.81 41.01
C ARG B 305 27.27 -12.99 39.95
N GLN B 306 26.86 -11.79 40.33
CA GLN B 306 26.19 -10.87 39.43
C GLN B 306 27.23 -9.93 38.83
N HIS B 307 27.30 -9.90 37.50
CA HIS B 307 28.26 -9.03 36.83
C HIS B 307 27.59 -7.92 36.05
N ILE B 308 27.96 -6.68 36.36
CA ILE B 308 27.40 -5.52 35.68
C ILE B 308 28.32 -5.10 34.53
N GLU B 309 27.73 -4.47 33.52
CA GLU B 309 28.47 -4.02 32.36
C GLU B 309 27.75 -2.79 31.81
N MET B 310 28.30 -1.62 32.07
CA MET B 310 27.71 -0.38 31.60
C MET B 310 28.67 0.28 30.63
N SER B 311 28.14 1.19 29.82
CA SER B 311 28.97 1.90 28.85
C SER B 311 28.69 3.38 29.01
N THR B 312 29.75 4.17 28.92
CA THR B 312 29.61 5.61 29.09
C THR B 312 29.55 6.36 27.75
N THR B 313 30.30 5.89 26.76
CA THR B 313 30.32 6.57 25.47
C THR B 313 29.35 5.97 24.46
N GLY B 314 28.53 5.03 24.89
CA GLY B 314 27.60 4.42 23.97
C GLY B 314 26.75 3.34 24.59
N TRP B 315 26.50 2.29 23.82
CA TRP B 315 25.69 1.15 24.24
C TRP B 315 26.60 -0.02 24.62
N VAL B 316 26.01 -1.09 25.16
CA VAL B 316 26.79 -2.24 25.56
C VAL B 316 26.92 -3.28 24.44
N GLY B 317 28.17 -3.63 24.10
CA GLY B 317 28.39 -4.60 23.04
C GLY B 317 28.20 -4.01 21.66
N ARG B 318 28.43 -4.80 20.63
CA ARG B 318 28.28 -4.31 19.25
C ARG B 318 26.81 -4.10 18.88
N PHE B 319 25.97 -5.10 19.12
CA PHE B 319 24.53 -4.99 18.84
C PHE B 319 23.73 -5.43 20.06
N ARG B 320 24.43 -6.06 21.00
CA ARG B 320 23.83 -6.53 22.24
C ARG B 320 24.96 -6.91 23.19
N PRO B 321 24.64 -7.11 24.48
CA PRO B 321 25.67 -7.49 25.44
C PRO B 321 26.39 -8.75 24.99
N SER B 322 27.70 -8.73 25.13
CA SER B 322 28.57 -9.85 24.75
C SER B 322 27.99 -11.20 25.22
N GLU B 323 28.53 -12.29 24.69
CA GLU B 323 28.04 -13.63 25.04
C GLU B 323 29.00 -14.38 25.96
N PRO B 324 28.48 -15.03 27.00
CA PRO B 324 29.33 -15.76 27.95
C PRO B 324 29.76 -17.14 27.44
N HIS B 325 31.04 -17.44 27.61
CA HIS B 325 31.60 -18.72 27.21
C HIS B 325 32.19 -19.34 28.47
N PHE B 326 31.40 -20.18 29.12
CA PHE B 326 31.83 -20.82 30.35
C PHE B 326 32.85 -21.92 30.11
N THR B 327 33.71 -22.14 31.10
CA THR B 327 34.68 -23.21 31.04
C THR B 327 33.93 -24.46 31.48
N LEU B 328 34.53 -25.63 31.31
CA LEU B 328 33.86 -26.87 31.68
C LEU B 328 33.20 -26.83 33.06
N ASP B 329 34.01 -26.76 34.11
CA ASP B 329 33.46 -26.73 35.47
C ASP B 329 32.44 -25.63 35.75
N GLY B 330 32.27 -24.72 34.80
CA GLY B 330 31.31 -23.64 34.99
C GLY B 330 31.63 -22.69 36.13
N ASN B 331 32.92 -22.52 36.45
CA ASN B 331 33.31 -21.62 37.52
C ASN B 331 33.97 -20.39 36.99
N SER B 332 33.98 -20.23 35.68
CA SER B 332 34.61 -19.06 35.08
C SER B 332 34.21 -19.02 33.63
N PHE B 333 34.28 -17.85 33.03
CA PHE B 333 33.88 -17.73 31.64
C PHE B 333 34.58 -16.62 30.89
N TYR B 334 34.49 -16.66 29.57
CA TYR B 334 35.12 -15.64 28.73
C TYR B 334 34.06 -14.78 28.06
N LYS B 335 34.33 -13.47 27.98
CA LYS B 335 33.39 -12.52 27.39
C LYS B 335 34.17 -11.46 26.61
N ILE B 336 33.57 -10.95 25.54
CA ILE B 336 34.20 -9.91 24.73
C ILE B 336 33.72 -8.55 25.17
N ILE B 337 34.59 -7.79 25.82
CA ILE B 337 34.21 -6.46 26.25
C ILE B 337 35.28 -5.45 25.85
N SER B 338 34.86 -4.21 25.56
CA SER B 338 35.83 -3.20 25.17
C SER B 338 36.74 -2.82 26.33
N ASN B 339 38.03 -2.79 26.05
CA ASN B 339 39.01 -2.44 27.07
C ASN B 339 38.98 -0.94 27.35
N GLU B 340 39.97 -0.45 28.08
CA GLU B 340 40.02 0.97 28.43
C GLU B 340 40.30 1.83 27.20
N GLU B 341 41.01 1.27 26.23
CA GLU B 341 41.32 2.01 25.02
C GLU B 341 40.19 1.91 24.00
N GLY B 342 39.04 1.40 24.44
CA GLY B 342 37.89 1.29 23.57
C GLY B 342 37.93 0.19 22.52
N TYR B 343 38.73 -0.84 22.75
CA TYR B 343 38.83 -1.95 21.81
C TYR B 343 38.28 -3.24 22.39
N ARG B 344 37.45 -3.92 21.60
CA ARG B 344 36.84 -5.16 22.04
C ARG B 344 37.81 -6.34 22.08
N HIS B 345 37.97 -6.90 23.28
CA HIS B 345 38.86 -8.03 23.50
C HIS B 345 38.24 -9.06 24.45
N ILE B 346 38.95 -10.16 24.63
CA ILE B 346 38.48 -11.24 25.49
C ILE B 346 39.05 -11.13 26.91
N CYS B 347 38.22 -11.30 27.92
CA CYS B 347 38.74 -11.32 29.27
C CYS B 347 38.08 -12.38 30.13
N TYR B 348 38.91 -12.98 30.97
CA TYR B 348 38.55 -14.08 31.86
C TYR B 348 37.82 -13.68 33.12
N PHE B 349 36.63 -14.23 33.29
CA PHE B 349 35.78 -13.95 34.44
C PHE B 349 35.71 -15.15 35.38
N GLN B 350 35.77 -14.85 36.67
CA GLN B 350 35.65 -15.87 37.72
C GLN B 350 34.24 -15.60 38.23
N ILE B 351 33.35 -16.58 38.16
CA ILE B 351 31.95 -16.35 38.56
C ILE B 351 31.68 -15.52 39.82
N ASP B 352 32.57 -15.57 40.81
CA ASP B 352 32.35 -14.79 42.03
C ASP B 352 33.30 -13.61 42.20
N LYS B 353 34.16 -13.40 41.21
CA LYS B 353 35.11 -12.30 41.21
C LYS B 353 34.60 -11.31 40.16
N LYS B 354 34.34 -10.06 40.57
CA LYS B 354 33.80 -9.03 39.67
C LYS B 354 34.70 -8.51 38.56
N ASP B 355 36.01 -8.44 38.81
CA ASP B 355 36.95 -7.95 37.80
C ASP B 355 37.47 -9.06 36.90
N CYS B 356 37.40 -8.84 35.59
CA CYS B 356 37.86 -9.83 34.64
C CYS B 356 39.33 -9.54 34.31
N THR B 357 39.96 -10.45 33.58
CA THR B 357 41.36 -10.30 33.19
C THR B 357 41.48 -10.38 31.68
N PHE B 358 41.82 -9.28 31.03
CA PHE B 358 41.97 -9.30 29.58
C PHE B 358 43.12 -10.20 29.20
N ILE B 359 42.93 -10.95 28.11
CA ILE B 359 43.94 -11.88 27.62
C ILE B 359 44.41 -11.54 26.19
N THR B 360 43.85 -10.48 25.58
CA THR B 360 44.24 -10.08 24.24
C THR B 360 44.67 -8.62 24.06
N LYS B 361 45.59 -8.43 23.11
CA LYS B 361 46.25 -7.18 22.73
C LYS B 361 45.53 -5.83 22.70
N GLY B 362 45.90 -5.03 21.70
CA GLY B 362 45.32 -3.70 21.56
C GLY B 362 44.70 -3.39 20.22
N THR B 363 45.22 -2.38 19.53
CA THR B 363 44.70 -1.89 18.25
C THR B 363 44.25 -2.92 17.21
N TRP B 364 43.07 -3.46 17.46
CA TRP B 364 42.41 -4.46 16.63
C TRP B 364 41.42 -5.13 17.59
N GLU B 365 40.38 -5.73 17.05
CA GLU B 365 39.42 -6.38 17.92
C GLU B 365 39.21 -7.84 17.61
N VAL B 366 38.64 -8.53 18.58
CA VAL B 366 38.33 -9.93 18.46
C VAL B 366 36.90 -9.93 17.93
N ILE B 367 36.63 -10.71 16.88
CA ILE B 367 35.30 -10.74 16.30
C ILE B 367 34.36 -11.66 17.05
N GLY B 368 34.89 -12.78 17.52
CA GLY B 368 34.06 -13.71 18.26
C GLY B 368 34.85 -14.88 18.80
N ILE B 369 34.31 -15.52 19.84
CA ILE B 369 34.95 -16.67 20.44
C ILE B 369 34.31 -17.91 19.78
N GLU B 370 35.14 -18.75 19.17
CA GLU B 370 34.67 -19.94 18.46
C GLU B 370 34.70 -21.28 19.19
N ALA B 371 35.68 -21.50 20.05
CA ALA B 371 35.74 -22.79 20.77
C ALA B 371 36.61 -22.68 22.00
N LEU B 372 36.27 -23.45 23.03
CA LEU B 372 37.04 -23.41 24.27
C LEU B 372 37.35 -24.79 24.82
N THR B 373 38.62 -25.15 24.83
CA THR B 373 39.03 -26.45 25.36
C THR B 373 39.91 -26.22 26.59
N SER B 374 40.37 -27.30 27.20
CA SER B 374 41.23 -27.21 28.37
C SER B 374 42.58 -26.61 27.99
N ASP B 375 42.97 -26.84 26.74
CA ASP B 375 44.23 -26.36 26.20
C ASP B 375 44.18 -24.89 25.77
N TYR B 376 43.56 -24.66 24.62
CA TYR B 376 43.47 -23.34 24.04
C TYR B 376 42.07 -22.76 23.92
N LEU B 377 42.01 -21.51 23.47
CA LEU B 377 40.76 -20.80 23.23
C LEU B 377 40.92 -20.33 21.77
N TYR B 378 39.96 -20.69 20.93
CA TYR B 378 40.01 -20.30 19.52
C TYR B 378 39.09 -19.10 19.27
N TYR B 379 39.64 -18.10 18.58
CA TYR B 379 38.86 -16.91 18.27
C TYR B 379 39.26 -16.38 16.90
N ILE B 380 38.41 -15.53 16.34
CA ILE B 380 38.65 -14.93 15.05
C ILE B 380 38.75 -13.43 15.29
N SER B 381 39.72 -12.79 14.65
CA SER B 381 39.91 -11.37 14.81
C SER B 381 40.48 -10.77 13.54
N ASN B 382 40.66 -9.46 13.53
CA ASN B 382 41.21 -8.75 12.38
C ASN B 382 42.56 -8.15 12.72
N GLU B 383 43.35 -8.87 13.52
CA GLU B 383 44.66 -8.40 13.95
C GLU B 383 45.68 -8.47 12.82
N TYR B 384 45.62 -9.54 12.04
CA TYR B 384 46.56 -9.74 10.93
C TYR B 384 46.74 -8.53 10.04
N LYS B 385 47.99 -8.28 9.65
CA LYS B 385 48.34 -7.15 8.78
C LYS B 385 47.68 -5.83 9.15
N GLY B 386 47.17 -5.74 10.37
CA GLY B 386 46.53 -4.52 10.80
C GLY B 386 45.27 -4.20 10.03
N MET B 387 44.86 -5.04 9.08
CA MET B 387 43.65 -4.73 8.35
C MET B 387 42.38 -5.22 9.01
N PRO B 388 41.53 -4.28 9.45
CA PRO B 388 40.26 -4.52 10.12
C PRO B 388 39.20 -5.17 9.25
N GLY B 389 39.45 -5.19 7.94
CA GLY B 389 38.51 -5.79 7.00
C GLY B 389 38.82 -7.24 6.72
N GLY B 390 39.79 -7.78 7.45
CA GLY B 390 40.18 -9.16 7.28
C GLY B 390 39.75 -9.99 8.47
N ARG B 391 39.81 -11.30 8.34
CA ARG B 391 39.41 -12.16 9.42
C ARG B 391 40.19 -13.48 9.47
N ASN B 392 40.77 -13.77 10.64
CA ASN B 392 41.55 -14.98 10.83
C ASN B 392 41.31 -15.71 12.14
N LEU B 393 41.69 -16.99 12.13
CA LEU B 393 41.55 -17.84 13.28
C LEU B 393 42.84 -17.91 14.07
N TYR B 394 42.76 -17.52 15.35
CA TYR B 394 43.92 -17.56 16.23
C TYR B 394 43.62 -18.51 17.37
N LYS B 395 44.69 -18.97 18.01
CA LYS B 395 44.60 -19.89 19.11
C LYS B 395 45.47 -19.31 20.22
N ILE B 396 44.88 -19.08 21.40
CA ILE B 396 45.64 -18.55 22.52
C ILE B 396 45.75 -19.59 23.61
N GLN B 397 46.95 -19.74 24.17
CA GLN B 397 47.21 -20.73 25.19
C GLN B 397 46.79 -20.28 26.59
N LEU B 398 45.80 -20.98 27.14
CA LEU B 398 45.25 -20.69 28.46
C LEU B 398 46.25 -20.61 29.60
N SER B 399 47.37 -21.31 29.47
CA SER B 399 48.39 -21.28 30.51
C SER B 399 49.45 -20.19 30.32
N ASP B 400 49.40 -19.50 29.18
CA ASP B 400 50.35 -18.42 28.92
C ASP B 400 49.84 -17.53 27.77
N TYR B 401 49.01 -16.55 28.13
CA TYR B 401 48.42 -15.63 27.17
C TYR B 401 49.43 -14.94 26.26
N THR B 402 50.73 -15.14 26.52
CA THR B 402 51.74 -14.52 25.66
C THR B 402 51.89 -15.38 24.41
N LYS B 403 51.35 -16.59 24.50
CA LYS B 403 51.42 -17.57 23.41
C LYS B 403 50.14 -17.63 22.59
N VAL B 404 50.11 -16.85 21.52
CA VAL B 404 48.99 -16.77 20.59
C VAL B 404 49.50 -17.19 19.21
N THR B 405 48.76 -18.07 18.55
CA THR B 405 49.16 -18.55 17.22
C THR B 405 48.06 -18.37 16.21
N CYS B 406 48.38 -17.82 15.04
CA CYS B 406 47.35 -17.65 14.03
C CYS B 406 47.30 -18.96 13.25
N LEU B 407 46.10 -19.53 13.09
CA LEU B 407 45.99 -20.79 12.39
C LEU B 407 45.54 -20.67 10.94
N SER B 408 45.21 -19.46 10.50
CA SER B 408 44.74 -19.30 9.12
C SER B 408 45.47 -18.25 8.31
N CYS B 409 46.11 -17.32 9.00
CA CYS B 409 46.84 -16.24 8.37
C CYS B 409 47.65 -16.67 7.16
N GLU B 410 48.58 -17.60 7.36
CA GLU B 410 49.48 -18.07 6.32
C GLU B 410 49.06 -19.27 5.47
N LEU B 411 47.85 -19.77 5.65
CA LEU B 411 47.40 -20.91 4.87
C LEU B 411 47.45 -20.56 3.38
N ASN B 412 47.15 -19.31 3.06
CA ASN B 412 47.20 -18.83 1.69
C ASN B 412 46.91 -17.34 1.69
N PRO B 413 47.83 -16.56 2.26
CA PRO B 413 47.73 -15.10 2.37
C PRO B 413 47.27 -14.33 1.12
N GLU B 414 47.39 -14.96 -0.04
CA GLU B 414 47.01 -14.31 -1.29
C GLU B 414 45.52 -14.38 -1.56
N ARG B 415 45.02 -15.60 -1.58
CA ARG B 415 43.63 -15.88 -1.88
C ARG B 415 42.73 -15.83 -0.65
N CYS B 416 43.31 -16.07 0.52
CA CYS B 416 42.51 -16.09 1.74
C CYS B 416 42.89 -15.12 2.83
N GLN B 417 42.00 -14.16 3.06
CA GLN B 417 42.22 -13.14 4.07
C GLN B 417 40.99 -12.94 4.95
N TYR B 418 39.92 -13.65 4.61
CA TYR B 418 38.68 -13.55 5.37
C TYR B 418 38.22 -14.96 5.71
N TYR B 419 38.34 -15.32 6.99
CA TYR B 419 37.94 -16.66 7.43
C TYR B 419 36.75 -16.77 8.37
N SER B 420 36.17 -17.96 8.32
CA SER B 420 35.00 -18.38 9.10
C SER B 420 35.48 -19.76 9.63
N VAL B 421 34.78 -20.34 10.61
CA VAL B 421 35.24 -21.63 11.13
C VAL B 421 34.15 -22.47 11.80
N SER B 422 34.33 -23.79 11.82
CA SER B 422 33.37 -24.70 12.43
C SER B 422 34.04 -25.92 13.05
N PHE B 423 34.07 -25.97 14.37
CA PHE B 423 34.70 -27.07 15.09
C PHE B 423 33.76 -28.23 15.36
N SER B 424 34.33 -29.42 15.52
CA SER B 424 33.58 -30.62 15.82
C SER B 424 33.16 -30.55 17.28
N LYS B 425 32.21 -31.40 17.67
CA LYS B 425 31.69 -31.45 19.03
C LYS B 425 32.63 -31.07 20.18
N GLU B 426 33.81 -31.69 20.24
CA GLU B 426 34.77 -31.40 21.31
C GLU B 426 35.96 -30.58 20.83
N ALA B 427 35.87 -30.07 19.61
CA ALA B 427 36.94 -29.26 19.01
C ALA B 427 38.16 -30.12 18.70
N LYS B 428 37.92 -31.32 18.18
CA LYS B 428 39.02 -32.22 17.82
C LYS B 428 39.41 -31.91 16.38
N TYR B 429 38.42 -31.45 15.63
CA TYR B 429 38.58 -31.10 14.22
C TYR B 429 37.83 -29.81 13.94
N TYR B 430 38.22 -29.10 12.88
CA TYR B 430 37.52 -27.88 12.51
C TYR B 430 37.60 -27.62 11.02
N GLN B 431 36.55 -27.02 10.47
CA GLN B 431 36.49 -26.68 9.04
C GLN B 431 36.69 -25.18 8.89
N LEU B 432 37.62 -24.79 8.03
CA LEU B 432 37.90 -23.38 7.78
C LEU B 432 37.15 -22.91 6.54
N ARG B 433 36.61 -21.70 6.61
CA ARG B 433 35.85 -21.11 5.51
C ARG B 433 36.45 -19.79 5.02
N CYS B 434 37.25 -19.90 3.97
CA CYS B 434 37.90 -18.77 3.33
C CYS B 434 36.90 -18.17 2.35
N SER B 435 36.59 -16.89 2.49
CA SER B 435 35.62 -16.29 1.57
C SER B 435 36.19 -15.14 0.75
N GLY B 436 37.50 -14.97 0.79
CA GLY B 436 38.11 -13.90 0.01
C GLY B 436 39.53 -13.61 0.43
N PRO B 437 40.26 -12.78 -0.33
CA PRO B 437 39.80 -12.10 -1.55
C PRO B 437 39.68 -12.96 -2.81
N GLY B 438 40.21 -14.18 -2.76
CA GLY B 438 40.11 -15.07 -3.90
C GLY B 438 38.82 -15.88 -3.78
N LEU B 439 38.67 -16.91 -4.61
CA LEU B 439 37.46 -17.73 -4.55
C LEU B 439 37.38 -18.55 -3.26
N PRO B 440 36.17 -18.72 -2.70
CA PRO B 440 36.02 -19.49 -1.47
C PRO B 440 36.83 -20.79 -1.46
N LEU B 441 37.41 -21.11 -0.31
CA LEU B 441 38.20 -22.32 -0.14
C LEU B 441 37.88 -22.98 1.21
N TYR B 442 37.27 -24.15 1.17
CA TYR B 442 36.91 -24.90 2.36
C TYR B 442 37.93 -26.01 2.65
N THR B 443 38.47 -26.01 3.86
CA THR B 443 39.47 -27.00 4.27
C THR B 443 39.15 -27.63 5.62
N LEU B 444 39.63 -28.86 5.84
CA LEU B 444 39.39 -29.53 7.12
C LEU B 444 40.71 -29.67 7.87
N HIS B 445 40.67 -29.56 9.20
CA HIS B 445 41.88 -29.63 10.00
C HIS B 445 41.69 -30.43 11.29
N SER B 446 42.80 -30.82 11.90
CA SER B 446 42.76 -31.54 13.17
C SER B 446 43.41 -30.59 14.17
N SER B 447 42.76 -30.44 15.33
CA SER B 447 43.26 -29.52 16.36
C SER B 447 44.61 -29.86 16.98
N VAL B 448 45.03 -31.12 16.91
CA VAL B 448 46.29 -31.54 17.50
C VAL B 448 47.46 -30.64 17.10
N ASN B 449 47.75 -30.60 15.80
CA ASN B 449 48.86 -29.78 15.30
C ASN B 449 48.36 -28.73 14.35
N ASP B 450 47.06 -28.75 14.09
CA ASP B 450 46.43 -27.82 13.17
C ASP B 450 46.88 -28.16 11.75
N LYS B 451 47.27 -29.42 11.57
CA LYS B 451 47.72 -29.91 10.27
C LYS B 451 46.55 -29.99 9.31
N GLY B 452 46.73 -29.44 8.12
CA GLY B 452 45.67 -29.47 7.13
C GLY B 452 45.40 -30.88 6.67
N LEU B 453 44.17 -31.35 6.84
CA LEU B 453 43.81 -32.71 6.43
C LEU B 453 43.56 -32.81 4.93
N ARG B 454 42.76 -31.89 4.39
CA ARG B 454 42.45 -31.89 2.97
C ARG B 454 41.54 -30.76 2.56
N VAL B 455 41.48 -30.52 1.24
CA VAL B 455 40.64 -29.47 0.68
C VAL B 455 39.28 -30.07 0.38
N LEU B 456 38.26 -29.53 1.04
CA LEU B 456 36.91 -30.01 0.85
C LEU B 456 36.25 -29.37 -0.38
N GLU B 457 36.66 -28.15 -0.71
CA GLU B 457 36.09 -27.44 -1.85
C GLU B 457 36.99 -26.26 -2.24
N ASP B 458 37.42 -26.22 -3.49
CA ASP B 458 38.30 -25.14 -3.95
C ASP B 458 37.73 -24.30 -5.08
N ASN B 459 36.49 -24.57 -5.48
CA ASN B 459 35.86 -23.81 -6.55
C ASN B 459 36.70 -23.79 -7.81
N SER B 460 37.39 -24.89 -8.08
CA SER B 460 38.23 -25.00 -9.26
C SER B 460 37.38 -24.78 -10.51
N ALA B 461 36.22 -25.42 -10.55
CA ALA B 461 35.33 -25.29 -11.69
C ALA B 461 35.09 -23.82 -12.04
N LEU B 462 34.60 -23.07 -11.06
CA LEU B 462 34.32 -21.66 -11.25
C LEU B 462 35.54 -20.89 -11.71
N ASP B 463 36.70 -21.21 -11.15
CA ASP B 463 37.93 -20.52 -11.53
C ASP B 463 38.18 -20.66 -13.04
N LYS B 464 37.81 -21.81 -13.58
CA LYS B 464 37.99 -22.10 -14.99
C LYS B 464 37.05 -21.28 -15.86
N MET B 465 35.83 -21.05 -15.37
CA MET B 465 34.85 -20.26 -16.12
C MET B 465 35.19 -18.77 -16.14
N LEU B 466 35.55 -18.24 -14.97
CA LEU B 466 35.87 -16.81 -14.83
C LEU B 466 37.12 -16.33 -15.55
N GLN B 467 38.00 -17.24 -15.96
CA GLN B 467 39.19 -16.79 -16.65
C GLN B 467 38.83 -16.53 -18.11
N ASN B 468 37.60 -16.89 -18.48
CA ASN B 468 37.09 -16.71 -19.83
C ASN B 468 36.30 -15.39 -19.92
N VAL B 469 36.08 -14.74 -18.78
CA VAL B 469 35.34 -13.49 -18.74
C VAL B 469 36.13 -12.33 -18.13
N GLN B 470 35.87 -11.12 -18.62
CA GLN B 470 36.56 -9.93 -18.15
C GLN B 470 36.06 -9.51 -16.78
N MET B 471 36.59 -10.16 -15.76
CA MET B 471 36.23 -9.90 -14.38
C MET B 471 36.86 -8.62 -13.86
N PRO B 472 36.12 -7.89 -13.01
CA PRO B 472 36.62 -6.64 -12.42
C PRO B 472 37.62 -6.93 -11.31
N SER B 473 38.34 -5.91 -10.85
CA SER B 473 39.29 -6.12 -9.77
C SER B 473 38.81 -5.36 -8.55
N LYS B 474 39.43 -5.59 -7.40
CA LYS B 474 39.02 -4.93 -6.17
C LYS B 474 40.21 -4.42 -5.36
N LYS B 475 40.22 -3.11 -5.11
CA LYS B 475 41.28 -2.51 -4.32
C LYS B 475 40.74 -2.26 -2.90
N LEU B 476 41.51 -2.68 -1.90
CA LEU B 476 41.10 -2.48 -0.53
C LEU B 476 42.18 -1.68 0.17
N ASP B 477 41.95 -0.37 0.31
CA ASP B 477 42.92 0.46 0.97
C ASP B 477 42.21 1.42 1.91
N PHE B 478 42.90 2.46 2.35
CA PHE B 478 42.30 3.44 3.25
C PHE B 478 42.70 4.86 2.89
N ILE B 479 42.07 5.81 3.56
CA ILE B 479 42.34 7.22 3.37
C ILE B 479 42.38 7.83 4.77
N ILE B 480 43.33 8.72 5.02
CA ILE B 480 43.47 9.34 6.33
C ILE B 480 42.72 10.67 6.44
N LEU B 481 41.81 10.74 7.40
CA LEU B 481 41.03 11.95 7.62
C LEU B 481 41.15 12.37 9.09
N ASN B 482 41.36 13.66 9.33
CA ASN B 482 41.49 14.15 10.69
C ASN B 482 42.38 13.26 11.55
N GLU B 483 43.57 12.97 11.05
CA GLU B 483 44.53 12.18 11.78
C GLU B 483 44.01 10.83 12.28
N THR B 484 43.36 10.08 11.40
CA THR B 484 42.82 8.76 11.72
C THR B 484 42.39 8.11 10.41
N LYS B 485 42.76 6.85 10.21
CA LYS B 485 42.43 6.18 8.94
C LYS B 485 41.09 5.48 8.84
N PHE B 486 40.45 5.66 7.70
CA PHE B 486 39.16 5.05 7.40
C PHE B 486 39.29 4.27 6.11
N TRP B 487 38.91 3.00 6.16
CA TRP B 487 39.01 2.14 5.00
C TRP B 487 37.88 2.27 4.01
N TYR B 488 38.24 2.14 2.73
CA TYR B 488 37.28 2.20 1.64
C TYR B 488 37.49 0.97 0.76
N GLN B 489 36.54 0.72 -0.12
CA GLN B 489 36.59 -0.44 -1.01
C GLN B 489 36.20 0.01 -2.40
N MET B 490 36.82 -0.58 -3.42
CA MET B 490 36.52 -0.20 -4.80
C MET B 490 36.52 -1.37 -5.78
N ILE B 491 35.37 -1.63 -6.40
CA ILE B 491 35.29 -2.71 -7.38
C ILE B 491 35.59 -2.06 -8.72
N LEU B 492 36.85 -2.14 -9.12
CA LEU B 492 37.36 -1.54 -10.35
C LEU B 492 37.08 -2.32 -11.64
N PRO B 493 36.62 -1.63 -12.69
CA PRO B 493 36.31 -2.20 -14.00
C PRO B 493 37.52 -2.85 -14.65
N PRO B 494 37.30 -3.79 -15.59
CA PRO B 494 38.40 -4.47 -16.27
C PRO B 494 39.34 -3.46 -16.94
N HIS B 495 40.64 -3.74 -16.88
CA HIS B 495 41.66 -2.89 -17.48
C HIS B 495 41.55 -1.45 -16.95
N PHE B 496 41.48 -1.31 -15.64
CA PHE B 496 41.38 0.00 -15.00
C PHE B 496 42.51 0.94 -15.42
N ASP B 497 42.14 2.03 -16.09
CA ASP B 497 43.10 3.03 -16.55
C ASP B 497 43.00 4.24 -15.63
N LYS B 498 43.97 4.38 -14.71
CA LYS B 498 43.98 5.49 -13.76
C LYS B 498 44.02 6.87 -14.44
N SER B 499 44.21 6.87 -15.77
CA SER B 499 44.27 8.10 -16.55
C SER B 499 42.89 8.54 -17.01
N LYS B 500 42.01 7.56 -17.25
CA LYS B 500 40.66 7.85 -17.70
C LYS B 500 39.80 8.27 -16.50
N LYS B 501 38.68 8.92 -16.77
CA LYS B 501 37.76 9.38 -15.75
C LYS B 501 36.51 8.52 -15.79
N TYR B 502 36.32 7.70 -14.77
CA TYR B 502 35.16 6.81 -14.69
C TYR B 502 34.01 7.37 -13.88
N PRO B 503 32.79 6.86 -14.15
CA PRO B 503 31.60 7.31 -13.41
C PRO B 503 31.65 6.43 -12.15
N LEU B 504 31.21 6.97 -11.02
CA LEU B 504 31.28 6.23 -9.76
C LEU B 504 29.96 6.06 -9.04
N LEU B 505 29.71 4.84 -8.57
CA LEU B 505 28.48 4.52 -7.83
C LEU B 505 28.92 4.19 -6.41
N LEU B 506 28.51 5.03 -5.45
CA LEU B 506 28.88 4.80 -4.05
C LEU B 506 27.89 3.83 -3.39
N ASP B 507 28.34 2.60 -3.15
CA ASP B 507 27.52 1.54 -2.52
C ASP B 507 27.55 1.80 -1.01
N VAL B 508 26.42 2.14 -0.42
CA VAL B 508 26.42 2.46 1.00
C VAL B 508 25.42 1.77 1.92
N TYR B 509 25.85 1.60 3.16
CA TYR B 509 25.06 1.03 4.25
C TYR B 509 25.24 1.96 5.45
N ALA B 510 26.50 2.10 5.88
CA ALA B 510 26.93 2.99 6.96
C ALA B 510 26.29 2.87 8.36
N GLY B 511 25.54 1.80 8.62
CA GLY B 511 24.92 1.63 9.93
C GLY B 511 25.94 1.44 11.04
N PRO B 512 25.52 1.55 12.31
CA PRO B 512 26.40 1.40 13.48
C PRO B 512 27.09 0.03 13.47
N CYS B 513 28.40 0.04 13.64
CA CYS B 513 29.22 -1.18 13.66
C CYS B 513 29.15 -1.96 12.35
N SER B 514 28.93 -1.27 11.23
CA SER B 514 28.86 -1.96 9.96
C SER B 514 30.23 -1.93 9.29
N GLN B 515 30.39 -2.74 8.26
CA GLN B 515 31.64 -2.80 7.51
C GLN B 515 31.37 -3.15 6.05
N LYS B 516 31.48 -2.15 5.18
CA LYS B 516 31.26 -2.37 3.76
C LYS B 516 32.57 -2.60 3.01
N ALA B 517 33.68 -2.28 3.67
CA ALA B 517 35.01 -2.44 3.07
C ALA B 517 35.78 -3.63 3.63
N ASP B 518 35.85 -4.72 2.87
CA ASP B 518 36.55 -5.91 3.34
C ASP B 518 37.25 -6.72 2.25
N THR B 519 37.62 -7.95 2.59
CA THR B 519 38.31 -8.82 1.66
C THR B 519 37.42 -9.91 1.11
N VAL B 520 36.14 -9.91 1.47
CA VAL B 520 35.23 -10.92 0.96
C VAL B 520 35.10 -10.83 -0.57
N PHE B 521 35.10 -11.98 -1.23
CA PHE B 521 34.96 -12.03 -2.69
C PHE B 521 33.48 -12.14 -3.02
N ARG B 522 32.99 -11.23 -3.87
CA ARG B 522 31.57 -11.24 -4.20
C ARG B 522 31.22 -11.25 -5.68
N LEU B 523 30.03 -11.78 -5.96
CA LEU B 523 29.47 -11.85 -7.31
C LEU B 523 28.10 -11.22 -7.21
N ASN B 524 28.05 -9.89 -7.23
CA ASN B 524 26.80 -9.18 -7.12
C ASN B 524 26.59 -8.17 -8.23
N TRP B 525 25.62 -7.28 -8.02
CA TRP B 525 25.28 -6.23 -8.98
C TRP B 525 26.49 -5.37 -9.29
N ALA B 526 27.30 -5.08 -8.29
CA ALA B 526 28.48 -4.24 -8.49
C ALA B 526 29.46 -4.91 -9.46
N THR B 527 29.48 -6.24 -9.46
CA THR B 527 30.37 -6.98 -10.35
C THR B 527 30.00 -6.65 -11.78
N TYR B 528 28.72 -6.73 -12.10
CA TYR B 528 28.20 -6.41 -13.43
C TYR B 528 28.45 -4.95 -13.79
N LEU B 529 28.16 -4.06 -12.84
CA LEU B 529 28.34 -2.63 -13.07
C LEU B 529 29.78 -2.28 -13.50
N ALA B 530 30.76 -2.89 -12.83
CA ALA B 530 32.16 -2.61 -13.16
C ALA B 530 32.66 -3.40 -14.36
N SER B 531 32.29 -4.68 -14.46
CA SER B 531 32.72 -5.50 -15.57
C SER B 531 32.15 -5.07 -16.91
N THR B 532 30.83 -4.93 -16.97
CA THR B 532 30.16 -4.56 -18.21
C THR B 532 29.97 -3.06 -18.43
N GLU B 533 29.32 -2.38 -17.49
CA GLU B 533 29.07 -0.95 -17.61
C GLU B 533 30.26 -0.04 -17.31
N ASN B 534 31.40 -0.63 -16.93
CA ASN B 534 32.62 0.13 -16.62
C ASN B 534 32.47 1.16 -15.50
N ILE B 535 31.57 0.89 -14.56
CA ILE B 535 31.34 1.79 -13.44
C ILE B 535 32.08 1.34 -12.20
N ILE B 536 32.68 2.31 -11.51
CA ILE B 536 33.40 2.03 -10.27
C ILE B 536 32.41 2.04 -9.13
N VAL B 537 32.29 0.91 -8.44
CA VAL B 537 31.38 0.79 -7.30
C VAL B 537 32.21 0.80 -6.03
N ALA B 538 32.27 1.96 -5.36
CA ALA B 538 33.07 2.09 -4.14
C ALA B 538 32.29 2.20 -2.84
N SER B 539 32.85 1.64 -1.77
CA SER B 539 32.23 1.69 -0.46
C SER B 539 33.19 2.24 0.59
N PHE B 540 32.66 2.98 1.55
CA PHE B 540 33.45 3.62 2.60
C PHE B 540 32.87 3.44 4.00
N ASP B 541 33.72 3.02 4.94
CA ASP B 541 33.32 2.81 6.33
C ASP B 541 33.80 4.02 7.15
N GLY B 542 32.93 5.02 7.25
CA GLY B 542 33.27 6.22 7.99
C GLY B 542 32.99 6.12 9.47
N ARG B 543 32.71 7.25 10.09
CA ARG B 543 32.41 7.23 11.50
C ARG B 543 31.16 6.41 11.68
N GLY B 544 31.07 5.74 12.81
CA GLY B 544 29.92 4.90 13.10
C GLY B 544 30.26 3.45 12.79
N SER B 545 31.11 3.22 11.79
CA SER B 545 31.48 1.85 11.44
C SER B 545 32.13 1.13 12.62
N GLY B 546 32.18 -0.19 12.55
CA GLY B 546 32.74 -0.94 13.66
C GLY B 546 33.99 -1.77 13.39
N TYR B 547 34.36 -2.56 14.39
CA TYR B 547 35.53 -3.42 14.27
C TYR B 547 36.84 -2.64 14.30
N GLN B 548 36.75 -1.35 14.65
CA GLN B 548 37.94 -0.49 14.70
C GLN B 548 38.02 0.29 16.02
N GLY B 549 37.29 -0.16 17.04
CA GLY B 549 37.29 0.51 18.32
C GLY B 549 36.05 1.35 18.54
N ASP B 550 35.72 1.62 19.80
CA ASP B 550 34.53 2.40 20.13
C ASP B 550 34.67 3.85 19.70
N LYS B 551 35.88 4.38 19.79
CA LYS B 551 36.16 5.76 19.40
C LYS B 551 35.52 6.07 18.05
N ILE B 552 35.52 5.09 17.16
CA ILE B 552 34.94 5.26 15.84
C ILE B 552 33.48 4.77 15.82
N MET B 553 33.25 3.58 16.37
CA MET B 553 31.90 3.03 16.38
C MET B 553 30.88 3.89 17.14
N HIS B 554 31.32 4.53 18.22
CA HIS B 554 30.42 5.34 19.03
C HIS B 554 30.34 6.80 18.57
N ALA B 555 31.02 7.13 17.49
CA ALA B 555 30.98 8.51 17.00
C ALA B 555 29.54 8.98 16.79
N ILE B 556 28.70 8.15 16.17
CA ILE B 556 27.31 8.55 15.94
C ILE B 556 26.35 8.19 17.07
N ASN B 557 26.87 8.03 18.29
CA ASN B 557 25.99 7.72 19.41
C ASN B 557 25.05 8.90 19.59
N ARG B 558 23.75 8.61 19.75
CA ARG B 558 22.69 9.61 19.91
C ARG B 558 22.63 10.61 18.78
N ARG B 559 23.41 10.36 17.74
CA ARG B 559 23.48 11.25 16.57
C ARG B 559 23.35 10.59 15.20
N LEU B 560 22.43 9.66 15.03
CA LEU B 560 22.25 9.02 13.72
C LEU B 560 21.85 10.03 12.65
N GLY B 561 22.28 9.80 11.42
CA GLY B 561 21.94 10.72 10.35
C GLY B 561 22.78 11.99 10.41
N THR B 562 24.07 11.83 10.67
CA THR B 562 25.00 12.95 10.73
C THR B 562 26.36 12.54 10.18
N PHE B 563 27.35 12.39 11.07
CA PHE B 563 28.71 12.02 10.67
C PHE B 563 28.70 10.87 9.65
N GLU B 564 27.96 9.82 9.98
CA GLU B 564 27.82 8.67 9.10
C GLU B 564 27.43 9.14 7.70
N VAL B 565 26.58 10.15 7.63
CA VAL B 565 26.12 10.69 6.35
C VAL B 565 27.21 11.59 5.76
N GLU B 566 27.71 12.51 6.58
CA GLU B 566 28.76 13.43 6.14
C GLU B 566 29.99 12.70 5.59
N ASP B 567 30.51 11.71 6.32
CA ASP B 567 31.68 10.97 5.87
C ASP B 567 31.46 10.32 4.51
N GLN B 568 30.24 9.83 4.28
CA GLN B 568 29.89 9.19 3.03
C GLN B 568 30.11 10.15 1.86
N ILE B 569 29.69 11.40 2.05
CA ILE B 569 29.85 12.42 1.02
C ILE B 569 31.34 12.72 0.83
N GLU B 570 32.05 12.89 1.94
CA GLU B 570 33.47 13.19 1.90
C GLU B 570 34.26 12.06 1.22
N ALA B 571 33.78 10.83 1.36
CA ALA B 571 34.49 9.71 0.74
C ALA B 571 34.53 9.98 -0.76
N ALA B 572 33.41 10.42 -1.32
CA ALA B 572 33.32 10.71 -2.75
C ALA B 572 34.36 11.80 -3.09
N ARG B 573 34.33 12.90 -2.35
CA ARG B 573 35.28 13.99 -2.58
C ARG B 573 36.70 13.44 -2.62
N GLN B 574 37.01 12.58 -1.66
CA GLN B 574 38.32 11.97 -1.56
C GLN B 574 38.60 11.06 -2.75
N PHE B 575 37.54 10.42 -3.26
CA PHE B 575 37.71 9.53 -4.40
C PHE B 575 37.98 10.34 -5.67
N SER B 576 37.20 11.39 -5.91
CA SER B 576 37.40 12.20 -7.10
C SER B 576 38.80 12.81 -7.07
N LYS B 577 39.28 13.16 -5.88
CA LYS B 577 40.62 13.73 -5.74
C LYS B 577 41.62 12.81 -6.40
N MET B 578 41.41 11.50 -6.22
CA MET B 578 42.29 10.51 -6.81
C MET B 578 42.40 10.69 -8.32
N GLY B 579 41.53 11.53 -8.89
CA GLY B 579 41.60 11.84 -10.31
C GLY B 579 41.05 10.93 -11.39
N PHE B 580 40.60 9.72 -11.05
CA PHE B 580 40.04 8.84 -12.07
C PHE B 580 38.51 8.80 -11.98
N VAL B 581 37.94 9.85 -11.38
CA VAL B 581 36.50 9.96 -11.22
C VAL B 581 35.91 11.16 -11.95
N ASP B 582 34.83 10.91 -12.68
CA ASP B 582 34.12 11.96 -13.41
C ASP B 582 33.13 12.59 -12.43
N ASN B 583 33.43 13.80 -11.98
CA ASN B 583 32.59 14.51 -11.03
C ASN B 583 31.13 14.66 -11.46
N LYS B 584 30.88 14.77 -12.76
CA LYS B 584 29.51 14.94 -13.24
C LYS B 584 28.69 13.66 -13.19
N ARG B 585 29.36 12.54 -12.93
CA ARG B 585 28.68 11.25 -12.85
C ARG B 585 29.07 10.47 -11.61
N ILE B 586 28.51 10.89 -10.48
CA ILE B 586 28.74 10.27 -9.19
C ILE B 586 27.38 9.92 -8.60
N ALA B 587 27.14 8.63 -8.41
CA ALA B 587 25.87 8.16 -7.86
C ALA B 587 26.08 7.55 -6.48
N ILE B 588 24.99 7.15 -5.84
CA ILE B 588 25.03 6.54 -4.52
C ILE B 588 23.74 5.75 -4.30
N TRP B 589 23.84 4.60 -3.65
CA TRP B 589 22.66 3.80 -3.39
C TRP B 589 22.86 2.94 -2.18
N GLY B 590 21.76 2.52 -1.56
CA GLY B 590 21.88 1.70 -0.38
C GLY B 590 20.56 1.00 -0.14
N TRP B 591 20.61 0.01 0.76
CA TRP B 591 19.43 -0.77 1.12
C TRP B 591 19.21 -0.67 2.63
N SER B 592 17.97 -0.35 3.00
CA SER B 592 17.61 -0.18 4.39
C SER B 592 18.40 0.99 4.99
N TYR B 593 19.34 0.70 5.89
CA TYR B 593 20.14 1.76 6.49
C TYR B 593 20.83 2.51 5.39
N GLY B 594 21.17 1.78 4.33
CA GLY B 594 21.84 2.36 3.18
C GLY B 594 20.89 3.29 2.48
N GLY B 595 19.64 2.86 2.35
CA GLY B 595 18.64 3.69 1.72
C GLY B 595 18.49 4.96 2.53
N TYR B 596 18.49 4.81 3.86
CA TYR B 596 18.37 5.95 4.75
C TYR B 596 19.48 6.96 4.50
N VAL B 597 20.72 6.49 4.54
CA VAL B 597 21.86 7.37 4.31
C VAL B 597 21.81 7.93 2.89
N THR B 598 21.58 7.06 1.91
CA THR B 598 21.50 7.48 0.52
C THR B 598 20.52 8.63 0.38
N SER B 599 19.41 8.54 1.09
CA SER B 599 18.40 9.57 1.01
C SER B 599 18.81 10.83 1.75
N MET B 600 19.40 10.68 2.93
CA MET B 600 19.83 11.84 3.72
C MET B 600 20.91 12.59 2.95
N VAL B 601 21.72 11.87 2.19
CA VAL B 601 22.79 12.47 1.42
C VAL B 601 22.20 13.20 0.22
N LEU B 602 21.35 12.53 -0.55
CA LEU B 602 20.76 13.17 -1.72
C LEU B 602 20.04 14.46 -1.35
N GLY B 603 19.67 14.60 -0.09
CA GLY B 603 18.99 15.80 0.34
C GLY B 603 19.87 16.74 1.15
N SER B 604 21.18 16.57 1.05
CA SER B 604 22.09 17.42 1.78
C SER B 604 22.34 18.73 1.07
N GLY B 605 22.08 18.75 -0.22
CA GLY B 605 22.39 19.98 -0.94
C GLY B 605 23.89 20.12 -1.19
N SER B 606 24.59 18.99 -1.07
CA SER B 606 26.04 19.00 -1.29
C SER B 606 26.39 19.35 -2.74
N GLY B 607 25.74 18.63 -3.67
CA GLY B 607 26.01 18.86 -5.08
C GLY B 607 27.12 17.93 -5.59
N VAL B 608 27.32 16.82 -4.86
CA VAL B 608 28.35 15.87 -5.26
C VAL B 608 27.77 14.68 -6.03
N PHE B 609 26.52 14.33 -5.73
CA PHE B 609 25.88 13.21 -6.42
C PHE B 609 24.86 13.71 -7.44
N LYS B 610 24.79 13.00 -8.56
CA LYS B 610 23.88 13.36 -9.63
C LYS B 610 22.53 12.68 -9.48
N CYS B 611 22.55 11.47 -8.95
CA CYS B 611 21.35 10.69 -8.77
C CYS B 611 21.59 9.65 -7.69
N GLY B 612 20.53 8.98 -7.26
CA GLY B 612 20.68 7.99 -6.24
C GLY B 612 19.49 7.09 -6.15
N ILE B 613 19.67 5.92 -5.52
CA ILE B 613 18.59 4.97 -5.35
C ILE B 613 18.49 4.54 -3.91
N ALA B 614 17.29 4.63 -3.34
CA ALA B 614 17.07 4.22 -1.96
C ALA B 614 16.13 3.03 -1.96
N VAL B 615 16.57 1.89 -1.43
CA VAL B 615 15.71 0.70 -1.38
C VAL B 615 15.31 0.40 0.06
N ALA B 616 14.01 0.24 0.29
CA ALA B 616 13.45 -0.04 1.62
C ALA B 616 14.16 0.80 2.67
N PRO B 617 14.18 2.13 2.50
CA PRO B 617 14.85 2.98 3.46
C PRO B 617 14.06 3.30 4.72
N VAL B 618 14.75 3.92 5.66
CA VAL B 618 14.18 4.37 6.91
C VAL B 618 14.04 5.88 6.66
N SER B 619 12.89 6.44 7.02
CA SER B 619 12.65 7.87 6.82
C SER B 619 12.80 8.65 8.12
N ARG B 620 12.19 8.17 9.21
CA ARG B 620 12.36 8.82 10.50
C ARG B 620 12.49 7.76 11.57
N TRP B 621 13.45 7.95 12.47
CA TRP B 621 13.72 6.97 13.51
C TRP B 621 12.57 6.58 14.42
N GLU B 622 11.48 7.32 14.34
CA GLU B 622 10.34 7.00 15.17
C GLU B 622 9.49 5.89 14.56
N TYR B 623 9.81 5.51 13.32
CA TYR B 623 9.09 4.44 12.64
C TYR B 623 9.78 3.08 12.76
N TYR B 624 11.00 3.05 13.29
CA TYR B 624 11.70 1.78 13.43
C TYR B 624 11.51 1.19 14.83
N ASP B 625 11.88 -0.08 15.02
CA ASP B 625 11.68 -0.72 16.32
C ASP B 625 12.46 -0.09 17.45
N SER B 626 11.97 -0.31 18.67
CA SER B 626 12.55 0.23 19.89
C SER B 626 13.93 -0.27 20.25
N VAL B 627 14.13 -1.57 20.23
CA VAL B 627 15.41 -2.15 20.61
C VAL B 627 16.58 -1.60 19.80
N TYR B 628 16.44 -1.55 18.48
CA TYR B 628 17.54 -1.06 17.65
C TYR B 628 17.64 0.45 17.71
N THR B 629 16.54 1.12 17.44
CA THR B 629 16.54 2.58 17.43
C THR B 629 17.03 3.18 18.74
N GLU B 630 16.34 2.86 19.82
CA GLU B 630 16.69 3.41 21.12
C GLU B 630 18.13 3.10 21.53
N ARG B 631 18.66 1.97 21.09
CA ARG B 631 20.02 1.61 21.42
C ARG B 631 21.01 2.71 21.04
N TYR B 632 20.73 3.39 19.94
CA TYR B 632 21.63 4.45 19.48
C TYR B 632 21.00 5.83 19.66
N MET B 633 19.68 5.90 19.58
CA MET B 633 18.97 7.18 19.67
C MET B 633 18.44 7.61 21.02
N GLY B 634 18.31 6.67 21.94
CA GLY B 634 17.77 7.02 23.24
C GLY B 634 16.26 7.05 23.14
N LEU B 635 15.62 7.97 23.84
CA LEU B 635 14.17 8.05 23.80
C LEU B 635 13.63 9.28 23.08
N PRO B 636 12.57 9.11 22.29
CA PRO B 636 11.96 10.22 21.55
C PRO B 636 11.10 11.12 22.44
N THR B 637 11.66 11.52 23.58
CA THR B 637 10.95 12.39 24.52
C THR B 637 11.72 13.70 24.60
N PRO B 638 11.02 14.81 24.83
CA PRO B 638 11.73 16.09 24.93
C PRO B 638 12.79 16.09 26.03
N GLU B 639 12.62 15.22 27.03
CA GLU B 639 13.58 15.13 28.13
C GLU B 639 14.86 14.38 27.73
N ASP B 640 14.73 13.44 26.80
CA ASP B 640 15.89 12.66 26.37
C ASP B 640 16.46 13.18 25.05
N ASN B 641 16.06 12.57 23.93
CA ASN B 641 16.58 12.95 22.61
C ASN B 641 15.55 13.16 21.50
N LEU B 642 14.35 13.58 21.86
CA LEU B 642 13.32 13.80 20.85
C LEU B 642 13.81 14.78 19.80
N ASP B 643 14.45 15.85 20.25
CA ASP B 643 14.97 16.88 19.36
C ASP B 643 15.71 16.34 18.15
N HIS B 644 16.64 15.40 18.35
CA HIS B 644 17.37 14.86 17.22
C HIS B 644 16.54 13.88 16.37
N TYR B 645 15.55 13.24 16.97
CA TYR B 645 14.70 12.33 16.21
C TYR B 645 14.04 13.10 15.06
N ARG B 646 13.57 14.31 15.37
CA ARG B 646 12.88 15.16 14.40
C ARG B 646 13.79 15.89 13.42
N ASN B 647 15.07 16.00 13.75
CA ASN B 647 16.03 16.70 12.90
C ASN B 647 16.74 15.73 11.95
N SER B 648 16.52 14.43 12.13
CA SER B 648 17.18 13.42 11.32
C SER B 648 16.27 12.67 10.34
N THR B 649 15.13 13.26 10.01
CA THR B 649 14.20 12.63 9.09
C THR B 649 14.61 12.98 7.66
N VAL B 650 14.10 12.23 6.70
CA VAL B 650 14.41 12.47 5.32
C VAL B 650 13.40 13.47 4.76
N MET B 651 12.22 13.54 5.37
CA MET B 651 11.18 14.44 4.90
C MET B 651 11.60 15.90 5.05
N SER B 652 12.40 16.19 6.08
CA SER B 652 12.85 17.56 6.33
C SER B 652 13.86 18.05 5.29
N ARG B 653 14.30 17.15 4.42
CA ARG B 653 15.26 17.52 3.39
C ARG B 653 14.60 17.49 2.01
N ALA B 654 13.30 17.24 1.99
CA ALA B 654 12.53 17.15 0.75
C ALA B 654 12.84 18.20 -0.30
N GLU B 655 12.91 19.46 0.13
CA GLU B 655 13.18 20.57 -0.78
C GLU B 655 14.49 20.45 -1.56
N ASN B 656 15.53 19.92 -0.94
CA ASN B 656 16.82 19.78 -1.60
C ASN B 656 16.85 18.67 -2.63
N PHE B 657 15.82 17.83 -2.62
CA PHE B 657 15.74 16.74 -3.56
C PHE B 657 15.51 17.25 -4.99
N LYS B 658 15.30 18.55 -5.15
CA LYS B 658 15.07 19.13 -6.47
C LYS B 658 16.35 19.22 -7.28
N GLN B 659 17.48 18.97 -6.63
CA GLN B 659 18.77 19.04 -7.29
C GLN B 659 19.34 17.70 -7.71
N VAL B 660 18.59 16.62 -7.50
CA VAL B 660 19.09 15.30 -7.86
C VAL B 660 17.99 14.39 -8.40
N GLU B 661 18.38 13.40 -9.19
CA GLU B 661 17.42 12.45 -9.71
C GLU B 661 17.28 11.37 -8.64
N TYR B 662 16.08 11.21 -8.11
CA TYR B 662 15.85 10.24 -7.05
C TYR B 662 15.01 9.06 -7.53
N LEU B 663 15.33 7.86 -7.01
CA LEU B 663 14.59 6.63 -7.33
C LEU B 663 14.23 5.95 -6.00
N LEU B 664 12.93 5.92 -5.67
CA LEU B 664 12.42 5.33 -4.43
C LEU B 664 11.80 3.96 -4.68
N ILE B 665 12.17 3.00 -3.83
CA ILE B 665 11.68 1.63 -3.95
C ILE B 665 11.45 1.02 -2.57
N HIS B 666 10.47 0.14 -2.46
CA HIS B 666 10.13 -0.47 -1.18
C HIS B 666 9.09 -1.58 -1.39
N GLY B 667 9.17 -2.64 -0.58
CA GLY B 667 8.22 -3.72 -0.70
C GLY B 667 7.01 -3.37 0.14
N THR B 668 5.81 -3.59 -0.40
CA THR B 668 4.60 -3.25 0.32
C THR B 668 4.31 -4.14 1.54
N ALA B 669 4.98 -5.28 1.63
CA ALA B 669 4.76 -6.20 2.73
C ALA B 669 5.97 -6.36 3.64
N ASP B 670 6.75 -5.29 3.78
CA ASP B 670 7.94 -5.28 4.61
C ASP B 670 7.56 -5.12 6.08
N ASP B 671 7.79 -6.16 6.87
CA ASP B 671 7.49 -6.16 8.30
C ASP B 671 8.57 -5.43 9.10
N ASN B 672 9.76 -5.35 8.53
CA ASN B 672 10.91 -4.71 9.18
C ASN B 672 10.87 -3.20 9.01
N VAL B 673 11.30 -2.71 7.85
CA VAL B 673 11.26 -1.27 7.56
C VAL B 673 9.95 -1.12 6.77
N HIS B 674 8.90 -0.71 7.47
CA HIS B 674 7.55 -0.59 6.90
C HIS B 674 7.41 0.26 5.63
N PHE B 675 6.42 -0.09 4.80
CA PHE B 675 6.18 0.66 3.57
C PHE B 675 5.87 2.09 3.95
N GLN B 676 5.28 2.25 5.14
CA GLN B 676 4.94 3.55 5.71
C GLN B 676 6.12 4.52 5.60
N GLN B 677 7.32 4.01 5.88
CA GLN B 677 8.52 4.84 5.83
C GLN B 677 8.76 5.50 4.47
N SER B 678 8.58 4.76 3.38
CA SER B 678 8.76 5.34 2.04
C SER B 678 7.51 6.10 1.66
N ALA B 679 6.40 5.75 2.30
CA ALA B 679 5.12 6.38 2.03
C ALA B 679 5.21 7.84 2.47
N GLN B 680 5.86 8.06 3.60
CA GLN B 680 6.03 9.42 4.12
C GLN B 680 7.03 10.20 3.28
N ILE B 681 7.99 9.50 2.68
CA ILE B 681 9.00 10.16 1.84
C ILE B 681 8.35 10.72 0.57
N SER B 682 7.68 9.85 -0.18
CA SER B 682 7.01 10.27 -1.40
C SER B 682 6.06 11.43 -1.11
N LYS B 683 5.27 11.30 -0.05
CA LYS B 683 4.32 12.33 0.32
C LYS B 683 4.98 13.69 0.54
N ALA B 684 6.11 13.70 1.25
CA ALA B 684 6.80 14.96 1.49
C ALA B 684 7.31 15.58 0.19
N LEU B 685 7.81 14.74 -0.71
CA LEU B 685 8.32 15.22 -1.99
C LEU B 685 7.18 15.84 -2.80
N VAL B 686 6.02 15.19 -2.76
CA VAL B 686 4.88 15.70 -3.50
C VAL B 686 4.43 17.04 -2.92
N ASP B 687 4.58 17.22 -1.62
CA ASP B 687 4.18 18.46 -0.98
C ASP B 687 5.06 19.63 -1.43
N VAL B 688 6.37 19.41 -1.55
CA VAL B 688 7.27 20.47 -1.99
C VAL B 688 7.41 20.43 -3.51
N GLY B 689 6.59 19.61 -4.14
CA GLY B 689 6.59 19.50 -5.59
C GLY B 689 7.91 19.12 -6.26
N VAL B 690 8.43 17.94 -5.90
CA VAL B 690 9.66 17.47 -6.50
C VAL B 690 9.42 16.14 -7.22
N ASP B 691 9.71 16.14 -8.52
CA ASP B 691 9.51 14.96 -9.32
C ASP B 691 10.59 13.92 -9.07
N PHE B 692 10.20 12.67 -8.97
CA PHE B 692 11.16 11.59 -8.73
C PHE B 692 10.62 10.29 -9.31
N GLN B 693 11.43 9.24 -9.26
CA GLN B 693 11.03 7.95 -9.80
C GLN B 693 10.60 7.07 -8.64
N ALA B 694 9.56 6.27 -8.83
CA ALA B 694 9.10 5.40 -7.74
C ALA B 694 8.82 4.00 -8.23
N MET B 695 8.95 3.04 -7.33
CA MET B 695 8.68 1.65 -7.66
C MET B 695 8.35 0.93 -6.37
N TRP B 696 7.22 0.25 -6.33
CA TRP B 696 6.80 -0.49 -5.15
C TRP B 696 6.69 -1.96 -5.54
N TYR B 697 6.90 -2.86 -4.58
CA TYR B 697 6.81 -4.28 -4.89
C TYR B 697 5.74 -5.01 -4.09
N THR B 698 4.63 -5.22 -4.76
CA THR B 698 3.48 -5.89 -4.19
C THR B 698 3.87 -7.16 -3.44
N ASP B 699 3.50 -7.19 -2.17
CA ASP B 699 3.75 -8.34 -1.30
C ASP B 699 5.20 -8.78 -1.10
N GLU B 700 6.17 -7.90 -1.37
CA GLU B 700 7.56 -8.25 -1.15
C GLU B 700 7.99 -7.70 0.22
N ASP B 701 8.78 -8.48 0.96
CA ASP B 701 9.24 -8.03 2.27
C ASP B 701 10.53 -7.22 2.14
N HIS B 702 11.25 -7.07 3.24
CA HIS B 702 12.46 -6.28 3.22
C HIS B 702 13.50 -6.78 2.23
N GLY B 703 13.51 -8.08 1.98
CA GLY B 703 14.47 -8.66 1.07
C GLY B 703 14.16 -8.41 -0.39
N ILE B 704 12.87 -8.30 -0.71
CA ILE B 704 12.45 -8.09 -2.09
C ILE B 704 13.28 -9.11 -2.85
N ALA B 705 13.46 -10.26 -2.20
CA ALA B 705 14.28 -11.36 -2.70
C ALA B 705 13.59 -12.45 -3.53
N SER B 706 12.27 -12.41 -3.66
CA SER B 706 11.61 -13.45 -4.46
C SER B 706 12.26 -13.46 -5.84
N SER B 707 12.42 -14.65 -6.43
CA SER B 707 13.08 -14.76 -7.73
C SER B 707 12.70 -13.70 -8.77
N THR B 708 11.43 -13.59 -9.10
CA THR B 708 10.99 -12.61 -10.11
C THR B 708 11.23 -11.20 -9.62
N ALA B 709 10.82 -10.91 -8.39
CA ALA B 709 10.98 -9.59 -7.84
C ALA B 709 12.45 -9.19 -7.83
N HIS B 710 13.32 -10.09 -7.39
CA HIS B 710 14.76 -9.81 -7.34
C HIS B 710 15.31 -9.42 -8.71
N GLN B 711 14.88 -10.16 -9.73
CA GLN B 711 15.35 -9.89 -11.08
C GLN B 711 14.79 -8.58 -11.59
N HIS B 712 13.53 -8.31 -11.22
CA HIS B 712 12.86 -7.10 -11.67
C HIS B 712 13.45 -5.79 -11.15
N ILE B 713 13.82 -5.76 -9.87
CA ILE B 713 14.37 -4.55 -9.28
C ILE B 713 15.76 -4.21 -9.82
N TYR B 714 16.67 -5.17 -9.84
CA TYR B 714 18.02 -4.89 -10.33
C TYR B 714 18.03 -4.49 -11.78
N THR B 715 17.00 -4.92 -12.51
CA THR B 715 16.87 -4.58 -13.92
C THR B 715 16.45 -3.13 -14.02
N HIS B 716 15.44 -2.78 -13.21
CA HIS B 716 14.90 -1.42 -13.19
C HIS B 716 15.98 -0.47 -12.71
N MET B 717 16.60 -0.85 -11.60
CA MET B 717 17.66 -0.08 -10.97
C MET B 717 18.75 0.21 -11.99
N SER B 718 19.05 -0.78 -12.82
CA SER B 718 20.08 -0.63 -13.83
C SER B 718 19.72 0.42 -14.89
N HIS B 719 18.50 0.37 -15.42
CA HIS B 719 18.13 1.35 -16.42
C HIS B 719 18.32 2.74 -15.84
N PHE B 720 17.95 2.89 -14.57
CA PHE B 720 18.08 4.18 -13.91
C PHE B 720 19.53 4.65 -13.93
N ILE B 721 20.43 3.79 -13.45
CA ILE B 721 21.84 4.13 -13.40
C ILE B 721 22.44 4.41 -14.77
N LYS B 722 22.18 3.55 -15.75
CA LYS B 722 22.74 3.76 -17.09
C LYS B 722 22.25 5.11 -17.63
N GLN B 723 20.97 5.40 -17.42
CA GLN B 723 20.40 6.66 -17.87
C GLN B 723 21.06 7.86 -17.19
N CYS B 724 21.34 7.72 -15.88
CA CYS B 724 21.98 8.79 -15.13
C CYS B 724 23.44 9.02 -15.50
N PHE B 725 24.10 7.98 -15.99
CA PHE B 725 25.50 8.09 -16.39
C PHE B 725 25.68 8.23 -17.90
N SER B 726 24.58 8.17 -18.65
CA SER B 726 24.59 8.29 -20.10
C SER B 726 25.12 7.05 -20.82
N LEU B 727 24.78 5.88 -20.27
CA LEU B 727 25.18 4.59 -20.83
C LEU B 727 23.92 3.87 -21.32
N PRO B 728 24.05 2.90 -22.24
CA PRO B 728 25.29 2.43 -22.85
C PRO B 728 25.75 3.37 -23.96
C1 NAG C . -37.46 44.18 -7.32
C2 NAG C . -37.68 43.70 -5.89
C3 NAG C . -39.18 43.45 -5.62
C4 NAG C . -40.16 44.45 -6.29
C5 NAG C . -39.63 45.10 -7.58
C6 NAG C . -40.32 46.40 -7.92
C7 NAG C . -35.75 42.48 -5.13
C8 NAG C . -35.06 41.14 -4.94
N2 NAG C . -36.95 42.46 -5.68
O3 NAG C . -39.38 43.46 -4.22
O4 NAG C . -41.37 43.73 -6.67
O5 NAG C . -38.22 45.38 -7.51
O6 NAG C . -39.92 46.84 -9.23
O7 NAG C . -35.17 43.52 -4.79
C1 NDG C . -42.57 43.74 -5.96
C2 NDG C . -42.82 45.00 -5.10
C3 NDG C . -42.06 44.96 -3.76
C4 NDG C . -42.32 43.62 -3.06
C5 NDG C . -41.91 42.48 -4.00
C6 NDG C . -42.09 41.11 -3.36
C7 NDG C . -43.44 46.88 -6.48
C8 NDG C . -43.03 48.14 -7.22
O5 NDG C . -42.71 42.51 -5.20
O3 NDG C . -42.52 46.02 -2.93
O4 NDG C . -41.58 43.54 -1.86
O6 NDG C . -41.10 40.88 -2.37
O7 NDG C . -44.61 46.50 -6.50
N2 NDG C . -42.48 46.20 -5.83
C1 FUC C . -40.52 48.05 -9.58
C2 FUC C . -39.63 48.80 -10.56
C3 FUC C . -39.58 48.08 -11.92
C4 FUC C . -41.00 47.82 -12.45
C5 FUC C . -41.87 47.14 -11.37
C6 FUC C . -43.33 47.05 -11.79
O2 FUC C . -38.31 48.90 -10.03
O3 FUC C . -38.87 48.87 -12.85
O4 FUC C . -41.60 49.04 -12.85
O5 FUC C . -41.82 47.88 -10.13
C1 NAG D . -19.35 19.03 19.73
C2 NAG D . -20.18 19.91 20.69
C3 NAG D . -19.47 21.25 20.94
C4 NAG D . -18.05 20.97 21.45
C5 NAG D . -17.34 20.16 20.36
C6 NAG D . -15.84 19.91 20.59
C7 NAG D . -22.57 19.58 20.75
C8 NAG D . -23.94 19.86 20.15
N2 NAG D . -21.52 20.13 20.16
O3 NAG D . -20.21 22.02 21.87
O4 NAG D . -17.32 22.18 21.73
O5 NAG D . -18.00 18.88 20.20
O6 NAG D . -15.61 19.48 21.95
O7 NAG D . -22.48 18.85 21.74
C1 NAG D . -17.69 22.95 22.84
C2 NAG D . -17.51 22.18 24.16
C3 NAG D . -17.85 23.11 25.33
C4 NAG D . -16.97 24.35 25.27
C5 NAG D . -17.15 25.04 23.91
C6 NAG D . -16.26 26.24 23.71
C7 NAG D . -19.68 21.10 24.31
C8 NAG D . -20.47 19.80 24.34
N2 NAG D . -18.35 21.00 24.20
O3 NAG D . -17.67 22.44 26.58
O4 NAG D . -17.31 25.24 26.32
O5 NAG D . -16.86 24.12 22.84
O6 NAG D . -16.01 26.47 22.34
O7 NAG D . -20.26 22.19 24.39
C1 FUC D . -15.44 18.09 22.00
C2 FUC D . -14.00 17.75 22.37
C3 FUC D . -13.71 18.16 23.82
C4 FUC D . -14.75 17.55 24.77
C5 FUC D . -16.17 17.87 24.30
C6 FUC D . -17.23 17.15 25.10
O2 FUC D . -13.10 18.42 21.50
O3 FUC D . -12.41 17.74 24.20
O4 FUC D . -14.58 16.13 24.81
O5 FUC D . -16.34 17.49 22.92
C1 NAG E . -50.14 17.78 3.61
C2 NAG E . -51.15 18.77 4.19
C3 NAG E . -52.09 18.08 5.19
C4 NAG E . -52.57 16.69 4.73
C5 NAG E . -51.47 15.87 4.04
C6 NAG E . -52.00 14.63 3.36
C7 NAG E . -50.72 21.11 4.66
C8 NAG E . -49.90 22.13 5.44
N2 NAG E . -50.42 19.83 4.87
O3 NAG E . -53.22 18.90 5.41
O4 NAG E . -53.03 15.97 5.88
O5 NAG E . -50.82 16.67 3.03
O6 NAG E . -53.02 14.96 2.43
O7 NAG E . -51.60 21.48 3.89
C1 NAG E . -54.32 15.50 5.88
C2 NAG E . -54.50 14.49 7.02
C3 NAG E . -55.96 14.04 7.09
C4 NAG E . -56.87 15.26 7.23
C5 NAG E . -56.61 16.25 6.07
C6 NAG E . -57.42 17.52 6.21
C7 NAG E . -52.65 13.09 7.68
C8 NAG E . -51.80 11.86 7.41
N2 NAG E . -53.63 13.34 6.82
O3 NAG E . -56.14 13.18 8.22
O4 NAG E . -58.24 14.86 7.22
O5 NAG E . -55.21 16.62 6.05
O6 NAG E . -56.79 18.60 5.56
O7 NAG E . -52.40 13.80 8.65
C1 NAG F . -29.24 -7.01 10.16
C2 NAG F . -30.30 -7.09 11.27
C3 NAG F . -29.97 -8.21 12.23
C4 NAG F . -29.92 -9.51 11.44
C5 NAG F . -28.80 -9.37 10.39
C6 NAG F . -28.58 -10.59 9.54
C7 NAG F . -31.36 -5.00 11.68
C8 NAG F . -31.42 -3.69 12.46
N2 NAG F . -30.39 -5.83 11.98
O3 NAG F . -30.98 -8.30 13.23
O4 NAG F . -29.69 -10.62 12.32
O5 NAG F . -29.12 -8.28 9.49
O6 NAG F . -27.80 -10.27 8.40
O7 NAG F . -32.21 -5.24 10.82
C1 NDG F . -30.36 -11.78 11.96
C2 NDG F . -31.17 -12.43 13.13
C3 NDG F . -30.35 -13.41 14.01
C4 NDG F . -29.43 -14.28 13.15
C5 NDG F . -28.57 -13.33 12.32
C6 NDG F . -27.43 -13.98 11.55
C7 NDG F . -30.98 -10.70 14.84
C8 NDG F . -31.69 -9.67 15.72
O5 NDG F . -29.43 -12.69 11.35
O3 NDG F . -31.25 -14.24 14.74
O4 NDG F . -28.62 -15.17 13.95
O6 NDG F . -26.44 -13.02 11.20
O7 NDG F . -29.76 -10.84 14.92
N2 NDG F . -31.75 -11.41 14.00
C1 MAN F . -27.81 -14.66 14.96
C2 MAN F . -26.33 -14.84 14.59
C3 MAN F . -25.94 -16.33 14.60
C4 MAN F . -26.31 -16.95 15.95
C5 MAN F . -27.80 -16.75 16.20
C6 MAN F . -28.25 -17.32 17.55
O2 MAN F . -25.51 -14.13 15.52
O3 MAN F . -24.55 -16.45 14.36
O4 MAN F . -25.99 -18.34 15.94
O5 MAN F . -28.11 -15.33 16.21
O6 MAN F . -29.45 -18.08 17.41
C1 NAG G . -37.93 3.87 22.66
C2 NAG G . -38.09 3.72 24.16
C3 NAG G . -36.71 3.57 24.81
C4 NAG G . -35.93 2.43 24.16
C5 NAG G . -35.90 2.61 22.63
C6 NAG G . -35.25 1.43 21.92
C7 NAG G . -40.09 4.84 24.91
C8 NAG G . -40.73 6.09 25.50
N2 NAG G . -38.78 4.87 24.72
O3 NAG G . -36.86 3.33 26.21
O4 NAG G . -34.58 2.42 24.67
O5 NAG G . -37.24 2.73 22.12
O6 NAG G . -35.68 0.19 22.47
O7 NAG G . -40.80 3.86 24.63
C1 NAG G . -34.12 1.22 25.21
C2 NAG G . -32.60 1.27 25.37
C3 NAG G . -32.12 -0.03 26.03
C4 NAG G . -32.85 -0.23 27.36
C5 NAG G . -34.37 -0.20 27.15
C6 NAG G . -35.13 -0.27 28.45
C7 NAG G . -32.05 0.64 23.09
C8 NAG G . -31.30 0.98 21.81
N2 NAG G . -31.94 1.50 24.10
O3 NAG G . -30.72 0.03 26.26
O4 NAG G . -32.48 -1.48 27.93
O5 NAG G . -34.74 1.04 26.50
O6 NAG G . -34.95 0.91 29.22
O7 NAG G . -32.70 -0.40 23.15
C1 NAG H . -31.66 -11.24 -17.29
C2 NAG H . -32.74 -11.76 -18.25
C3 NAG H . -33.06 -13.23 -17.96
C4 NAG H . -31.82 -14.10 -17.82
C5 NAG H . -30.79 -13.44 -16.88
C6 NAG H . -29.47 -14.16 -16.86
C7 NAG H . -34.69 -10.71 -19.17
C8 NAG H . -35.95 -9.88 -18.94
N2 NAG H . -33.95 -10.97 -18.10
O3 NAG H . -33.87 -13.75 -19.02
O4 NAG H . -32.24 -15.37 -17.26
O5 NAG H . -30.52 -12.09 -17.33
O6 NAG H . -28.40 -13.29 -16.57
O7 NAG H . -34.41 -11.09 -20.31
C1 NAG H . -31.83 -16.54 -17.90
C2 NAG H . -31.87 -16.36 -19.43
C3 NAG H . -31.21 -17.57 -20.14
C4 NAG H . -29.86 -17.94 -19.52
C5 NAG H . -30.03 -18.09 -18.01
C6 NAG H . -28.76 -18.46 -17.28
C7 NAG H . -34.15 -17.18 -19.67
C8 NAG H . -35.57 -16.93 -20.18
N2 NAG H . -33.25 -16.21 -19.87
O3 NAG H . -31.04 -17.26 -21.52
O4 NAG H . -29.39 -19.16 -20.08
O5 NAG H . -30.50 -16.84 -17.45
O6 NAG H . -29.06 -19.12 -16.05
O7 NAG H . -33.89 -18.23 -19.09
C1 NAG I . 36.57 -45.31 7.79
C2 NAG I . 35.20 -45.59 8.44
C3 NAG I . 35.41 -46.00 9.89
C4 NAG I . 36.41 -47.17 10.00
C5 NAG I . 37.71 -46.80 9.26
C6 NAG I . 38.75 -47.90 9.23
C7 NAG I . 33.20 -44.41 7.79
C8 NAG I . 32.39 -43.12 7.79
N2 NAG I . 34.39 -44.39 8.38
O3 NAG I . 34.17 -46.38 10.47
O4 NAG I . 36.70 -47.43 11.36
O5 NAG I . 37.41 -46.46 7.88
O6 NAG I . 40.07 -47.32 9.14
O7 NAG I . 32.74 -45.42 7.26
C1 FUC I . 40.87 -47.97 8.20
C2 FUC I . 40.97 -47.14 6.91
C3 FUC I . 41.83 -45.90 7.12
C4 FUC I . 43.19 -46.29 7.69
C5 FUC I . 43.00 -47.10 8.98
C6 FUC I . 44.31 -47.61 9.54
O2 FUC I . 39.67 -46.76 6.48
O3 FUC I . 42.01 -45.22 5.88
O4 FUC I . 43.91 -47.05 6.74
O5 FUC I . 42.17 -48.27 8.71
C1 NAG J . 21.80 -34.93 34.42
C2 NAG J . 21.69 -36.31 35.10
C3 NAG J . 21.27 -36.17 36.56
C4 NAG J . 21.63 -34.78 37.07
C5 NAG J . 20.84 -33.71 36.28
C6 NAG J . 21.52 -32.36 36.33
C7 NAG J . 21.16 -37.98 33.46
C8 NAG J . 20.12 -38.85 32.77
N2 NAG J . 20.74 -37.15 34.40
O3 NAG J . 21.93 -37.16 37.35
O4 NAG J . 21.39 -34.66 38.48
O5 NAG J . 20.73 -34.07 34.88
O6 NAG J . 21.80 -31.96 37.66
O7 NAG J . 22.35 -38.07 33.13
C1 NAG J . 20.13 -34.97 39.00
C2 NAG J . 20.33 -35.59 40.39
C3 NAG J . 18.99 -35.75 41.11
C4 NAG J . 18.27 -34.41 41.14
C5 NAG J . 18.10 -33.88 39.71
C6 NAG J . 17.45 -32.51 39.68
C7 NAG J . 22.25 -37.05 40.59
C8 NAG J . 22.86 -38.43 40.41
N2 NAG J . 20.98 -36.90 40.24
O3 NAG J . 19.20 -36.22 42.44
O4 NAG J . 16.99 -34.56 41.75
O5 NAG J . 19.40 -33.74 39.10
O6 NAG J . 16.04 -32.63 39.58
O7 NAG J . 22.93 -36.14 41.08
C1 NAG K . -0.08 -9.72 30.26
C2 NAG K . -0.63 -10.58 31.38
C3 NAG K . -2.02 -10.08 31.77
C4 NAG K . -2.06 -8.55 31.99
C5 NAG K . -1.33 -7.81 30.87
C6 NAG K . -1.18 -6.33 31.12
C7 NAG K . 0.08 -12.85 31.51
C8 NAG K . -0.02 -14.29 31.03
N2 NAG K . -0.71 -11.95 30.94
O3 NAG K . -2.42 -10.74 32.96
O4 NAG K . -3.43 -8.12 32.00
O5 NAG K . -0.02 -8.35 30.68
O6 NAG K . -0.95 -5.64 29.91
O7 NAG K . 0.88 -12.57 32.39
C1 NAG K . -3.95 -7.58 33.17
C2 NAG K . -5.17 -6.74 32.80
C3 NAG K . -6.00 -6.34 34.03
C4 NAG K . -6.17 -7.46 35.06
C5 NAG K . -4.85 -8.20 35.29
C6 NAG K . -5.04 -9.42 36.16
C7 NAG K . -4.66 -5.50 30.79
C8 NAG K . -4.20 -4.18 30.17
N2 NAG K . -4.74 -5.53 32.12
O3 NAG K . -7.28 -5.93 33.60
O4 NAG K . -6.60 -6.86 36.30
O5 NAG K . -4.32 -8.65 34.03
O6 NAG K . -3.84 -10.19 36.21
O7 NAG K . -4.91 -6.46 30.07
C1 BMA K . -7.71 -7.40 36.92
C2 BMA K . -7.88 -6.76 38.31
C3 BMA K . -9.15 -7.32 38.97
C4 BMA K . -10.37 -7.15 38.05
C5 BMA K . -10.07 -7.73 36.66
C6 BMA K . -11.19 -7.51 35.65
O2 BMA K . -7.97 -5.35 38.18
O3 BMA K . -9.38 -6.65 40.22
O4 BMA K . -11.48 -7.83 38.60
O5 BMA K . -8.87 -7.13 36.11
O6 BMA K . -10.84 -6.52 34.69
C1 NAG L . -0.94 -26.54 35.59
C2 NAG L . -2.37 -26.35 35.10
C3 NAG L . -2.61 -24.91 34.66
C4 NAG L . -2.19 -23.94 35.75
C5 NAG L . -0.75 -24.23 36.21
C6 NAG L . -0.35 -23.35 37.39
C7 NAG L . -3.53 -28.25 34.15
C8 NAG L . -3.74 -29.17 32.95
N2 NAG L . -2.64 -27.27 34.01
O3 NAG L . -3.99 -24.74 34.36
O4 NAG L . -2.28 -22.60 35.26
O5 NAG L . -0.63 -25.59 36.64
O6 NAG L . -0.95 -23.80 38.59
O7 NAG L . -4.17 -28.44 35.19
C1 NAG L . -3.09 -21.74 35.99
C2 NAG L . -2.92 -20.31 35.45
C3 NAG L . -3.99 -19.36 36.00
C4 NAG L . -5.35 -19.98 35.68
C5 NAG L . -5.43 -21.31 36.41
C6 NAG L . -6.79 -21.98 36.29
C7 NAG L . -0.59 -20.01 34.93
C8 NAG L . 0.78 -19.51 35.35
N2 NAG L . -1.59 -19.84 35.78
O3 NAG L . -3.86 -18.09 35.37
O4 NAG L . -6.46 -19.12 36.02
O5 NAG L . -4.46 -22.21 35.84
O6 NAG L . -7.17 -22.09 34.93
O7 NAG L . -0.74 -20.55 33.84
C1 BMA L . -6.57 -18.59 37.29
C2 BMA L . -6.01 -17.16 37.28
C3 BMA L . -6.27 -16.45 38.61
C4 BMA L . -7.75 -16.57 39.00
C5 BMA L . -8.22 -18.02 38.94
C6 BMA L . -9.69 -18.18 39.22
O2 BMA L . -6.60 -16.43 36.22
O3 BMA L . -5.90 -15.08 38.50
O4 BMA L . -7.96 -16.06 40.31
O5 BMA L . -7.96 -18.56 37.62
O6 BMA L . -10.49 -17.57 38.20
C1 NAG M . 23.60 5.82 30.09
C2 NAG M . 24.29 6.74 31.09
C3 NAG M . 23.28 7.56 31.92
C4 NAG M . 22.10 8.14 31.12
C5 NAG M . 21.59 7.13 30.07
C6 NAG M . 20.61 7.74 29.10
C7 NAG M . 26.35 5.62 31.67
C8 NAG M . 27.11 4.78 32.69
N2 NAG M . 25.10 5.94 32.00
O3 NAG M . 23.98 8.64 32.53
O4 NAG M . 21.01 8.40 32.04
O5 NAG M . 22.69 6.59 29.30
O6 NAG M . 19.39 8.07 29.75
O7 NAG M . 26.88 5.96 30.62
C1 NDG M . 20.57 9.69 32.39
C2 NDG M . 21.01 10.82 31.42
C3 NDG M . 22.45 11.30 31.67
C4 NDG M . 22.67 11.56 33.15
C5 NDG M . 22.32 10.31 33.96
C6 NDG M . 22.54 10.46 35.45
C7 NDG M . 19.98 11.09 29.27
C8 NDG M . 19.82 10.62 27.82
O5 NDG M . 20.92 9.97 33.77
O3 NDG M . 22.69 12.49 30.94
O4 NDG M . 24.02 11.93 33.39
O6 NDG M . 22.29 9.25 36.14
O7 NDG M . 19.30 12.04 29.68
N2 NDG M . 20.83 10.43 30.04
C1 DFP N . -15.39 6.63 -12.05
C2 DFP N . -14.61 7.89 -11.67
C3 DFP N . -16.84 6.66 -11.56
C1' DFP N . -15.09 2.13 -13.08
C2' DFP N . -16.33 2.80 -13.72
C3' DFP N . -15.49 0.82 -12.42
P DFP N . -13.98 4.47 -12.52
O1P DFP N . -14.75 5.49 -11.50
O2P DFP N . -14.56 3.00 -12.09
O3P DFP N . -14.02 4.78 -13.86
C1 NAG O . -2.04 -32.42 9.33
C2 NAG O . -2.86 -33.61 9.84
C3 NAG O . -3.25 -34.49 8.65
C4 NAG O . -3.99 -33.66 7.58
C5 NAG O . -3.18 -32.38 7.22
C6 NAG O . -3.96 -31.43 6.31
C7 NAG O . -2.20 -34.13 12.10
C8 NAG O . -1.34 -34.97 13.04
N2 NAG O . -2.08 -34.37 10.79
O3 NAG O . -4.10 -35.55 9.10
O4 NAG O . -4.18 -34.45 6.41
O5 NAG O . -2.83 -31.65 8.42
O6 NAG O . -5.23 -31.09 6.85
O7 NAG O . -2.94 -33.26 12.55
C1 DFP P . 18.43 -4.52 7.92
C2 DFP P . 17.83 -5.80 7.35
C3 DFP P . 19.06 -4.75 9.29
C1' DFP P . 18.05 -0.38 9.88
C2' DFP P . 19.23 -1.21 10.41
C3' DFP P . 17.28 0.23 11.04
P DFP P . 17.76 -1.96 7.79
O1P DFP P . 17.39 -3.55 8.04
O2P DFP P . 17.19 -1.22 9.12
O3P DFP P . 19.08 -1.69 7.47
#